data_2J59
#
_entry.id   2J59
#
_cell.length_a   74.636
_cell.length_b   132.136
_cell.length_c   146.283
_cell.angle_alpha   90.00
_cell.angle_beta   90.01
_cell.angle_gamma   90.00
#
_symmetry.space_group_name_H-M   'P 1 21 1'
#
loop_
_entity.id
_entity.type
_entity.pdbx_description
1 polymer 'ADP-RIBOSYLATION FACTOR 1'
2 polymer 'RHO-GTPASE ACTIVATING PROTEIN 10'
3 non-polymer "GUANOSINE-5'-TRIPHOSPHATE"
4 non-polymer 'MAGNESIUM ION'
5 non-polymer '1,4-DIETHYLENE DIOXIDE'
6 non-polymer 1,2-ETHANEDIOL
7 non-polymer 'SULFATE ION'
8 water water
#
loop_
_entity_poly.entity_id
_entity_poly.type
_entity_poly.pdbx_seq_one_letter_code
_entity_poly.pdbx_strand_id
1 'polypeptide(L)'
;GSMRILMVGLDAAGKTTILYKLKLGEIVTTIPTIGFNVETVEYKNISFTVWDVGGLDKIRPLWRHYFQNTQGLIFVVDSN
DRERVNEAREELMRMLAEDELRDAVLLVFANKQDLPNAMNAAEITDKLGLHSLRHRNWYIQATCATSGDGLYEGLDWLSN
QLRNQK
;
A,B,C,D,E,F
2 'polypeptide(L)'
;SDAAKEGWLHFRPLVTDKGKRVGGSIRPWKQMYVVLRGHSLYLYKDKREQTTPSEEEQPISVNACLIDISYSETKRKNVF
RLTTSDCECLFQAEDRDDMLAWIKTIQESSNLNEEDTGVTNRDLISRRIKEYNNLMSKAEQLPKTPRQSLSIRQTLLGAK
SEPKTQSP
;
M,N,O,P,Q,R
#
# COMPACT_ATOMS: atom_id res chain seq x y z
N GLY A 1 32.40 -37.55 5.75
CA GLY A 1 33.89 -37.45 5.61
C GLY A 1 34.45 -36.04 5.73
N SER A 2 33.99 -35.14 4.88
CA SER A 2 34.43 -33.74 4.90
C SER A 2 33.22 -32.81 4.80
N MET A 3 33.38 -31.56 5.26
CA MET A 3 32.30 -30.58 5.23
C MET A 3 32.83 -29.15 5.18
N ARG A 4 32.43 -28.43 4.12
CA ARG A 4 32.83 -27.05 3.93
C ARG A 4 31.87 -26.11 4.64
N ILE A 5 32.41 -25.31 5.55
CA ILE A 5 31.63 -24.43 6.40
C ILE A 5 32.00 -22.99 6.15
N LEU A 6 30.97 -22.15 6.00
CA LEU A 6 31.13 -20.71 5.98
C LEU A 6 30.64 -20.16 7.31
N MET A 7 31.52 -19.49 8.03
CA MET A 7 31.21 -18.86 9.30
C MET A 7 31.23 -17.34 9.15
N VAL A 8 30.05 -16.74 9.27
CA VAL A 8 29.88 -15.31 9.10
C VAL A 8 29.07 -14.76 10.28
N GLY A 9 28.91 -13.45 10.30
CA GLY A 9 28.24 -12.75 11.36
C GLY A 9 28.82 -11.37 11.40
N LEU A 10 28.14 -10.47 12.11
CA LEU A 10 28.64 -9.11 12.31
C LEU A 10 30.03 -9.14 12.93
N ASP A 11 30.77 -8.05 12.73
CA ASP A 11 32.04 -7.87 13.42
C ASP A 11 31.87 -7.98 14.93
N ALA A 12 32.88 -8.52 15.60
CA ALA A 12 32.89 -8.63 17.07
C ALA A 12 31.97 -9.71 17.66
N ALA A 13 31.33 -10.50 16.81
CA ALA A 13 30.43 -11.59 17.25
C ALA A 13 31.17 -12.72 18.01
N GLY A 14 32.39 -13.00 17.59
CA GLY A 14 33.24 -14.02 18.25
C GLY A 14 33.72 -15.12 17.33
N LYS A 15 33.68 -14.87 16.02
CA LYS A 15 33.94 -15.88 15.01
C LYS A 15 35.36 -16.44 15.04
N THR A 16 36.35 -15.54 15.01
CA THR A 16 37.76 -15.94 15.04
C THR A 16 38.10 -16.64 16.35
N THR A 17 37.57 -16.10 17.44
CA THR A 17 37.66 -16.72 18.77
C THR A 17 37.14 -18.18 18.74
N ILE A 18 35.99 -18.39 18.10
CA ILE A 18 35.41 -19.73 17.97
C ILE A 18 36.29 -20.67 17.15
N LEU A 19 36.79 -20.18 16.02
CA LEU A 19 37.61 -20.99 15.13
C LEU A 19 38.85 -21.55 15.85
N TYR A 20 39.56 -20.68 16.56
CA TYR A 20 40.82 -21.08 17.20
C TYR A 20 40.64 -21.77 18.54
N LYS A 21 39.49 -21.54 19.18
CA LYS A 21 39.08 -22.32 20.33
C LYS A 21 38.91 -23.78 19.90
N LEU A 22 38.29 -23.97 18.74
CA LEU A 22 38.09 -25.31 18.17
C LEU A 22 39.37 -25.91 17.62
N LYS A 23 40.11 -25.12 16.84
CA LYS A 23 41.30 -25.61 16.18
C LYS A 23 42.48 -25.84 17.14
N LEU A 24 42.67 -24.89 18.07
CA LEU A 24 43.87 -24.88 18.90
C LEU A 24 43.60 -25.07 20.38
N GLY A 25 42.34 -25.10 20.76
CA GLY A 25 41.94 -25.22 22.16
C GLY A 25 42.36 -24.03 23.00
N GLU A 26 42.60 -22.89 22.35
CA GLU A 26 43.04 -21.68 23.02
C GLU A 26 42.06 -20.52 22.83
N ILE A 27 42.06 -19.60 23.79
CA ILE A 27 41.43 -18.30 23.63
C ILE A 27 42.48 -17.35 23.04
N VAL A 28 42.44 -17.17 21.72
CA VAL A 28 43.48 -16.40 21.03
C VAL A 28 43.25 -14.89 21.14
N THR A 29 44.33 -14.12 21.02
CA THR A 29 44.23 -12.69 20.82
C THR A 29 43.72 -12.47 19.40
N THR A 30 42.79 -11.54 19.22
CA THR A 30 42.25 -11.23 17.90
C THR A 30 42.21 -9.74 17.63
N ILE A 31 42.18 -9.39 16.35
CA ILE A 31 41.82 -8.05 15.88
C ILE A 31 40.70 -8.25 14.86
N PRO A 32 39.97 -7.17 14.48
CA PRO A 32 38.97 -7.41 13.44
C PRO A 32 39.58 -8.02 12.17
N THR A 33 38.95 -9.07 11.68
CA THR A 33 39.45 -9.81 10.53
C THR A 33 39.10 -9.06 9.25
N ILE A 34 40.12 -8.52 8.59
CA ILE A 34 39.92 -7.88 7.28
C ILE A 34 40.36 -8.88 6.24
N GLY A 35 39.42 -9.70 5.79
CA GLY A 35 39.75 -10.90 5.01
C GLY A 35 39.11 -12.12 5.67
N PHE A 36 39.92 -13.15 5.91
CA PHE A 36 39.43 -14.43 6.45
C PHE A 36 40.55 -15.22 7.14
N ASN A 37 40.14 -16.13 8.02
CA ASN A 37 41.01 -17.21 8.45
C ASN A 37 40.33 -18.50 8.01
N VAL A 38 41.12 -19.49 7.63
CA VAL A 38 40.55 -20.79 7.29
C VAL A 38 41.34 -21.91 7.96
N GLU A 39 40.62 -22.81 8.61
CA GLU A 39 41.24 -23.97 9.26
C GLU A 39 40.37 -25.20 9.08
N THR A 40 41.03 -26.36 9.10
CA THR A 40 40.35 -27.64 9.12
C THR A 40 40.28 -28.18 10.55
N VAL A 41 39.07 -28.49 10.99
CA VAL A 41 38.82 -29.01 12.34
C VAL A 41 38.31 -30.44 12.23
N GLU A 42 39.07 -31.37 12.80
CA GLU A 42 38.71 -32.77 12.81
C GLU A 42 37.81 -33.00 14.02
N TYR A 43 36.61 -33.50 13.77
CA TYR A 43 35.66 -33.78 14.83
C TYR A 43 34.80 -34.99 14.48
N LYS A 44 34.81 -35.98 15.37
CA LYS A 44 34.03 -37.22 15.21
C LYS A 44 34.07 -37.75 13.78
N ASN A 45 35.29 -37.94 13.27
CA ASN A 45 35.55 -38.52 11.94
C ASN A 45 35.08 -37.67 10.74
N ILE A 46 34.87 -36.37 10.98
CA ILE A 46 34.56 -35.44 9.90
C ILE A 46 35.59 -34.33 9.89
N SER A 47 36.03 -33.97 8.69
CA SER A 47 36.98 -32.91 8.49
C SER A 47 36.21 -31.63 8.08
N PHE A 48 36.02 -30.73 9.05
CA PHE A 48 35.30 -29.49 8.79
C PHE A 48 36.30 -28.44 8.34
N THR A 49 36.22 -28.02 7.09
CA THR A 49 37.01 -26.87 6.64
C THR A 49 36.16 -25.63 6.88
N VAL A 50 36.61 -24.80 7.83
CA VAL A 50 35.83 -23.68 8.32
C VAL A 50 36.46 -22.38 7.87
N TRP A 51 35.68 -21.61 7.13
CA TRP A 51 36.07 -20.27 6.69
C TRP A 51 35.48 -19.24 7.65
N ASP A 52 36.37 -18.61 8.42
CA ASP A 52 36.03 -17.53 9.34
C ASP A 52 36.17 -16.23 8.55
N VAL A 53 35.04 -15.62 8.20
CA VAL A 53 35.04 -14.46 7.30
C VAL A 53 34.72 -13.18 8.07
N GLY A 54 35.56 -12.15 7.89
CA GLY A 54 35.37 -10.88 8.57
C GLY A 54 34.01 -10.23 8.39
N GLY A 55 33.49 -9.65 9.48
CA GLY A 55 32.12 -9.14 9.48
C GLY A 55 31.99 -7.63 9.57
N LEU A 56 33.10 -6.91 9.43
CA LEU A 56 33.04 -5.45 9.42
C LEU A 56 32.11 -5.01 8.30
N ASP A 57 31.28 -4.01 8.56
CA ASP A 57 30.27 -3.61 7.56
C ASP A 57 30.86 -3.44 6.16
N LYS A 58 31.99 -2.74 6.05
CA LYS A 58 32.59 -2.39 4.77
C LYS A 58 33.04 -3.59 3.94
N ILE A 59 33.24 -4.72 4.59
CA ILE A 59 33.67 -5.94 3.91
C ILE A 59 32.59 -7.03 3.81
N ARG A 60 31.37 -6.73 4.27
CA ARG A 60 30.25 -7.66 4.08
C ARG A 60 29.90 -7.93 2.61
N PRO A 61 30.10 -6.93 1.72
CA PRO A 61 29.96 -7.21 0.28
C PRO A 61 30.87 -8.34 -0.23
N LEU A 62 31.91 -8.69 0.52
CA LEU A 62 32.82 -9.76 0.12
C LEU A 62 32.34 -11.17 0.51
N TRP A 63 31.33 -11.25 1.38
CA TRP A 63 30.78 -12.53 1.83
C TRP A 63 30.42 -13.42 0.65
N ARG A 64 29.91 -12.81 -0.41
CA ARG A 64 29.46 -13.52 -1.60
C ARG A 64 30.56 -14.31 -2.33
N HIS A 65 31.81 -13.91 -2.11
CA HIS A 65 32.95 -14.61 -2.68
C HIS A 65 33.23 -15.98 -2.05
N TYR A 66 32.58 -16.26 -0.93
CA TYR A 66 32.76 -17.54 -0.24
C TYR A 66 31.55 -18.49 -0.34
N PHE A 67 30.49 -18.06 -1.02
CA PHE A 67 29.23 -18.83 -1.02
C PHE A 67 29.33 -20.17 -1.75
N GLN A 68 29.99 -20.19 -2.89
CA GLN A 68 30.04 -21.40 -3.72
C GLN A 68 30.63 -22.60 -2.98
N ASN A 69 29.87 -23.71 -2.98
CA ASN A 69 30.29 -25.00 -2.43
C ASN A 69 30.13 -25.18 -0.91
N THR A 70 29.59 -24.18 -0.20
CA THR A 70 29.43 -24.34 1.25
C THR A 70 28.26 -25.26 1.59
N GLN A 71 28.53 -26.20 2.49
CA GLN A 71 27.56 -27.22 2.87
C GLN A 71 26.86 -26.83 4.15
N GLY A 72 27.59 -26.12 5.00
CA GLY A 72 27.03 -25.60 6.23
C GLY A 72 27.38 -24.14 6.41
N LEU A 73 26.39 -23.41 6.91
CA LEU A 73 26.55 -22.02 7.26
C LEU A 73 26.50 -21.88 8.78
N ILE A 74 27.56 -21.32 9.36
CA ILE A 74 27.48 -20.94 10.78
C ILE A 74 27.31 -19.45 10.88
N PHE A 75 26.22 -19.01 11.50
CA PHE A 75 25.98 -17.58 11.72
C PHE A 75 26.15 -17.23 13.19
N VAL A 76 27.18 -16.45 13.50
CA VAL A 76 27.50 -16.13 14.89
C VAL A 76 26.93 -14.77 15.31
N VAL A 77 26.22 -14.77 16.43
CA VAL A 77 25.55 -13.58 16.96
C VAL A 77 26.12 -13.25 18.33
N ASP A 78 26.40 -11.96 18.54
CA ASP A 78 26.74 -11.45 19.87
C ASP A 78 25.43 -11.26 20.64
N SER A 79 25.16 -12.18 21.56
CA SER A 79 23.88 -12.15 22.30
C SER A 79 23.76 -10.97 23.27
N ASN A 80 24.87 -10.29 23.50
CA ASN A 80 24.90 -9.06 24.30
C ASN A 80 24.61 -7.80 23.47
N ASP A 81 24.57 -7.94 22.15
CA ASP A 81 24.42 -6.78 21.27
C ASP A 81 22.98 -6.62 20.80
N ARG A 82 22.14 -6.10 21.69
CA ARG A 82 20.73 -5.85 21.40
C ARG A 82 20.56 -4.74 20.36
N GLU A 83 21.51 -3.80 20.33
CA GLU A 83 21.48 -2.69 19.37
C GLU A 83 21.59 -3.13 17.92
N ARG A 84 22.32 -4.22 17.69
CA ARG A 84 22.59 -4.68 16.34
C ARG A 84 21.97 -6.04 15.97
N VAL A 85 21.09 -6.57 16.84
CA VAL A 85 20.43 -7.85 16.56
C VAL A 85 19.54 -7.80 15.30
N ASN A 86 18.79 -6.73 15.09
CA ASN A 86 17.99 -6.63 13.86
C ASN A 86 18.85 -6.48 12.62
N GLU A 87 19.96 -5.74 12.73
CA GLU A 87 20.96 -5.67 11.66
C GLU A 87 21.51 -7.07 11.34
N ALA A 88 21.82 -7.84 12.38
CA ALA A 88 22.23 -9.25 12.22
C ALA A 88 21.16 -10.07 11.48
N ARG A 89 19.90 -9.96 11.91
CA ARG A 89 18.77 -10.58 11.18
C ARG A 89 18.80 -10.22 9.69
N GLU A 90 18.90 -8.93 9.41
CA GLU A 90 18.87 -8.45 8.02
C GLU A 90 19.99 -9.00 7.17
N GLU A 91 21.21 -9.03 7.74
CA GLU A 91 22.38 -9.59 7.04
C GLU A 91 22.25 -11.10 6.79
N LEU A 92 21.78 -11.83 7.79
CA LEU A 92 21.48 -13.27 7.67
C LEU A 92 20.50 -13.54 6.53
N MET A 93 19.35 -12.86 6.57
CA MET A 93 18.29 -13.06 5.56
C MET A 93 18.75 -12.76 4.13
N ARG A 94 19.51 -11.69 3.96
CA ARG A 94 20.14 -11.37 2.67
C ARG A 94 20.99 -12.51 2.14
N MET A 95 21.79 -13.10 3.03
CA MET A 95 22.62 -14.22 2.65
C MET A 95 21.78 -15.45 2.31
N LEU A 96 20.74 -15.70 3.08
CA LEU A 96 19.92 -16.88 2.87
C LEU A 96 19.09 -16.84 1.58
N ALA A 97 18.99 -15.65 0.98
CA ALA A 97 18.27 -15.45 -0.28
C ALA A 97 19.13 -15.78 -1.50
N GLU A 98 20.41 -16.07 -1.27
CA GLU A 98 21.35 -16.35 -2.35
C GLU A 98 21.26 -17.80 -2.81
N ASP A 99 21.06 -17.99 -4.12
CA ASP A 99 20.88 -19.33 -4.68
C ASP A 99 22.10 -20.24 -4.52
N GLU A 100 23.31 -19.68 -4.47
CA GLU A 100 24.52 -20.46 -4.21
C GLU A 100 24.46 -21.16 -2.84
N LEU A 101 23.65 -20.63 -1.93
CA LEU A 101 23.51 -21.19 -0.59
C LEU A 101 22.21 -22.00 -0.38
N ARG A 102 21.54 -22.37 -1.46
CA ARG A 102 20.22 -23.04 -1.37
C ARG A 102 20.25 -24.33 -0.56
N ASP A 103 21.33 -25.08 -0.68
CA ASP A 103 21.44 -26.39 -0.06
C ASP A 103 22.16 -26.40 1.30
N ALA A 104 22.64 -25.23 1.74
CA ALA A 104 23.39 -25.12 3.00
C ALA A 104 22.48 -25.21 4.22
N VAL A 105 22.83 -26.07 5.17
CA VAL A 105 22.15 -26.06 6.47
C VAL A 105 22.69 -24.89 7.31
N LEU A 106 21.90 -24.41 8.26
CA LEU A 106 22.25 -23.23 9.02
C LEU A 106 22.40 -23.52 10.49
N LEU A 107 23.60 -23.28 11.00
CA LEU A 107 23.83 -23.29 12.45
C LEU A 107 23.98 -21.87 12.98
N VAL A 108 23.10 -21.48 13.90
CA VAL A 108 23.23 -20.19 14.56
C VAL A 108 23.85 -20.35 15.95
N PHE A 109 25.00 -19.70 16.15
CA PHE A 109 25.62 -19.64 17.47
C PHE A 109 25.20 -18.36 18.17
N ALA A 110 24.45 -18.50 19.26
CA ALA A 110 24.08 -17.37 20.12
C ALA A 110 25.17 -17.20 21.16
N ASN A 111 26.19 -16.44 20.78
CA ASN A 111 27.45 -16.36 21.49
C ASN A 111 27.44 -15.30 22.61
N LYS A 112 28.47 -15.37 23.44
CA LYS A 112 28.67 -14.46 24.60
C LYS A 112 27.59 -14.61 25.68
N GLN A 113 27.13 -15.84 25.90
CA GLN A 113 26.12 -16.16 26.90
C GLN A 113 26.61 -15.89 28.34
N ASP A 114 27.92 -15.72 28.49
CA ASP A 114 28.55 -15.40 29.78
C ASP A 114 28.28 -13.98 30.25
N LEU A 115 27.97 -13.09 29.32
CA LEU A 115 27.75 -11.68 29.61
C LEU A 115 26.41 -11.42 30.26
N PRO A 116 26.39 -10.52 31.27
CA PRO A 116 25.14 -10.26 32.00
C PRO A 116 24.01 -9.86 31.06
N ASN A 117 22.84 -10.45 31.29
CA ASN A 117 21.63 -10.13 30.53
C ASN A 117 21.69 -10.42 29.02
N ALA A 118 22.66 -11.23 28.59
CA ALA A 118 22.74 -11.68 27.20
C ALA A 118 21.40 -12.31 26.78
N MET A 119 20.95 -12.02 25.57
CA MET A 119 19.72 -12.65 25.04
C MET A 119 19.91 -14.16 24.98
N ASN A 120 18.93 -14.92 25.46
CA ASN A 120 19.05 -16.38 25.40
C ASN A 120 18.74 -16.88 23.99
N ALA A 121 18.97 -18.18 23.75
CA ALA A 121 18.69 -18.76 22.42
C ALA A 121 17.23 -18.56 21.98
N ALA A 122 16.29 -18.66 22.92
CA ALA A 122 14.87 -18.44 22.61
C ALA A 122 14.62 -17.02 22.07
N GLU A 123 15.19 -16.01 22.74
CA GLU A 123 15.06 -14.62 22.29
C GLU A 123 15.73 -14.39 20.93
N ILE A 124 16.94 -14.91 20.75
CA ILE A 124 17.63 -14.77 19.48
C ILE A 124 16.83 -15.44 18.35
N THR A 125 16.31 -16.64 18.61
CA THR A 125 15.44 -17.32 17.64
C THR A 125 14.31 -16.39 17.19
N ASP A 126 13.69 -15.71 18.16
CA ASP A 126 12.57 -14.81 17.86
C ASP A 126 13.06 -13.54 17.13
N LYS A 127 14.16 -12.96 17.59
CA LYS A 127 14.64 -11.71 16.99
C LYS A 127 15.25 -11.90 15.59
N LEU A 128 15.74 -13.11 15.30
CA LEU A 128 16.24 -13.42 13.96
C LEU A 128 15.16 -13.95 13.02
N GLY A 129 13.97 -14.24 13.57
CA GLY A 129 12.86 -14.81 12.78
C GLY A 129 13.18 -16.16 12.18
N LEU A 130 13.87 -17.00 12.96
CA LEU A 130 14.38 -18.26 12.45
C LEU A 130 13.29 -19.23 11.99
N HIS A 131 12.13 -19.19 12.63
CA HIS A 131 11.03 -20.09 12.24
C HIS A 131 10.55 -19.90 10.80
N SER A 132 10.75 -18.70 10.25
CA SER A 132 10.38 -18.42 8.85
C SER A 132 11.23 -19.19 7.84
N LEU A 133 12.28 -19.88 8.31
CA LEU A 133 13.12 -20.66 7.42
C LEU A 133 12.56 -22.09 7.23
N ARG A 134 11.62 -22.20 6.30
CA ARG A 134 10.82 -23.42 6.08
C ARG A 134 11.42 -24.38 5.05
N HIS A 135 12.46 -23.95 4.35
CA HIS A 135 13.04 -24.73 3.26
C HIS A 135 14.53 -25.00 3.47
N ARG A 136 14.94 -25.00 4.74
CA ARG A 136 16.33 -25.19 5.12
C ARG A 136 16.38 -25.75 6.54
N ASN A 137 17.18 -26.78 6.79
CA ASN A 137 17.43 -27.25 8.15
C ASN A 137 18.23 -26.19 8.90
N TRP A 138 17.73 -25.75 10.04
CA TRP A 138 18.44 -24.79 10.89
C TRP A 138 18.41 -25.20 12.35
N TYR A 139 19.38 -24.69 13.11
CA TYR A 139 19.52 -25.04 14.52
C TYR A 139 20.20 -23.90 15.23
N ILE A 140 19.70 -23.57 16.41
CA ILE A 140 20.34 -22.53 17.25
C ILE A 140 21.00 -23.16 18.46
N GLN A 141 22.23 -22.71 18.72
CA GLN A 141 23.04 -23.21 19.81
C GLN A 141 23.64 -22.05 20.60
N ALA A 142 23.24 -21.97 21.87
CA ALA A 142 23.81 -21.01 22.80
C ALA A 142 25.27 -21.38 23.07
N THR A 143 26.15 -20.38 23.03
CA THR A 143 27.57 -20.62 23.21
C THR A 143 28.26 -19.59 24.08
N CYS A 144 29.40 -20.00 24.60
CA CYS A 144 30.40 -19.08 25.12
C CYS A 144 31.69 -19.55 24.48
N ALA A 145 32.18 -18.76 23.53
CA ALA A 145 33.38 -19.11 22.77
C ALA A 145 34.61 -19.23 23.67
N THR A 146 34.66 -18.43 24.73
CA THR A 146 35.84 -18.38 25.59
C THR A 146 35.96 -19.63 26.46
N SER A 147 34.83 -20.17 26.93
CA SER A 147 34.83 -21.42 27.68
C SER A 147 34.69 -22.64 26.75
N GLY A 148 34.16 -22.42 25.55
CA GLY A 148 33.90 -23.50 24.61
C GLY A 148 32.53 -24.15 24.76
N ASP A 149 31.77 -23.71 25.75
CA ASP A 149 30.43 -24.25 25.97
C ASP A 149 29.56 -24.06 24.73
N GLY A 150 28.83 -25.10 24.36
CA GLY A 150 27.91 -25.07 23.21
C GLY A 150 28.57 -25.47 21.89
N LEU A 151 29.87 -25.23 21.77
CA LEU A 151 30.60 -25.36 20.51
C LEU A 151 30.56 -26.77 19.90
N TYR A 152 30.86 -27.78 20.71
CA TYR A 152 30.83 -29.18 20.23
C TYR A 152 29.42 -29.67 19.84
N GLU A 153 28.40 -29.27 20.60
CA GLU A 153 27.03 -29.66 20.26
C GLU A 153 26.60 -29.07 18.89
N GLY A 154 27.07 -27.86 18.60
CA GLY A 154 26.92 -27.30 17.25
C GLY A 154 27.54 -28.21 16.20
N LEU A 155 28.74 -28.73 16.47
CA LEU A 155 29.42 -29.65 15.55
C LEU A 155 28.70 -31.00 15.46
N ASP A 156 28.15 -31.45 16.58
CA ASP A 156 27.25 -32.62 16.61
C ASP A 156 26.10 -32.45 15.60
N TRP A 157 25.46 -31.29 15.63
CA TRP A 157 24.31 -31.05 14.77
C TRP A 157 24.72 -31.04 13.30
N LEU A 158 25.78 -30.29 12.99
CA LEU A 158 26.34 -30.26 11.64
C LEU A 158 26.70 -31.66 11.15
N SER A 159 27.29 -32.47 12.03
CA SER A 159 27.65 -33.85 11.71
C SER A 159 26.44 -34.69 11.28
N ASN A 160 25.34 -34.56 12.03
CA ASN A 160 24.11 -35.26 11.70
C ASN A 160 23.53 -34.83 10.37
N GLN A 161 23.62 -33.54 10.06
CA GLN A 161 23.16 -33.01 8.79
C GLN A 161 23.94 -33.57 7.60
N LEU A 162 25.25 -33.66 7.73
CA LEU A 162 26.09 -34.26 6.69
C LEU A 162 25.69 -35.72 6.47
N ARG A 163 25.74 -36.46 7.58
CA ARG A 163 25.36 -37.88 7.67
C ARG A 163 23.98 -38.20 7.05
N ASN A 164 23.03 -37.28 7.20
CA ASN A 164 21.65 -37.47 6.71
C ASN A 164 21.43 -37.12 5.23
N GLN A 165 22.48 -36.73 4.53
CA GLN A 165 22.37 -36.43 3.10
C GLN A 165 23.33 -37.28 2.27
N GLY B 1 16.33 1.83 -29.45
CA GLY B 1 14.92 1.39 -29.69
C GLY B 1 14.18 1.09 -28.39
N SER B 2 14.71 0.16 -27.59
CA SER B 2 14.10 -0.20 -26.32
C SER B 2 15.10 -0.16 -25.18
N MET B 3 14.62 0.14 -23.97
CA MET B 3 15.46 0.09 -22.78
C MET B 3 14.65 -0.40 -21.58
N ARG B 4 15.17 -1.43 -20.90
CA ARG B 4 14.51 -1.96 -19.70
C ARG B 4 15.02 -1.23 -18.47
N ILE B 5 14.10 -0.54 -17.79
CA ILE B 5 14.43 0.27 -16.63
C ILE B 5 13.84 -0.34 -15.37
N LEU B 6 14.68 -0.44 -14.34
CA LEU B 6 14.24 -0.75 -12.98
C LEU B 6 14.30 0.51 -12.12
N MET B 7 13.16 0.90 -11.59
CA MET B 7 13.08 2.08 -10.71
C MET B 7 12.82 1.66 -9.27
N VAL B 8 13.81 1.90 -8.41
CA VAL B 8 13.76 1.53 -7.00
C VAL B 8 14.14 2.73 -6.13
N GLY B 9 14.07 2.52 -4.82
CA GLY B 9 14.30 3.55 -3.83
C GLY B 9 13.44 3.21 -2.64
N LEU B 10 13.68 3.88 -1.52
CA LEU B 10 12.89 3.64 -0.31
C LEU B 10 11.41 3.97 -0.59
N ASP B 11 10.52 3.38 0.21
CA ASP B 11 9.11 3.74 0.20
C ASP B 11 8.93 5.24 0.36
N ALA B 12 7.91 5.79 -0.29
CA ALA B 12 7.56 7.21 -0.22
C ALA B 12 8.45 8.14 -1.06
N ALA B 13 9.39 7.58 -1.81
CA ALA B 13 10.39 8.38 -2.54
C ALA B 13 9.78 9.17 -3.70
N GLY B 14 8.75 8.61 -4.32
CA GLY B 14 7.98 9.27 -5.37
C GLY B 14 7.99 8.50 -6.67
N LYS B 15 8.34 7.22 -6.60
CA LYS B 15 8.52 6.36 -7.78
C LYS B 15 7.24 6.18 -8.60
N THR B 16 6.15 5.77 -7.94
CA THR B 16 4.87 5.59 -8.66
C THR B 16 4.39 6.91 -9.26
N THR B 17 4.52 7.98 -8.50
CA THR B 17 4.21 9.33 -8.97
C THR B 17 4.99 9.65 -10.25
N ILE B 18 6.30 9.43 -10.24
CA ILE B 18 7.13 9.64 -11.43
C ILE B 18 6.65 8.84 -12.63
N LEU B 19 6.40 7.54 -12.43
CA LEU B 19 6.02 6.67 -13.53
C LEU B 19 4.75 7.18 -14.22
N TYR B 20 3.74 7.56 -13.44
CA TYR B 20 2.47 7.99 -14.03
C TYR B 20 2.46 9.45 -14.51
N LYS B 21 3.36 10.26 -13.96
CA LYS B 21 3.60 11.59 -14.50
C LYS B 21 4.12 11.44 -15.93
N LEU B 22 5.04 10.49 -16.12
CA LEU B 22 5.62 10.23 -17.44
C LEU B 22 4.67 9.53 -18.39
N LYS B 23 3.98 8.49 -17.89
CA LYS B 23 3.07 7.68 -18.72
C LYS B 23 1.79 8.42 -19.10
N LEU B 24 1.23 9.17 -18.15
CA LEU B 24 -0.13 9.70 -18.26
C LEU B 24 -0.20 11.23 -18.21
N GLY B 25 0.92 11.87 -17.88
CA GLY B 25 0.96 13.32 -17.73
C GLY B 25 0.13 13.80 -16.54
N GLU B 26 -0.11 12.89 -15.60
CA GLU B 26 -0.97 13.14 -14.44
C GLU B 26 -0.20 12.99 -13.14
N ILE B 27 -0.64 13.71 -12.12
CA ILE B 27 -0.24 13.44 -10.75
C ILE B 27 -1.31 12.50 -10.16
N VAL B 28 -1.00 11.21 -10.13
CA VAL B 28 -1.98 10.23 -9.70
C VAL B 28 -2.06 10.13 -8.18
N THR B 29 -3.22 9.71 -7.69
CA THR B 29 -3.35 9.26 -6.30
C THR B 29 -2.56 7.97 -6.18
N THR B 30 -1.79 7.83 -5.09
CA THR B 30 -1.02 6.60 -4.85
C THR B 30 -1.19 6.06 -3.44
N ILE B 31 -0.93 4.76 -3.28
CA ILE B 31 -0.72 4.17 -1.96
C ILE B 31 0.62 3.42 -2.02
N PRO B 32 1.18 3.01 -0.85
CA PRO B 32 2.44 2.24 -0.97
C PRO B 32 2.30 1.01 -1.87
N THR B 33 3.23 0.88 -2.81
CA THR B 33 3.18 -0.20 -3.78
C THR B 33 3.67 -1.50 -3.18
N ILE B 34 2.73 -2.43 -2.94
CA ILE B 34 3.10 -3.76 -2.45
C ILE B 34 3.09 -4.68 -3.65
N GLY B 35 4.22 -4.67 -4.35
CA GLY B 35 4.38 -5.31 -5.63
C GLY B 35 5.08 -4.36 -6.57
N PHE B 36 4.47 -4.11 -7.72
CA PHE B 36 5.08 -3.29 -8.76
C PHE B 36 4.04 -2.71 -9.71
N ASN B 37 4.47 -1.68 -10.44
CA ASN B 37 3.77 -1.17 -11.60
C ASN B 37 4.76 -1.20 -12.75
N VAL B 38 4.30 -1.57 -13.93
CA VAL B 38 5.18 -1.53 -15.08
C VAL B 38 4.47 -0.86 -16.26
N GLU B 39 5.15 0.09 -16.90
CA GLU B 39 4.59 0.81 -18.04
C GLU B 39 5.68 1.10 -19.06
N THR B 40 5.28 1.15 -20.33
CA THR B 40 6.17 1.51 -21.41
C THR B 40 5.98 2.99 -21.71
N VAL B 41 7.07 3.74 -21.63
CA VAL B 41 7.04 5.19 -21.89
C VAL B 41 7.85 5.46 -23.15
N GLU B 42 7.18 6.04 -24.14
CA GLU B 42 7.82 6.38 -25.41
C GLU B 42 8.44 7.76 -25.29
N TYR B 43 9.74 7.85 -25.51
CA TYR B 43 10.44 9.12 -25.41
C TYR B 43 11.56 9.21 -26.43
N LYS B 44 11.46 10.20 -27.31
CA LYS B 44 12.46 10.42 -28.37
C LYS B 44 12.94 9.11 -29.01
N ASN B 45 11.97 8.36 -29.53
CA ASN B 45 12.22 7.12 -30.30
C ASN B 45 12.81 5.94 -29.54
N ILE B 46 12.82 6.04 -28.21
CA ILE B 46 13.12 4.90 -27.34
C ILE B 46 11.87 4.54 -26.55
N SER B 47 11.59 3.24 -26.50
CA SER B 47 10.53 2.68 -25.71
C SER B 47 11.10 2.22 -24.36
N PHE B 48 10.92 3.01 -23.31
CA PHE B 48 11.40 2.65 -21.98
C PHE B 48 10.35 1.80 -21.26
N THR B 49 10.68 0.53 -21.00
CA THR B 49 9.82 -0.29 -20.15
C THR B 49 10.30 -0.11 -18.71
N VAL B 50 9.50 0.61 -17.93
CA VAL B 50 9.87 1.03 -16.59
C VAL B 50 9.15 0.22 -15.52
N TRP B 51 9.93 -0.51 -14.74
CA TRP B 51 9.41 -1.27 -13.60
C TRP B 51 9.53 -0.43 -12.34
N ASP B 52 8.38 -0.02 -11.82
CA ASP B 52 8.24 0.72 -10.58
C ASP B 52 7.99 -0.29 -9.45
N VAL B 53 9.02 -0.49 -8.61
CA VAL B 53 9.00 -1.57 -7.61
C VAL B 53 8.85 -0.97 -6.21
N GLY B 54 7.96 -1.55 -5.40
CA GLY B 54 7.70 -1.04 -4.06
C GLY B 54 8.94 -1.05 -3.19
N GLY B 55 9.10 0.01 -2.41
CA GLY B 55 10.28 0.19 -1.56
C GLY B 55 10.09 -0.02 -0.07
N LEU B 56 8.93 -0.51 0.37
CA LEU B 56 8.71 -0.75 1.80
C LEU B 56 9.71 -1.78 2.26
N ASP B 57 10.31 -1.55 3.43
CA ASP B 57 11.39 -2.41 3.91
C ASP B 57 11.08 -3.90 3.84
N LYS B 58 9.88 -4.29 4.27
CA LYS B 58 9.46 -5.70 4.27
C LYS B 58 9.50 -6.35 2.88
N ILE B 59 9.35 -5.56 1.83
CA ILE B 59 9.39 -6.10 0.47
C ILE B 59 10.66 -5.78 -0.35
N ARG B 60 11.65 -5.15 0.28
CA ARG B 60 12.93 -4.88 -0.38
C ARG B 60 13.69 -6.14 -0.80
N PRO B 61 13.58 -7.24 -0.03
CA PRO B 61 14.15 -8.50 -0.53
C PRO B 61 13.64 -8.89 -1.93
N LEU B 62 12.46 -8.40 -2.31
CA LEU B 62 11.91 -8.74 -3.63
C LEU B 62 12.54 -7.99 -4.81
N TRP B 63 13.28 -6.91 -4.52
CA TRP B 63 13.99 -6.17 -5.58
C TRP B 63 14.81 -7.08 -6.49
N ARG B 64 15.47 -8.08 -5.89
CA ARG B 64 16.33 -8.99 -6.65
C ARG B 64 15.60 -9.82 -7.71
N HIS B 65 14.30 -9.98 -7.55
CA HIS B 65 13.45 -10.63 -8.57
C HIS B 65 13.38 -9.85 -9.88
N TYR B 66 13.78 -8.58 -9.84
CA TYR B 66 13.67 -7.68 -10.99
C TYR B 66 15.00 -7.38 -11.67
N PHE B 67 16.10 -7.81 -11.07
CA PHE B 67 17.44 -7.38 -11.53
C PHE B 67 17.80 -7.83 -12.95
N GLN B 68 17.44 -9.07 -13.28
CA GLN B 68 17.83 -9.68 -14.56
C GLN B 68 17.39 -8.85 -15.77
N ASN B 69 18.36 -8.56 -16.63
CA ASN B 69 18.14 -7.84 -17.90
C ASN B 69 17.89 -6.34 -17.76
N THR B 70 18.15 -5.79 -16.57
CA THR B 70 18.05 -4.35 -16.35
C THR B 70 19.15 -3.65 -17.14
N GLN B 71 18.79 -2.66 -17.95
CA GLN B 71 19.76 -1.87 -18.72
C GLN B 71 20.00 -0.51 -18.07
N GLY B 72 18.98 -0.02 -17.37
CA GLY B 72 19.08 1.23 -16.65
C GLY B 72 18.40 1.12 -15.31
N LEU B 73 19.10 1.60 -14.28
CA LEU B 73 18.61 1.64 -12.92
C LEU B 73 18.27 3.09 -12.57
N ILE B 74 17.02 3.34 -12.19
CA ILE B 74 16.66 4.65 -11.62
C ILE B 74 16.50 4.52 -10.12
N PHE B 75 17.32 5.25 -9.36
CA PHE B 75 17.21 5.23 -7.92
C PHE B 75 16.62 6.56 -7.46
N VAL B 76 15.42 6.51 -6.91
CA VAL B 76 14.71 7.71 -6.49
C VAL B 76 14.90 7.95 -5.01
N VAL B 77 15.28 9.17 -4.67
CA VAL B 77 15.54 9.60 -3.29
C VAL B 77 14.61 10.75 -2.90
N ASP B 78 14.03 10.65 -1.70
CA ASP B 78 13.28 11.74 -1.09
C ASP B 78 14.29 12.72 -0.49
N SER B 79 14.49 13.83 -1.18
CA SER B 79 15.48 14.85 -0.79
C SER B 79 15.10 15.59 0.50
N ASN B 80 13.85 15.43 0.93
CA ASN B 80 13.38 15.93 2.22
C ASN B 80 13.63 14.96 3.40
N ASP B 81 14.01 13.73 3.09
CA ASP B 81 14.16 12.68 4.11
C ASP B 81 15.62 12.51 4.55
N ARG B 82 16.08 13.46 5.37
CA ARG B 82 17.43 13.44 5.93
C ARG B 82 17.64 12.27 6.89
N GLU B 83 16.57 11.89 7.58
CA GLU B 83 16.58 10.77 8.51
C GLU B 83 16.93 9.43 7.83
N ARG B 84 16.55 9.29 6.57
CA ARG B 84 16.75 8.02 5.88
C ARG B 84 17.72 8.06 4.69
N VAL B 85 18.40 9.17 4.48
CA VAL B 85 19.33 9.26 3.33
C VAL B 85 20.48 8.23 3.39
N ASN B 86 20.97 7.95 4.59
CA ASN B 86 22.04 6.96 4.72
C ASN B 86 21.52 5.56 4.50
N GLU B 87 20.30 5.31 4.95
CA GLU B 87 19.62 4.05 4.64
C GLU B 87 19.46 3.88 3.12
N ALA B 88 19.11 4.96 2.44
CA ALA B 88 19.03 4.94 0.97
C ALA B 88 20.36 4.57 0.34
N ARG B 89 21.43 5.19 0.82
CA ARG B 89 22.78 4.89 0.35
C ARG B 89 23.11 3.42 0.54
N GLU B 90 22.79 2.90 1.72
CA GLU B 90 23.08 1.49 2.04
C GLU B 90 22.41 0.56 1.06
N GLU B 91 21.10 0.77 0.84
CA GLU B 91 20.33 -0.04 -0.10
C GLU B 91 20.90 0.08 -1.52
N LEU B 92 21.22 1.30 -1.95
CA LEU B 92 21.78 1.52 -3.28
C LEU B 92 23.09 0.73 -3.48
N MET B 93 24.00 0.85 -2.53
CA MET B 93 25.32 0.22 -2.63
C MET B 93 25.24 -1.31 -2.62
N ARG B 94 24.27 -1.85 -1.88
CA ARG B 94 24.00 -3.29 -1.86
C ARG B 94 23.58 -3.79 -3.22
N MET B 95 22.63 -3.07 -3.81
CA MET B 95 22.10 -3.43 -5.11
C MET B 95 23.17 -3.39 -6.19
N LEU B 96 24.02 -2.36 -6.14
CA LEU B 96 25.07 -2.20 -7.13
C LEU B 96 26.19 -3.26 -7.02
N ALA B 97 26.17 -4.07 -5.95
CA ALA B 97 27.14 -5.17 -5.81
C ALA B 97 26.66 -6.44 -6.53
N GLU B 98 25.41 -6.41 -6.98
CA GLU B 98 24.77 -7.56 -7.61
C GLU B 98 25.24 -7.76 -9.03
N ASP B 99 25.59 -9.01 -9.35
CA ASP B 99 26.07 -9.39 -10.68
C ASP B 99 25.14 -9.12 -11.84
N GLU B 100 23.84 -9.36 -11.64
CA GLU B 100 22.86 -9.16 -12.71
C GLU B 100 22.78 -7.71 -13.17
N LEU B 101 23.29 -6.79 -12.36
CA LEU B 101 23.23 -5.36 -12.63
C LEU B 101 24.55 -4.79 -13.11
N ARG B 102 25.48 -5.67 -13.49
CA ARG B 102 26.86 -5.30 -13.86
C ARG B 102 26.91 -4.19 -14.93
N ASP B 103 26.05 -4.30 -15.93
CA ASP B 103 26.07 -3.41 -17.08
C ASP B 103 24.96 -2.35 -17.06
N ALA B 104 24.26 -2.22 -15.94
CA ALA B 104 23.21 -1.21 -15.82
C ALA B 104 23.81 0.16 -15.55
N VAL B 105 23.41 1.17 -16.30
CA VAL B 105 23.79 2.55 -15.93
C VAL B 105 22.85 3.02 -14.80
N LEU B 106 23.30 3.99 -14.01
CA LEU B 106 22.54 4.47 -12.86
C LEU B 106 22.09 5.93 -13.00
N LEU B 107 20.78 6.13 -12.93
CA LEU B 107 20.20 7.46 -12.82
C LEU B 107 19.63 7.64 -11.42
N VAL B 108 20.11 8.66 -10.71
CA VAL B 108 19.56 9.01 -9.40
C VAL B 108 18.61 10.22 -9.58
N PHE B 109 17.36 10.06 -9.20
CA PHE B 109 16.45 11.21 -9.07
C PHE B 109 16.44 11.70 -7.64
N ALA B 110 16.98 12.91 -7.43
CA ALA B 110 16.88 13.61 -6.15
C ALA B 110 15.54 14.33 -6.12
N ASN B 111 14.51 13.62 -5.66
CA ASN B 111 13.12 14.06 -5.79
C ASN B 111 12.64 14.93 -4.64
N LYS B 112 11.51 15.61 -4.87
CA LYS B 112 10.84 16.46 -3.88
C LYS B 112 11.60 17.77 -3.66
N GLN B 113 12.19 18.29 -4.74
CA GLN B 113 12.96 19.53 -4.67
C GLN B 113 12.08 20.74 -4.36
N ASP B 114 10.77 20.57 -4.55
CA ASP B 114 9.78 21.62 -4.23
C ASP B 114 9.67 21.86 -2.73
N LEU B 115 10.09 20.90 -1.92
CA LEU B 115 9.90 20.95 -0.48
C LEU B 115 10.96 21.81 0.22
N PRO B 116 10.53 22.62 1.22
CA PRO B 116 11.42 23.54 1.91
C PRO B 116 12.70 22.88 2.41
N ASN B 117 13.84 23.50 2.12
CA ASN B 117 15.16 23.06 2.60
C ASN B 117 15.52 21.63 2.17
N ALA B 118 14.93 21.16 1.06
CA ALA B 118 15.26 19.85 0.50
C ALA B 118 16.75 19.79 0.17
N MET B 119 17.36 18.64 0.40
CA MET B 119 18.77 18.45 0.05
C MET B 119 18.89 18.63 -1.46
N ASN B 120 19.83 19.46 -1.89
CA ASN B 120 20.01 19.65 -3.33
C ASN B 120 20.78 18.47 -3.92
N ALA B 121 20.90 18.44 -5.24
CA ALA B 121 21.61 17.37 -5.93
C ALA B 121 23.06 17.17 -5.46
N ALA B 122 23.78 18.28 -5.22
CA ALA B 122 25.15 18.22 -4.69
C ALA B 122 25.22 17.52 -3.32
N GLU B 123 24.29 17.86 -2.41
CA GLU B 123 24.28 17.20 -1.11
C GLU B 123 23.97 15.70 -1.23
N ILE B 124 22.97 15.36 -2.03
CA ILE B 124 22.61 13.95 -2.28
C ILE B 124 23.79 13.17 -2.86
N THR B 125 24.50 13.79 -3.81
CA THR B 125 25.68 13.17 -4.42
C THR B 125 26.67 12.80 -3.31
N ASP B 126 26.91 13.74 -2.40
CA ASP B 126 27.86 13.54 -1.30
C ASP B 126 27.40 12.47 -0.30
N LYS B 127 26.13 12.57 0.10
CA LYS B 127 25.59 11.68 1.13
C LYS B 127 25.43 10.24 0.64
N LEU B 128 25.19 10.06 -0.66
CA LEU B 128 25.13 8.73 -1.26
C LEU B 128 26.49 8.18 -1.69
N GLY B 129 27.55 9.00 -1.60
CA GLY B 129 28.91 8.59 -2.02
C GLY B 129 29.00 8.17 -3.48
N LEU B 130 28.29 8.89 -4.35
CA LEU B 130 28.22 8.51 -5.76
C LEU B 130 29.56 8.53 -6.50
N HIS B 131 30.48 9.39 -6.08
CA HIS B 131 31.81 9.49 -6.75
C HIS B 131 32.64 8.19 -6.73
N SER B 132 32.38 7.33 -5.77
CA SER B 132 33.11 6.05 -5.67
C SER B 132 32.63 4.98 -6.67
N LEU B 133 31.61 5.30 -7.46
CA LEU B 133 31.18 4.45 -8.54
C LEU B 133 31.97 4.78 -9.82
N ARG B 134 33.23 4.34 -9.87
CA ARG B 134 34.12 4.67 -11.00
C ARG B 134 33.92 3.78 -12.25
N HIS B 135 33.34 2.59 -12.07
CA HIS B 135 33.18 1.65 -13.18
C HIS B 135 31.74 1.45 -13.67
N ARG B 136 30.94 2.50 -13.54
CA ARG B 136 29.55 2.48 -13.95
C ARG B 136 29.17 3.93 -14.23
N ASN B 137 28.63 4.18 -15.41
CA ASN B 137 28.11 5.52 -15.71
C ASN B 137 26.94 5.83 -14.78
N TRP B 138 27.04 6.96 -14.08
CA TRP B 138 25.95 7.43 -13.23
C TRP B 138 25.68 8.92 -13.45
N TYR B 139 24.47 9.33 -13.13
CA TYR B 139 24.03 10.71 -13.31
C TYR B 139 23.00 11.05 -12.24
N ILE B 140 23.16 12.21 -11.62
CA ILE B 140 22.17 12.67 -10.64
C ILE B 140 21.36 13.81 -11.24
N GLN B 141 20.04 13.73 -11.07
CA GLN B 141 19.09 14.68 -11.65
C GLN B 141 18.11 15.10 -10.56
N ALA B 142 18.12 16.37 -10.22
CA ALA B 142 17.14 16.94 -9.29
C ALA B 142 15.76 16.96 -9.95
N THR B 143 14.74 16.57 -9.19
CA THR B 143 13.40 16.49 -9.75
C THR B 143 12.31 16.94 -8.78
N CYS B 144 11.18 17.27 -9.37
CA CYS B 144 9.93 17.42 -8.65
C CYS B 144 8.94 16.63 -9.49
N ALA B 145 8.49 15.49 -8.95
CA ALA B 145 7.68 14.56 -9.73
C ALA B 145 6.29 15.13 -10.00
N THR B 146 5.83 16.00 -9.11
CA THR B 146 4.49 16.59 -9.21
C THR B 146 4.41 17.64 -10.32
N SER B 147 5.45 18.47 -10.43
CA SER B 147 5.53 19.43 -11.52
C SER B 147 6.12 18.78 -12.77
N GLY B 148 6.91 17.74 -12.59
CA GLY B 148 7.56 17.07 -13.71
C GLY B 148 8.96 17.58 -14.02
N ASP B 149 9.40 18.62 -13.30
CA ASP B 149 10.72 19.21 -13.51
C ASP B 149 11.83 18.15 -13.36
N GLY B 150 12.76 18.13 -14.30
CA GLY B 150 13.92 17.23 -14.25
C GLY B 150 13.73 15.85 -14.86
N LEU B 151 12.48 15.41 -14.98
CA LEU B 151 12.21 14.03 -15.42
C LEU B 151 12.65 13.75 -16.85
N TYR B 152 12.36 14.67 -17.77
CA TYR B 152 12.76 14.47 -19.17
C TYR B 152 14.28 14.51 -19.37
N GLU B 153 14.97 15.37 -18.63
CA GLU B 153 16.43 15.42 -18.71
C GLU B 153 17.06 14.12 -18.19
N GLY B 154 16.42 13.51 -17.20
CA GLY B 154 16.80 12.16 -16.79
C GLY B 154 16.71 11.19 -17.97
N LEU B 155 15.60 11.23 -18.69
CA LEU B 155 15.43 10.35 -19.85
C LEU B 155 16.37 10.69 -21.00
N ASP B 156 16.70 11.97 -21.16
CA ASP B 156 17.74 12.44 -22.11
C ASP B 156 19.06 11.71 -21.83
N TRP B 157 19.46 11.69 -20.56
CA TRP B 157 20.69 11.03 -20.15
C TRP B 157 20.66 9.53 -20.44
N LEU B 158 19.58 8.85 -20.02
CA LEU B 158 19.39 7.43 -20.32
C LEU B 158 19.43 7.15 -21.82
N SER B 159 18.79 8.00 -22.61
CA SER B 159 18.82 7.89 -24.08
C SER B 159 20.25 7.88 -24.62
N ASN B 160 21.05 8.84 -24.17
CA ASN B 160 22.46 8.92 -24.55
C ASN B 160 23.25 7.68 -24.21
N GLN B 161 22.99 7.12 -23.03
CA GLN B 161 23.70 5.93 -22.56
C GLN B 161 23.35 4.70 -23.41
N LEU B 162 22.08 4.56 -23.76
CA LEU B 162 21.66 3.48 -24.65
C LEU B 162 22.37 3.59 -26.00
N ARG B 163 22.31 4.80 -26.57
CA ARG B 163 22.87 5.12 -27.88
C ARG B 163 24.40 4.97 -27.95
N ASN B 164 25.09 5.37 -26.89
CA ASN B 164 26.55 5.25 -26.80
C ASN B 164 27.04 3.82 -26.53
N GLN B 165 26.13 2.95 -26.08
CA GLN B 165 26.42 1.52 -25.97
C GLN B 165 26.39 0.91 -27.36
N GLY C 1 -30.88 -5.56 -30.31
CA GLY C 1 -29.39 -5.48 -30.26
C GLY C 1 -28.88 -4.07 -30.05
N SER C 2 -29.43 -3.12 -30.81
CA SER C 2 -28.96 -1.74 -30.82
C SER C 2 -30.10 -0.76 -30.58
N MET C 3 -29.80 0.36 -29.91
CA MET C 3 -30.76 1.44 -29.79
C MET C 3 -30.12 2.82 -29.88
N ARG C 4 -30.63 3.63 -30.81
CA ARG C 4 -30.17 4.99 -31.01
C ARG C 4 -30.97 5.97 -30.16
N ILE C 5 -30.26 6.66 -29.27
CA ILE C 5 -30.86 7.51 -28.26
C ILE C 5 -30.43 8.96 -28.44
N LEU C 6 -31.40 9.88 -28.44
CA LEU C 6 -31.10 11.30 -28.39
C LEU C 6 -31.44 11.84 -27.02
N MET C 7 -30.45 12.40 -26.33
CA MET C 7 -30.64 12.99 -25.02
C MET C 7 -30.53 14.50 -25.07
N VAL C 8 -31.63 15.15 -24.75
CA VAL C 8 -31.77 16.60 -24.84
C VAL C 8 -32.45 17.12 -23.59
N GLY C 9 -32.55 18.44 -23.48
CA GLY C 9 -33.07 19.09 -22.29
C GLY C 9 -32.35 20.42 -22.19
N LEU C 10 -32.85 21.30 -21.34
CA LEU C 10 -32.21 22.61 -21.14
C LEU C 10 -30.78 22.46 -20.66
N ASP C 11 -29.94 23.45 -20.98
CA ASP C 11 -28.60 23.50 -20.42
C ASP C 11 -28.64 23.32 -18.89
N ALA C 12 -27.62 22.66 -18.35
CA ALA C 12 -27.49 22.41 -16.89
C ALA C 12 -28.42 21.34 -16.31
N ALA C 13 -29.17 20.64 -17.16
CA ALA C 13 -30.11 19.62 -16.66
C ALA C 13 -29.42 18.38 -16.08
N GLY C 14 -28.21 18.10 -16.58
CA GLY C 14 -27.41 16.99 -16.09
C GLY C 14 -27.13 15.92 -17.13
N LYS C 15 -27.33 16.24 -18.41
CA LYS C 15 -27.21 15.27 -19.52
C LYS C 15 -25.83 14.65 -19.68
N THR C 16 -24.79 15.49 -19.72
CA THR C 16 -23.42 14.99 -19.87
C THR C 16 -23.02 14.18 -18.65
N THR C 17 -23.40 14.68 -17.47
CA THR C 17 -23.21 13.97 -16.20
C THR C 17 -23.82 12.57 -16.28
N ILE C 18 -25.08 12.49 -16.72
CA ILE C 18 -25.76 11.19 -16.92
C ILE C 18 -25.00 10.26 -17.87
N LEU C 19 -24.56 10.81 -19.01
CA LEU C 19 -23.92 9.99 -20.04
C LEU C 19 -22.65 9.35 -19.49
N TYR C 20 -21.82 10.14 -18.83
CA TYR C 20 -20.54 9.61 -18.36
C TYR C 20 -20.64 8.81 -17.06
N LYS C 21 -21.67 9.09 -16.26
CA LYS C 21 -22.03 8.22 -15.16
C LYS C 21 -22.34 6.81 -15.69
N LEU C 22 -23.11 6.75 -16.77
CA LEU C 22 -23.48 5.49 -17.39
C LEU C 22 -22.31 4.82 -18.12
N LYS C 23 -21.55 5.60 -18.90
CA LYS C 23 -20.44 5.06 -19.70
C LYS C 23 -19.20 4.71 -18.85
N LEU C 24 -18.84 5.57 -17.91
CA LEU C 24 -17.55 5.45 -17.20
C LEU C 24 -17.67 5.13 -15.70
N GLY C 25 -18.90 5.13 -15.19
CA GLY C 25 -19.14 4.96 -13.75
C GLY C 25 -18.66 6.13 -12.90
N GLU C 26 -18.44 7.29 -13.54
CA GLU C 26 -17.84 8.45 -12.87
C GLU C 26 -18.76 9.64 -12.85
N ILE C 27 -18.61 10.48 -11.82
CA ILE C 27 -19.17 11.83 -11.83
C ILE C 27 -18.09 12.74 -12.41
N VAL C 28 -18.18 12.99 -13.71
CA VAL C 28 -17.14 13.74 -14.42
C VAL C 28 -17.28 15.25 -14.26
N THR C 29 -16.17 15.96 -14.43
CA THR C 29 -16.22 17.41 -14.57
C THR C 29 -16.84 17.72 -15.92
N THR C 30 -17.73 18.69 -15.94
CA THR C 30 -18.38 19.12 -17.18
C THR C 30 -18.33 20.63 -17.34
N ILE C 31 -18.45 21.07 -18.59
CA ILE C 31 -18.78 22.46 -18.91
C ILE C 31 -19.98 22.43 -19.86
N PRO C 32 -20.66 23.57 -20.07
CA PRO C 32 -21.74 23.56 -21.07
C PRO C 32 -21.28 22.99 -22.40
N THR C 33 -22.04 22.00 -22.90
CA THR C 33 -21.74 21.30 -24.15
C THR C 33 -22.16 22.16 -25.38
N ILE C 34 -21.17 22.66 -26.11
CA ILE C 34 -21.43 23.39 -27.36
C ILE C 34 -21.15 22.38 -28.44
N GLY C 35 -22.21 21.69 -28.85
CA GLY C 35 -22.06 20.55 -29.71
C GLY C 35 -22.67 19.34 -29.05
N PHE C 36 -21.90 18.27 -28.98
CA PHE C 36 -22.42 16.99 -28.53
C PHE C 36 -21.32 16.08 -28.00
N ASN C 37 -21.73 15.09 -27.21
CA ASN C 37 -20.93 13.92 -26.88
C ASN C 37 -21.75 12.71 -27.30
N VAL C 38 -21.07 11.68 -27.79
CA VAL C 38 -21.72 10.44 -28.16
C VAL C 38 -20.93 9.26 -27.60
N GLU C 39 -21.63 8.37 -26.88
CA GLU C 39 -21.02 7.16 -26.35
C GLU C 39 -21.96 5.99 -26.50
N THR C 40 -21.38 4.80 -26.66
CA THR C 40 -22.16 3.57 -26.64
C THR C 40 -22.12 2.97 -25.24
N VAL C 41 -23.31 2.71 -24.69
CA VAL C 41 -23.46 2.11 -23.36
C VAL C 41 -24.10 0.73 -23.54
N GLU C 42 -23.38 -0.31 -23.11
CA GLU C 42 -23.87 -1.68 -23.15
C GLU C 42 -24.68 -1.99 -21.89
N TYR C 43 -25.94 -2.36 -22.08
CA TYR C 43 -26.82 -2.65 -20.95
C TYR C 43 -27.81 -3.76 -21.28
N LYS C 44 -27.72 -4.85 -20.51
CA LYS C 44 -28.59 -6.02 -20.69
C LYS C 44 -28.73 -6.45 -22.16
N ASN C 45 -27.59 -6.66 -22.83
CA ASN C 45 -27.53 -7.14 -24.22
C ASN C 45 -28.08 -6.16 -25.27
N ILE C 46 -28.16 -4.89 -24.89
CA ILE C 46 -28.47 -3.82 -25.83
C ILE C 46 -27.33 -2.82 -25.84
N SER C 47 -26.90 -2.47 -27.04
CA SER C 47 -25.92 -1.43 -27.24
C SER C 47 -26.66 -0.10 -27.51
N PHE C 48 -26.73 0.76 -26.49
CA PHE C 48 -27.37 2.07 -26.59
C PHE C 48 -26.34 3.09 -27.08
N THR C 49 -26.52 3.62 -28.28
CA THR C 49 -25.70 4.76 -28.72
C THR C 49 -26.40 6.02 -28.28
N VAL C 50 -25.81 6.71 -27.32
CA VAL C 50 -26.46 7.87 -26.70
C VAL C 50 -25.77 9.15 -27.16
N TRP C 51 -26.54 9.97 -27.89
CA TRP C 51 -26.12 11.32 -28.26
C TRP C 51 -26.56 12.31 -27.20
N ASP C 52 -25.57 12.88 -26.52
CA ASP C 52 -25.77 13.91 -25.51
C ASP C 52 -25.58 15.25 -26.22
N VAL C 53 -26.66 15.99 -26.36
CA VAL C 53 -26.69 17.20 -27.21
C VAL C 53 -26.91 18.44 -26.36
N GLY C 54 -26.08 19.46 -26.56
CA GLY C 54 -26.12 20.67 -25.73
C GLY C 54 -27.44 21.41 -25.75
N GLY C 55 -27.82 21.92 -24.58
CA GLY C 55 -29.12 22.56 -24.38
C GLY C 55 -29.11 24.07 -24.19
N LEU C 56 -27.96 24.72 -24.40
CA LEU C 56 -27.96 26.20 -24.32
C LEU C 56 -28.92 26.74 -25.37
N ASP C 57 -29.65 27.78 -25.02
CA ASP C 57 -30.70 28.31 -25.91
C ASP C 57 -30.24 28.53 -27.35
N LYS C 58 -29.05 29.12 -27.53
CA LYS C 58 -28.52 29.44 -28.87
C LYS C 58 -28.34 28.23 -29.76
N ILE C 59 -28.11 27.06 -29.17
CA ILE C 59 -27.88 25.85 -29.96
C ILE C 59 -29.04 24.86 -30.00
N ARG C 60 -30.17 25.22 -29.38
CA ARG C 60 -31.41 24.41 -29.48
C ARG C 60 -31.91 24.18 -30.92
N PRO C 61 -31.78 25.19 -31.81
CA PRO C 61 -32.09 24.95 -33.23
C PRO C 61 -31.36 23.76 -33.85
N LEU C 62 -30.22 23.38 -33.29
CA LEU C 62 -29.47 22.23 -33.80
C LEU C 62 -30.03 20.85 -33.41
N TRP C 63 -30.90 20.82 -32.41
CA TRP C 63 -31.46 19.56 -31.89
C TRP C 63 -32.08 18.76 -33.02
N ARG C 64 -32.88 19.43 -33.85
CA ARG C 64 -33.63 18.77 -34.91
C ARG C 64 -32.75 18.08 -35.96
N HIS C 65 -31.47 18.44 -36.02
CA HIS C 65 -30.53 17.73 -36.90
C HIS C 65 -30.04 16.38 -36.36
N TYR C 66 -30.47 16.02 -35.15
CA TYR C 66 -30.15 14.70 -34.59
C TYR C 66 -31.38 13.79 -34.57
N PHE C 67 -32.53 14.33 -35.01
CA PHE C 67 -33.83 13.64 -34.86
C PHE C 67 -33.93 12.39 -35.71
N GLN C 68 -33.53 12.50 -36.98
CA GLN C 68 -33.65 11.40 -37.93
C GLN C 68 -33.06 10.10 -37.37
N ASN C 69 -33.87 9.04 -37.40
CA ASN C 69 -33.48 7.68 -37.01
C ASN C 69 -33.33 7.45 -35.48
N THR C 70 -33.68 8.46 -34.69
CA THR C 70 -33.76 8.33 -33.24
C THR C 70 -34.87 7.34 -32.86
N GLN C 71 -34.53 6.35 -32.04
CA GLN C 71 -35.49 5.34 -31.57
C GLN C 71 -36.02 5.68 -30.17
N GLY C 72 -35.16 6.27 -29.35
CA GLY C 72 -35.52 6.68 -28.03
C GLY C 72 -35.04 8.08 -27.73
N LEU C 73 -35.92 8.87 -27.13
CA LEU C 73 -35.63 10.23 -26.76
C LEU C 73 -35.55 10.26 -25.24
N ILE C 74 -34.42 10.73 -24.71
CA ILE C 74 -34.33 11.03 -23.29
C ILE C 74 -34.39 12.54 -23.09
N PHE C 75 -35.41 13.00 -22.37
CA PHE C 75 -35.52 14.43 -22.04
C PHE C 75 -35.22 14.62 -20.57
N VAL C 76 -34.13 15.33 -20.29
CA VAL C 76 -33.64 15.53 -18.92
C VAL C 76 -34.09 16.90 -18.39
N VAL C 77 -34.71 16.90 -17.20
CA VAL C 77 -35.17 18.12 -16.56
C VAL C 77 -34.46 18.26 -15.23
N ASP C 78 -34.01 19.49 -14.94
CA ASP C 78 -33.54 19.86 -13.62
C ASP C 78 -34.76 20.13 -12.72
N SER C 79 -35.03 19.19 -11.81
CA SER C 79 -36.22 19.23 -10.97
C SER C 79 -36.15 20.32 -9.90
N ASN C 80 -34.98 20.92 -9.74
CA ASN C 80 -34.77 22.02 -8.81
C ASN C 80 -35.10 23.37 -9.47
N ASP C 81 -35.21 23.38 -10.80
CA ASP C 81 -35.34 24.61 -11.58
C ASP C 81 -36.80 24.94 -11.92
N ARG C 82 -37.53 25.45 -10.93
CA ARG C 82 -38.91 25.88 -11.13
C ARG C 82 -39.06 27.10 -12.02
N GLU C 83 -38.02 27.95 -12.10
CA GLU C 83 -38.06 29.13 -12.95
C GLU C 83 -38.09 28.78 -14.43
N ARG C 84 -37.48 27.66 -14.78
CA ARG C 84 -37.37 27.26 -16.18
C ARG C 84 -38.16 25.99 -16.57
N VAL C 85 -38.92 25.42 -15.62
CA VAL C 85 -39.74 24.23 -15.92
C VAL C 85 -40.75 24.46 -17.07
N ASN C 86 -41.35 25.65 -17.13
CA ASN C 86 -42.25 25.94 -18.25
C ASN C 86 -41.52 26.07 -19.58
N GLU C 87 -40.31 26.63 -19.53
CA GLU C 87 -39.44 26.71 -20.70
C GLU C 87 -39.07 25.31 -21.20
N ALA C 88 -38.71 24.43 -20.27
CA ALA C 88 -38.50 23.02 -20.57
C ALA C 88 -39.72 22.38 -21.24
N ARG C 89 -40.92 22.68 -20.72
CA ARG C 89 -42.17 22.15 -21.30
C ARG C 89 -42.32 22.63 -22.75
N GLU C 90 -42.09 23.93 -22.95
CA GLU C 90 -42.14 24.52 -24.28
C GLU C 90 -41.18 23.85 -25.26
N GLU C 91 -39.94 23.60 -24.83
CA GLU C 91 -38.97 22.94 -25.70
C GLU C 91 -39.33 21.49 -25.99
N LEU C 92 -39.87 20.80 -24.99
CA LEU C 92 -40.31 19.42 -25.19
C LEU C 92 -41.43 19.38 -26.25
N MET C 93 -42.44 20.21 -26.06
CA MET C 93 -43.58 20.22 -26.98
C MET C 93 -43.16 20.59 -28.41
N ARG C 94 -42.34 21.63 -28.57
CA ARG C 94 -41.79 21.99 -29.89
C ARG C 94 -41.09 20.82 -30.57
N MET C 95 -40.22 20.15 -29.82
CA MET C 95 -39.46 19.01 -30.34
C MET C 95 -40.36 17.85 -30.81
N LEU C 96 -41.29 17.45 -29.94
CA LEU C 96 -42.17 16.32 -30.21
C LEU C 96 -43.14 16.62 -31.38
N ALA C 97 -43.33 17.91 -31.66
CA ALA C 97 -44.16 18.34 -32.81
C ALA C 97 -43.49 18.08 -34.15
N GLU C 98 -42.19 17.75 -34.13
CA GLU C 98 -41.43 17.49 -35.33
C GLU C 98 -41.59 16.05 -35.78
N ASP C 99 -42.05 15.86 -37.01
CA ASP C 99 -42.47 14.54 -37.48
C ASP C 99 -41.34 13.52 -37.69
N GLU C 100 -40.07 13.96 -37.73
CA GLU C 100 -38.98 12.98 -37.77
C GLU C 100 -38.81 12.16 -36.48
N LEU C 101 -39.49 12.57 -35.40
CA LEU C 101 -39.47 11.81 -34.15
C LEU C 101 -40.73 10.98 -33.94
N ARG C 102 -41.53 10.82 -35.00
CA ARG C 102 -42.86 10.21 -34.90
C ARG C 102 -42.85 8.84 -34.21
N ASP C 103 -41.78 8.08 -34.45
CA ASP C 103 -41.68 6.71 -33.93
C ASP C 103 -40.79 6.58 -32.69
N ALA C 104 -40.22 7.68 -32.21
CA ALA C 104 -39.38 7.64 -31.00
C ALA C 104 -40.22 7.55 -29.72
N VAL C 105 -39.77 6.71 -28.80
CA VAL C 105 -40.35 6.66 -27.47
C VAL C 105 -39.70 7.75 -26.60
N LEU C 106 -40.42 8.19 -25.58
CA LEU C 106 -39.95 9.28 -24.74
C LEU C 106 -39.72 8.88 -23.29
N LEU C 107 -38.47 8.97 -22.87
CA LEU C 107 -38.13 8.85 -21.47
C LEU C 107 -37.78 10.21 -20.88
N VAL C 108 -38.51 10.60 -19.84
CA VAL C 108 -38.20 11.83 -19.11
C VAL C 108 -37.45 11.46 -17.83
N PHE C 109 -36.27 12.05 -17.66
CA PHE C 109 -35.53 11.95 -16.41
C PHE C 109 -35.79 13.21 -15.62
N ALA C 110 -36.49 13.07 -14.51
CA ALA C 110 -36.67 14.17 -13.57
C ALA C 110 -35.44 14.16 -12.62
N ASN C 111 -34.39 14.86 -13.05
CA ASN C 111 -33.06 14.80 -12.45
C ASN C 111 -32.85 15.75 -11.26
N LYS C 112 -31.76 15.54 -10.50
CA LYS C 112 -31.41 16.36 -9.32
C LYS C 112 -32.40 16.20 -8.16
N GLN C 113 -32.89 14.96 -8.00
CA GLN C 113 -33.81 14.63 -6.92
C GLN C 113 -33.17 14.76 -5.53
N ASP C 114 -31.84 14.72 -5.50
CA ASP C 114 -31.07 14.91 -4.27
C ASP C 114 -31.22 16.32 -3.67
N LEU C 115 -31.60 17.29 -4.50
CA LEU C 115 -31.64 18.69 -4.09
C LEU C 115 -32.90 19.02 -3.29
N PRO C 116 -32.75 19.87 -2.24
CA PRO C 116 -33.86 20.27 -1.38
C PRO C 116 -35.08 20.77 -2.16
N ASN C 117 -36.27 20.27 -1.78
CA ASN C 117 -37.56 20.64 -2.40
C ASN C 117 -37.63 20.48 -3.93
N ALA C 118 -36.76 19.64 -4.50
CA ALA C 118 -36.87 19.32 -5.92
C ALA C 118 -38.28 18.83 -6.23
N MET C 119 -38.81 19.26 -7.37
CA MET C 119 -40.12 18.81 -7.83
C MET C 119 -40.05 17.31 -8.06
N ASN C 120 -41.02 16.56 -7.52
CA ASN C 120 -41.02 15.11 -7.72
C ASN C 120 -41.54 14.72 -9.11
N ALA C 121 -41.45 13.44 -9.46
CA ALA C 121 -41.89 12.97 -10.79
C ALA C 121 -43.35 13.32 -11.10
N ALA C 122 -44.22 13.28 -10.08
CA ALA C 122 -45.64 13.62 -10.27
C ALA C 122 -45.79 15.08 -10.67
N GLU C 123 -45.07 15.96 -9.97
CA GLU C 123 -45.12 17.38 -10.28
C GLU C 123 -44.58 17.71 -11.69
N ILE C 124 -43.44 17.11 -12.02
CA ILE C 124 -42.81 17.24 -13.34
C ILE C 124 -43.76 16.73 -14.44
N THR C 125 -44.38 15.57 -14.21
CA THR C 125 -45.42 15.06 -15.13
C THR C 125 -46.46 16.15 -15.43
N ASP C 126 -46.93 16.81 -14.38
CA ASP C 126 -47.92 17.88 -14.50
C ASP C 126 -47.34 19.13 -15.20
N LYS C 127 -46.19 19.59 -14.72
CA LYS C 127 -45.55 20.80 -15.24
C LYS C 127 -45.12 20.70 -16.72
N LEU C 128 -44.84 19.48 -17.19
CA LEU C 128 -44.46 19.24 -18.58
C LEU C 128 -45.63 18.82 -19.47
N GLY C 129 -46.83 18.68 -18.90
CA GLY C 129 -48.05 18.32 -19.65
C GLY C 129 -47.98 16.98 -20.36
N LEU C 130 -47.27 16.04 -19.74
CA LEU C 130 -47.06 14.73 -20.33
C LEU C 130 -48.36 14.00 -20.71
N HIS C 131 -49.40 14.13 -19.88
CA HIS C 131 -50.69 13.48 -20.19
C HIS C 131 -51.38 14.07 -21.45
N SER C 132 -50.90 15.22 -21.92
CA SER C 132 -51.41 15.82 -23.16
C SER C 132 -50.80 15.21 -24.40
N LEU C 133 -49.75 14.41 -24.25
CA LEU C 133 -49.09 13.75 -25.38
C LEU C 133 -49.97 12.63 -25.96
N ARG C 134 -50.03 12.57 -27.29
CA ARG C 134 -50.75 11.50 -27.97
C ARG C 134 -49.82 10.71 -28.88
N HIS C 135 -50.22 9.47 -29.18
CA HIS C 135 -49.52 8.58 -30.12
C HIS C 135 -48.04 8.40 -29.79
N ARG C 136 -47.74 8.22 -28.51
CA ARG C 136 -46.35 8.05 -28.08
C ARG C 136 -46.29 7.38 -26.72
N ASN C 137 -45.47 6.34 -26.63
CA ASN C 137 -45.14 5.74 -25.35
C ASN C 137 -44.19 6.66 -24.60
N TRP C 138 -44.56 7.05 -23.38
CA TRP C 138 -43.71 7.90 -22.55
C TRP C 138 -43.62 7.40 -21.12
N TYR C 139 -42.50 7.69 -20.49
CA TYR C 139 -42.26 7.25 -19.10
C TYR C 139 -41.45 8.31 -18.39
N ILE C 140 -41.82 8.59 -17.14
CA ILE C 140 -41.07 9.52 -16.33
C ILE C 140 -40.33 8.76 -15.20
N GLN C 141 -39.05 9.07 -15.07
CA GLN C 141 -38.19 8.42 -14.11
C GLN C 141 -37.44 9.46 -13.28
N ALA C 142 -37.66 9.45 -11.97
CA ALA C 142 -36.93 10.32 -11.06
C ALA C 142 -35.48 9.83 -11.02
N THR C 143 -34.53 10.76 -11.09
CA THR C 143 -33.11 10.40 -11.10
C THR C 143 -32.27 11.32 -10.23
N CYS C 144 -31.10 10.81 -9.84
CA CYS C 144 -30.02 11.62 -9.31
C CYS C 144 -28.82 11.14 -10.08
N ALA C 145 -28.34 11.99 -10.99
CA ALA C 145 -27.25 11.62 -11.88
C ALA C 145 -25.96 11.32 -11.11
N THR C 146 -25.75 12.05 -10.03
CA THR C 146 -24.49 11.92 -9.27
C THR C 146 -24.41 10.61 -8.47
N SER C 147 -25.52 10.15 -7.90
CA SER C 147 -25.52 8.83 -7.26
C SER C 147 -25.81 7.70 -8.25
N GLY C 148 -26.46 8.05 -9.36
CA GLY C 148 -26.87 7.07 -10.36
C GLY C 148 -28.28 6.53 -10.18
N ASP C 149 -28.95 6.96 -9.11
CA ASP C 149 -30.28 6.44 -8.79
C ASP C 149 -31.25 6.74 -9.94
N GLY C 150 -32.05 5.74 -10.31
CA GLY C 150 -33.08 5.92 -11.35
C GLY C 150 -32.60 5.67 -12.78
N LEU C 151 -31.29 5.78 -13.02
CA LEU C 151 -30.76 5.70 -14.40
C LEU C 151 -30.93 4.33 -15.04
N TYR C 152 -30.64 3.28 -14.29
CA TYR C 152 -30.77 1.92 -14.81
C TYR C 152 -32.22 1.56 -15.11
N GLU C 153 -33.14 2.02 -14.27
CA GLU C 153 -34.56 1.73 -14.49
C GLU C 153 -35.08 2.46 -15.73
N GLY C 154 -34.56 3.66 -15.99
CA GLY C 154 -34.83 4.36 -17.26
C GLY C 154 -34.41 3.47 -18.44
N LEU C 155 -33.22 2.88 -18.35
CA LEU C 155 -32.72 1.96 -19.36
C LEU C 155 -33.52 0.68 -19.46
N ASP C 156 -34.08 0.24 -18.32
CA ASP C 156 -34.99 -0.91 -18.31
C ASP C 156 -36.21 -0.61 -19.16
N TRP C 157 -36.79 0.56 -18.97
CA TRP C 157 -37.99 0.95 -19.74
C TRP C 157 -37.70 1.05 -21.23
N LEU C 158 -36.59 1.69 -21.59
CA LEU C 158 -36.14 1.75 -22.98
C LEU C 158 -35.91 0.36 -23.59
N SER C 159 -35.30 -0.55 -22.83
CA SER C 159 -35.07 -1.91 -23.29
C SER C 159 -36.37 -2.60 -23.66
N ASN C 160 -37.38 -2.44 -22.80
CA ASN C 160 -38.69 -3.03 -23.01
C ASN C 160 -39.38 -2.44 -24.25
N GLN C 161 -39.26 -1.12 -24.44
CA GLN C 161 -39.80 -0.47 -25.64
C GLN C 161 -39.19 -1.00 -26.92
N LEU C 162 -37.87 -1.28 -26.88
CA LEU C 162 -37.16 -1.83 -28.02
C LEU C 162 -37.62 -3.27 -28.29
N ARG C 163 -37.68 -4.06 -27.23
CA ARG C 163 -38.18 -5.44 -27.27
C ARG C 163 -39.59 -5.51 -27.84
N ASN C 164 -40.45 -4.58 -27.41
CA ASN C 164 -41.86 -4.59 -27.80
C ASN C 164 -42.13 -4.09 -29.23
N GLN C 165 -41.07 -3.65 -29.91
CA GLN C 165 -41.14 -3.32 -31.33
C GLN C 165 -40.66 -4.52 -32.16
N GLY D 1 -1.94 -13.41 26.93
CA GLY D 1 -2.96 -13.58 28.02
C GLY D 1 -2.98 -14.96 28.67
N SER D 2 -3.52 -15.94 27.96
CA SER D 2 -3.61 -17.31 28.43
C SER D 2 -3.09 -18.27 27.37
N MET D 3 -2.62 -19.44 27.80
CA MET D 3 -2.18 -20.46 26.84
C MET D 3 -2.45 -21.86 27.36
N ARG D 4 -3.18 -22.63 26.57
CA ARG D 4 -3.49 -24.01 26.95
C ARG D 4 -2.40 -24.95 26.45
N ILE D 5 -1.80 -25.64 27.42
CA ILE D 5 -0.67 -26.52 27.17
C ILE D 5 -1.03 -27.97 27.44
N LEU D 6 -0.71 -28.83 26.48
CA LEU D 6 -0.78 -30.25 26.71
C LEU D 6 0.64 -30.80 26.81
N MET D 7 0.94 -31.39 27.97
CA MET D 7 2.26 -31.96 28.22
C MET D 7 2.18 -33.49 28.21
N VAL D 8 2.84 -34.08 27.23
CA VAL D 8 2.79 -35.54 27.03
C VAL D 8 4.17 -36.12 26.77
N GLY D 9 4.23 -37.44 26.69
CA GLY D 9 5.49 -38.14 26.49
C GLY D 9 5.38 -39.47 27.19
N LEU D 10 6.35 -40.35 26.94
CA LEU D 10 6.35 -41.67 27.58
C LEU D 10 6.35 -41.55 29.11
N ASP D 11 5.89 -42.61 29.76
CA ASP D 11 5.90 -42.69 31.21
C ASP D 11 7.34 -42.54 31.68
N ALA D 12 7.51 -41.95 32.87
CA ALA D 12 8.80 -41.77 33.52
C ALA D 12 9.67 -40.65 32.93
N ALA D 13 9.15 -39.94 31.93
CA ALA D 13 9.92 -38.87 31.23
C ALA D 13 10.30 -37.69 32.13
N GLY D 14 9.43 -37.38 33.09
CA GLY D 14 9.65 -36.28 34.04
C GLY D 14 8.56 -35.21 34.02
N LYS D 15 7.41 -35.55 33.45
CA LYS D 15 6.33 -34.59 33.21
C LYS D 15 5.71 -34.02 34.49
N THR D 16 5.28 -34.87 35.41
CA THR D 16 4.70 -34.41 36.66
C THR D 16 5.72 -33.62 37.47
N THR D 17 6.96 -34.10 37.47
CA THR D 17 8.09 -33.41 38.11
C THR D 17 8.23 -31.98 37.58
N ILE D 18 8.19 -31.83 36.25
CA ILE D 18 8.26 -30.52 35.61
C ILE D 18 7.10 -29.64 36.03
N LEU D 19 5.89 -30.21 36.05
CA LEU D 19 4.69 -29.45 36.38
C LEU D 19 4.82 -28.79 37.74
N TYR D 20 5.20 -29.57 38.75
CA TYR D 20 5.23 -29.06 40.12
C TYR D 20 6.52 -28.33 40.48
N LYS D 21 7.59 -28.56 39.73
CA LYS D 21 8.77 -27.68 39.80
C LYS D 21 8.36 -26.27 39.39
N LEU D 22 7.56 -26.17 38.32
CA LEU D 22 7.10 -24.86 37.85
C LEU D 22 6.02 -24.26 38.74
N LYS D 23 5.08 -25.09 39.18
CA LYS D 23 3.92 -24.60 39.94
C LYS D 23 4.27 -24.26 41.40
N LEU D 24 5.11 -25.08 42.02
CA LEU D 24 5.35 -25.01 43.47
C LEU D 24 6.80 -24.71 43.83
N GLY D 25 7.69 -24.72 42.83
CA GLY D 25 9.12 -24.56 43.05
C GLY D 25 9.73 -25.70 43.84
N GLU D 26 9.07 -26.86 43.82
CA GLU D 26 9.51 -28.03 44.57
C GLU D 26 9.86 -29.19 43.65
N ILE D 27 10.70 -30.08 44.16
CA ILE D 27 10.88 -31.40 43.56
C ILE D 27 9.94 -32.34 44.30
N VAL D 28 8.77 -32.60 43.72
CA VAL D 28 7.75 -33.39 44.41
C VAL D 28 7.97 -34.90 44.28
N THR D 29 7.48 -35.63 45.28
CA THR D 29 7.35 -37.08 45.20
C THR D 29 6.28 -37.39 44.17
N THR D 30 6.58 -38.32 43.25
CA THR D 30 5.61 -38.75 42.23
C THR D 30 5.44 -40.27 42.19
N ILE D 31 4.32 -40.70 41.62
CA ILE D 31 4.11 -42.07 41.17
C ILE D 31 3.64 -41.97 39.70
N PRO D 32 3.62 -43.11 38.95
CA PRO D 32 3.08 -42.97 37.58
C PRO D 32 1.66 -42.41 37.59
N THR D 33 1.41 -41.41 36.73
CA THR D 33 0.13 -40.69 36.68
C THR D 33 -0.88 -41.49 35.85
N ILE D 34 -1.87 -42.06 36.55
CA ILE D 34 -2.95 -42.80 35.87
C ILE D 34 -4.11 -41.84 35.82
N GLY D 35 -4.15 -41.08 34.73
CA GLY D 35 -4.99 -39.91 34.62
C GLY D 35 -4.17 -38.70 34.20
N PHE D 36 -4.32 -37.61 34.95
CA PHE D 36 -3.70 -36.33 34.63
C PHE D 36 -3.60 -35.47 35.88
N ASN D 37 -2.70 -34.49 35.82
CA ASN D 37 -2.72 -33.36 36.73
C ASN D 37 -2.86 -32.11 35.89
N VAL D 38 -3.53 -31.09 36.43
CA VAL D 38 -3.64 -29.82 35.72
C VAL D 38 -3.42 -28.65 36.68
N GLU D 39 -2.53 -27.75 36.26
CA GLU D 39 -2.23 -26.55 37.02
C GLU D 39 -2.03 -25.37 36.10
N THR D 40 -2.34 -24.19 36.61
CA THR D 40 -2.07 -22.94 35.93
C THR D 40 -0.77 -22.35 36.46
N VAL D 41 0.15 -22.02 35.54
CA VAL D 41 1.46 -21.44 35.86
C VAL D 41 1.49 -20.03 35.29
N GLU D 42 1.66 -19.03 36.16
CA GLU D 42 1.76 -17.65 35.70
C GLU D 42 3.24 -17.34 35.43
N TYR D 43 3.54 -16.89 34.21
CA TYR D 43 4.91 -16.59 33.81
C TYR D 43 4.91 -15.47 32.78
N LYS D 44 5.63 -14.39 33.08
CA LYS D 44 5.74 -13.22 32.21
C LYS D 44 4.40 -12.78 31.60
N ASN D 45 3.41 -12.57 32.47
CA ASN D 45 2.07 -12.08 32.08
C ASN D 45 1.23 -13.08 31.26
N ILE D 46 1.65 -14.33 31.22
CA ILE D 46 0.87 -15.40 30.60
C ILE D 46 0.42 -16.41 31.65
N SER D 47 -0.86 -16.74 31.63
CA SER D 47 -1.41 -17.79 32.45
C SER D 47 -1.38 -19.09 31.64
N PHE D 48 -0.38 -19.92 31.88
CA PHE D 48 -0.28 -21.22 31.20
C PHE D 48 -1.10 -22.26 31.96
N THR D 49 -2.16 -22.77 31.34
CA THR D 49 -2.88 -23.90 31.90
C THR D 49 -2.25 -25.16 31.33
N VAL D 50 -1.57 -25.91 32.19
CA VAL D 50 -0.75 -27.05 31.78
C VAL D 50 -1.38 -28.38 32.21
N TRP D 51 -1.80 -29.16 31.23
CA TRP D 51 -2.29 -30.52 31.45
C TRP D 51 -1.14 -31.53 31.35
N ASP D 52 -0.81 -32.14 32.49
CA ASP D 52 0.21 -33.16 32.60
C ASP D 52 -0.52 -34.49 32.52
N VAL D 53 -0.36 -35.20 31.42
CA VAL D 53 -1.13 -36.41 31.12
C VAL D 53 -0.24 -37.65 31.24
N GLY D 54 -0.76 -38.71 31.87
CA GLY D 54 0.02 -39.94 32.02
C GLY D 54 0.40 -40.59 30.70
N GLY D 55 1.61 -41.12 30.64
CA GLY D 55 2.15 -41.71 29.41
C GLY D 55 2.40 -43.21 29.43
N LEU D 56 1.91 -43.89 30.47
CA LEU D 56 1.97 -45.35 30.55
C LEU D 56 1.22 -45.92 29.35
N ASP D 57 1.79 -46.96 28.74
CA ASP D 57 1.31 -47.48 27.45
C ASP D 57 -0.21 -47.70 27.40
N LYS D 58 -0.72 -48.41 28.40
CA LYS D 58 -2.14 -48.72 28.57
C LYS D 58 -3.09 -47.52 28.53
N ILE D 59 -2.60 -46.33 28.88
CA ILE D 59 -3.48 -45.14 28.91
C ILE D 59 -3.16 -44.07 27.85
N ARG D 60 -2.16 -44.35 27.02
CA ARG D 60 -1.86 -43.49 25.86
C ARG D 60 -3.02 -43.27 24.92
N PRO D 61 -3.88 -44.29 24.69
CA PRO D 61 -5.11 -44.05 23.93
C PRO D 61 -6.00 -42.92 24.45
N LEU D 62 -5.82 -42.52 25.71
CA LEU D 62 -6.62 -41.44 26.29
C LEU D 62 -6.10 -40.04 25.95
N TRP D 63 -4.90 -39.96 25.39
CA TRP D 63 -4.29 -38.68 24.99
C TRP D 63 -5.21 -37.82 24.13
N ARG D 64 -5.93 -38.43 23.19
CA ARG D 64 -6.83 -37.68 22.30
C ARG D 64 -7.94 -36.90 23.03
N HIS D 65 -8.32 -37.34 24.23
CA HIS D 65 -9.31 -36.62 25.04
C HIS D 65 -8.83 -35.25 25.52
N TYR D 66 -7.53 -35.00 25.41
CA TYR D 66 -6.94 -33.74 25.86
C TYR D 66 -6.54 -32.81 24.72
N PHE D 67 -6.65 -33.29 23.47
CA PHE D 67 -6.17 -32.54 22.28
C PHE D 67 -6.92 -31.23 22.02
N GLN D 68 -8.25 -31.26 22.14
CA GLN D 68 -9.07 -30.11 21.82
C GLN D 68 -8.60 -28.83 22.52
N ASN D 69 -8.41 -27.78 21.73
CA ASN D 69 -8.05 -26.45 22.20
C ASN D 69 -6.59 -26.26 22.64
N THR D 70 -5.75 -27.27 22.41
CA THR D 70 -4.34 -27.20 22.76
C THR D 70 -3.63 -26.12 21.91
N GLN D 71 -2.94 -25.20 22.57
CA GLN D 71 -2.19 -24.16 21.85
C GLN D 71 -0.70 -24.46 21.74
N GLY D 72 -0.15 -25.06 22.77
CA GLY D 72 1.22 -25.52 22.76
C GLY D 72 1.27 -26.94 23.25
N LEU D 73 2.08 -27.75 22.58
CA LEU D 73 2.32 -29.14 22.96
C LEU D 73 3.71 -29.23 23.56
N ILE D 74 3.81 -29.72 24.79
CA ILE D 74 5.13 -29.99 25.37
C ILE D 74 5.33 -31.48 25.34
N PHE D 75 6.31 -31.92 24.55
CA PHE D 75 6.61 -33.33 24.49
C PHE D 75 7.90 -33.57 25.28
N VAL D 76 7.78 -34.30 26.39
CA VAL D 76 8.93 -34.56 27.28
C VAL D 76 9.58 -35.93 26.98
N VAL D 77 10.90 -35.93 26.83
CA VAL D 77 11.68 -37.13 26.50
C VAL D 77 12.70 -37.38 27.62
N ASP D 78 12.76 -38.62 28.10
CA ASP D 78 13.87 -39.07 28.95
C ASP D 78 15.12 -39.28 28.07
N SER D 79 16.07 -38.35 28.18
CA SER D 79 17.26 -38.34 27.35
C SER D 79 18.23 -39.46 27.70
N ASN D 80 17.99 -40.08 28.86
CA ASN D 80 18.75 -41.26 29.28
C ASN D 80 18.18 -42.57 28.70
N ASP D 81 16.96 -42.51 28.15
CA ASP D 81 16.25 -43.70 27.69
C ASP D 81 16.43 -43.96 26.19
N ARG D 82 17.60 -44.49 25.82
CA ARG D 82 17.91 -44.82 24.43
C ARG D 82 17.05 -45.95 23.86
N GLU D 83 16.71 -46.92 24.71
CA GLU D 83 15.86 -48.06 24.31
C GLU D 83 14.50 -47.62 23.78
N ARG D 84 14.00 -46.50 24.32
CA ARG D 84 12.65 -46.07 24.00
C ARG D 84 12.56 -44.76 23.21
N VAL D 85 13.71 -44.23 22.76
CA VAL D 85 13.71 -42.96 22.04
C VAL D 85 12.92 -43.05 20.72
N ASN D 86 13.08 -44.17 20.01
CA ASN D 86 12.34 -44.36 18.77
C ASN D 86 10.83 -44.52 18.99
N GLU D 87 10.47 -45.19 20.08
CA GLU D 87 9.07 -45.32 20.51
C GLU D 87 8.47 -43.94 20.83
N ALA D 88 9.24 -43.09 21.49
CA ALA D 88 8.85 -41.70 21.70
C ALA D 88 8.61 -40.96 20.38
N ARG D 89 9.50 -41.16 19.41
CA ARG D 89 9.33 -40.60 18.07
C ARG D 89 8.01 -41.05 17.42
N GLU D 90 7.72 -42.35 17.48
CA GLU D 90 6.48 -42.85 16.89
C GLU D 90 5.23 -42.21 17.52
N GLU D 91 5.23 -42.09 18.84
CA GLU D 91 4.12 -41.49 19.58
C GLU D 91 3.94 -40.01 19.24
N LEU D 92 5.05 -39.29 19.15
CA LEU D 92 5.02 -37.88 18.77
C LEU D 92 4.48 -37.66 17.35
N MET D 93 5.03 -38.40 16.39
CA MET D 93 4.59 -38.28 14.99
C MET D 93 3.10 -38.61 14.82
N ARG D 94 2.66 -39.68 15.48
CA ARG D 94 1.24 -40.08 15.55
C ARG D 94 0.35 -38.91 15.99
N MET D 95 0.73 -38.30 17.10
CA MET D 95 0.02 -37.18 17.71
C MET D 95 -0.07 -36.00 16.75
N LEU D 96 1.04 -35.71 16.08
CA LEU D 96 1.13 -34.54 15.19
C LEU D 96 0.33 -34.70 13.88
N ALA D 97 -0.21 -35.89 13.65
CA ALA D 97 -1.12 -36.15 12.51
C ALA D 97 -2.58 -35.83 12.84
N GLU D 98 -2.84 -35.52 14.11
CA GLU D 98 -4.21 -35.35 14.60
C GLU D 98 -4.77 -33.97 14.31
N ASP D 99 -6.02 -33.96 13.84
CA ASP D 99 -6.69 -32.73 13.39
C ASP D 99 -6.74 -31.67 14.49
N GLU D 100 -7.05 -32.11 15.71
CA GLU D 100 -7.22 -31.21 16.85
C GLU D 100 -5.90 -30.56 17.29
N LEU D 101 -4.78 -31.11 16.83
CA LEU D 101 -3.46 -30.55 17.15
C LEU D 101 -2.81 -29.75 16.02
N ARG D 102 -3.59 -29.47 14.95
CA ARG D 102 -3.10 -28.81 13.74
C ARG D 102 -2.38 -27.48 13.97
N ASP D 103 -2.92 -26.64 14.83
CA ASP D 103 -2.36 -25.31 15.07
C ASP D 103 -1.44 -25.20 16.30
N ALA D 104 -1.22 -26.32 16.98
CA ALA D 104 -0.39 -26.34 18.19
C ALA D 104 1.09 -26.20 17.86
N VAL D 105 1.78 -25.31 18.57
CA VAL D 105 3.24 -25.26 18.47
C VAL D 105 3.83 -26.40 19.31
N LEU D 106 5.06 -26.81 19.01
CA LEU D 106 5.66 -27.97 19.69
C LEU D 106 6.96 -27.60 20.42
N LEU D 107 6.95 -27.77 21.74
CA LEU D 107 8.17 -27.66 22.53
C LEU D 107 8.57 -29.05 22.99
N VAL D 108 9.80 -29.45 22.66
CA VAL D 108 10.36 -30.72 23.13
C VAL D 108 11.34 -30.42 24.27
N PHE D 109 11.10 -31.04 25.42
CA PHE D 109 12.02 -30.94 26.54
C PHE D 109 12.86 -32.20 26.52
N ALA D 110 14.15 -32.06 26.22
CA ALA D 110 15.07 -33.17 26.28
C ALA D 110 15.53 -33.26 27.73
N ASN D 111 14.75 -33.99 28.52
CA ASN D 111 14.88 -33.98 29.98
C ASN D 111 15.90 -34.99 30.54
N LYS D 112 16.25 -34.80 31.82
CA LYS D 112 17.21 -35.65 32.53
C LYS D 112 18.62 -35.50 31.96
N GLN D 113 18.99 -34.25 31.66
CA GLN D 113 20.33 -33.94 31.16
C GLN D 113 21.42 -34.13 32.24
N ASP D 114 21.00 -34.15 33.50
CA ASP D 114 21.91 -34.44 34.63
C ASP D 114 22.49 -35.85 34.62
N LEU D 115 21.83 -36.77 33.92
CA LEU D 115 22.21 -38.18 33.93
C LEU D 115 23.39 -38.46 33.00
N PRO D 116 24.34 -39.29 33.47
CA PRO D 116 25.52 -39.67 32.68
C PRO D 116 25.18 -40.18 31.29
N ASN D 117 25.94 -39.70 30.30
CA ASN D 117 25.77 -40.07 28.88
C ASN D 117 24.38 -39.80 28.29
N ALA D 118 23.57 -38.98 28.97
CA ALA D 118 22.26 -38.58 28.42
C ALA D 118 22.42 -38.00 27.02
N MET D 119 21.53 -38.41 26.11
CA MET D 119 21.53 -37.88 24.76
C MET D 119 21.34 -36.38 24.84
N ASN D 120 22.18 -35.62 24.12
CA ASN D 120 22.05 -34.17 24.12
C ASN D 120 20.91 -33.74 23.19
N ALA D 121 20.58 -32.46 23.20
CA ALA D 121 19.51 -31.92 22.35
C ALA D 121 19.71 -32.18 20.86
N ALA D 122 20.95 -32.07 20.37
CA ALA D 122 21.23 -32.33 18.95
C ALA D 122 20.88 -33.77 18.58
N GLU D 123 21.28 -34.71 19.45
CA GLU D 123 20.99 -36.14 19.25
C GLU D 123 19.49 -36.44 19.29
N ILE D 124 18.80 -35.90 20.28
CA ILE D 124 17.33 -36.03 20.38
C ILE D 124 16.61 -35.43 19.15
N THR D 125 17.07 -34.27 18.69
CA THR D 125 16.58 -33.69 17.43
C THR D 125 16.65 -34.68 16.25
N ASP D 126 17.81 -35.32 16.11
CA ASP D 126 18.02 -36.32 15.07
C ASP D 126 17.17 -37.58 15.26
N LYS D 127 17.19 -38.15 16.47
CA LYS D 127 16.44 -39.37 16.78
C LYS D 127 14.91 -39.20 16.66
N LEU D 128 14.39 -38.01 16.97
CA LEU D 128 12.97 -37.77 16.78
C LEU D 128 12.60 -37.26 15.38
N GLY D 129 13.59 -36.94 14.56
CA GLY D 129 13.36 -36.48 13.19
C GLY D 129 12.64 -35.14 13.16
N LEU D 130 13.01 -34.27 14.08
CA LEU D 130 12.32 -32.98 14.23
C LEU D 130 12.42 -32.05 13.00
N HIS D 131 13.53 -32.13 12.26
CA HIS D 131 13.69 -31.31 11.05
C HIS D 131 12.69 -31.59 9.94
N SER D 132 12.07 -32.78 9.98
CA SER D 132 11.00 -33.12 9.03
C SER D 132 9.71 -32.34 9.28
N LEU D 133 9.61 -31.68 10.44
CA LEU D 133 8.52 -30.78 10.72
C LEU D 133 8.95 -29.40 10.19
N ARG D 134 8.40 -29.03 9.04
CA ARG D 134 8.77 -27.77 8.39
C ARG D 134 7.77 -26.68 8.68
N HIS D 135 6.50 -27.05 8.72
CA HIS D 135 5.41 -26.08 8.76
C HIS D 135 4.81 -25.87 10.15
N ARG D 136 5.22 -26.70 11.10
CA ARG D 136 4.82 -26.49 12.49
C ARG D 136 6.02 -25.94 13.24
N ASN D 137 5.83 -24.83 13.94
CA ASN D 137 6.88 -24.28 14.79
C ASN D 137 7.22 -25.25 15.91
N TRP D 138 8.49 -25.62 15.94
CA TRP D 138 8.97 -26.50 16.99
C TRP D 138 10.25 -25.96 17.60
N TYR D 139 10.48 -26.34 18.85
CA TYR D 139 11.72 -25.98 19.56
C TYR D 139 12.13 -27.10 20.50
N ILE D 140 13.42 -27.41 20.51
CA ILE D 140 13.97 -28.35 21.46
C ILE D 140 14.79 -27.64 22.54
N GLN D 141 14.49 -27.98 23.80
CA GLN D 141 15.14 -27.40 24.97
C GLN D 141 15.67 -28.51 25.88
N ALA D 142 16.96 -28.46 26.18
CA ALA D 142 17.56 -29.36 27.15
C ALA D 142 17.12 -28.94 28.56
N THR D 143 16.74 -29.92 29.38
CA THR D 143 16.26 -29.66 30.73
C THR D 143 16.80 -30.63 31.76
N CYS D 144 16.83 -30.18 33.00
CA CYS D 144 16.90 -31.02 34.17
C CYS D 144 15.74 -30.59 35.04
N ALA D 145 14.72 -31.43 35.13
CA ALA D 145 13.51 -31.07 35.85
C ALA D 145 13.76 -30.83 37.34
N THR D 146 14.70 -31.58 37.91
CA THR D 146 14.97 -31.51 39.35
C THR D 146 15.69 -30.21 39.75
N SER D 147 16.65 -29.78 38.95
CA SER D 147 17.28 -28.47 39.12
C SER D 147 16.44 -27.30 38.57
N GLY D 148 15.63 -27.57 37.55
CA GLY D 148 14.82 -26.53 36.91
C GLY D 148 15.48 -25.92 35.69
N ASP D 149 16.73 -26.30 35.43
CA ASP D 149 17.49 -25.82 34.27
C ASP D 149 16.76 -26.07 32.95
N GLY D 150 16.65 -25.02 32.13
CA GLY D 150 15.99 -25.12 30.84
C GLY D 150 14.50 -24.84 30.82
N LEU D 151 13.82 -25.03 31.95
CA LEU D 151 12.36 -24.98 31.99
C LEU D 151 11.81 -23.60 31.63
N TYR D 152 12.42 -22.56 32.20
CA TYR D 152 11.98 -21.20 31.93
C TYR D 152 12.19 -20.77 30.47
N GLU D 153 13.32 -21.16 29.89
CA GLU D 153 13.59 -20.83 28.49
C GLU D 153 12.58 -21.50 27.55
N GLY D 154 12.15 -22.72 27.88
CA GLY D 154 11.01 -23.35 27.19
C GLY D 154 9.75 -22.48 27.27
N LEU D 155 9.43 -21.98 28.47
CA LEU D 155 8.31 -21.04 28.63
C LEU D 155 8.52 -19.71 27.88
N ASP D 156 9.78 -19.27 27.77
CA ASP D 156 10.13 -18.10 26.95
C ASP D 156 9.72 -18.32 25.50
N TRP D 157 10.04 -19.50 24.98
CA TRP D 157 9.71 -19.83 23.61
C TRP D 157 8.20 -19.87 23.35
N LEU D 158 7.46 -20.59 24.21
CA LEU D 158 6.00 -20.65 24.11
C LEU D 158 5.34 -19.26 24.19
N SER D 159 5.87 -18.40 25.06
CA SER D 159 5.42 -17.02 25.20
C SER D 159 5.54 -16.25 23.88
N ASN D 160 6.70 -16.41 23.24
CA ASN D 160 6.94 -15.80 21.94
C ASN D 160 5.98 -16.33 20.88
N GLN D 161 5.72 -17.64 20.93
CA GLN D 161 4.82 -18.29 19.98
C GLN D 161 3.38 -17.77 20.09
N LEU D 162 2.94 -17.55 21.33
CA LEU D 162 1.60 -17.03 21.57
C LEU D 162 1.48 -15.62 21.01
N ARG D 163 2.47 -14.77 21.32
CA ARG D 163 2.47 -13.38 20.88
C ARG D 163 2.51 -13.27 19.36
N ASN D 164 3.36 -14.07 18.72
CA ASN D 164 3.50 -14.05 17.26
C ASN D 164 2.25 -14.45 16.47
N GLN D 165 1.33 -15.16 17.13
CA GLN D 165 0.02 -15.45 16.56
C GLN D 165 -0.85 -14.20 16.54
N GLY E 1 38.53 25.49 4.75
CA GLY E 1 39.22 26.80 4.99
C GLY E 1 39.51 27.59 3.71
N SER E 2 40.43 27.10 2.89
CA SER E 2 40.77 27.73 1.61
C SER E 2 40.73 26.74 0.44
N MET E 3 40.43 27.24 -0.75
CA MET E 3 40.46 26.41 -1.95
C MET E 3 40.89 27.23 -3.16
N ARG E 4 41.91 26.75 -3.87
CA ARG E 4 42.41 27.44 -5.06
C ARG E 4 41.75 26.89 -6.32
N ILE E 5 41.09 27.79 -7.04
CA ILE E 5 40.26 27.43 -8.17
C ILE E 5 40.79 28.06 -9.44
N LEU E 6 40.89 27.23 -10.47
CA LEU E 6 41.19 27.70 -11.81
C LEU E 6 39.93 27.62 -12.63
N MET E 7 39.50 28.76 -13.15
CA MET E 7 38.34 28.80 -14.03
C MET E 7 38.75 29.11 -15.47
N VAL E 8 38.51 28.14 -16.34
CA VAL E 8 38.88 28.22 -17.75
C VAL E 8 37.71 27.79 -18.62
N GLY E 9 37.91 27.86 -19.93
CA GLY E 9 36.87 27.56 -20.91
C GLY E 9 37.12 28.47 -22.09
N LEU E 10 36.46 28.22 -23.22
CA LEU E 10 36.59 29.08 -24.39
C LEU E 10 36.22 30.52 -24.08
N ASP E 11 36.75 31.45 -24.88
CA ASP E 11 36.33 32.84 -24.84
C ASP E 11 34.81 32.92 -24.99
N ALA E 12 34.22 33.89 -24.30
CA ALA E 12 32.78 34.21 -24.37
C ALA E 12 31.88 33.24 -23.59
N ALA E 13 32.48 32.28 -22.88
CA ALA E 13 31.71 31.26 -22.17
C ALA E 13 30.93 31.82 -20.97
N GLY E 14 31.46 32.87 -20.34
CA GLY E 14 30.83 33.55 -19.22
C GLY E 14 31.62 33.56 -17.92
N LYS E 15 32.93 33.31 -18.01
CA LYS E 15 33.81 33.17 -16.83
C LYS E 15 33.93 34.46 -16.01
N THR E 16 34.26 35.57 -16.65
CA THR E 16 34.37 36.83 -15.92
C THR E 16 33.03 37.26 -15.31
N THR E 17 31.95 37.06 -16.08
CA THR E 17 30.60 37.33 -15.61
C THR E 17 30.32 36.52 -14.34
N ILE E 18 30.66 35.23 -14.36
CA ILE E 18 30.51 34.35 -13.20
C ILE E 18 31.27 34.86 -12.00
N LEU E 19 32.56 35.19 -12.20
CA LEU E 19 33.42 35.62 -11.11
C LEU E 19 32.84 36.84 -10.39
N TYR E 20 32.44 37.84 -11.16
CA TYR E 20 31.97 39.10 -10.57
C TYR E 20 30.51 39.06 -10.10
N LYS E 21 29.72 38.16 -10.70
CA LYS E 21 28.41 37.80 -10.13
C LYS E 21 28.60 37.25 -8.71
N LEU E 22 29.56 36.35 -8.54
CA LEU E 22 29.86 35.80 -7.21
C LEU E 22 30.52 36.82 -6.28
N LYS E 23 31.50 37.57 -6.79
CA LYS E 23 32.26 38.50 -5.96
C LYS E 23 31.48 39.76 -5.57
N LEU E 24 30.73 40.32 -6.53
CA LEU E 24 30.12 41.65 -6.35
C LEU E 24 28.60 41.63 -6.45
N GLY E 25 28.04 40.47 -6.80
CA GLY E 25 26.60 40.33 -6.98
C GLY E 25 26.07 41.15 -8.14
N GLU E 26 26.96 41.46 -9.08
CA GLU E 26 26.67 42.33 -10.21
C GLU E 26 26.82 41.57 -11.51
N ILE E 27 26.05 41.97 -12.53
CA ILE E 27 26.34 41.55 -13.90
C ILE E 27 27.24 42.65 -14.48
N VAL E 28 28.55 42.41 -14.45
CA VAL E 28 29.50 43.43 -14.89
C VAL E 28 29.62 43.54 -16.40
N THR E 29 30.00 44.73 -16.87
CA THR E 29 30.43 44.93 -18.23
C THR E 29 31.79 44.25 -18.35
N THR E 30 31.96 43.45 -19.40
CA THR E 30 33.22 42.74 -19.67
C THR E 30 33.71 42.93 -21.10
N ILE E 31 35.01 42.70 -21.29
CA ILE E 31 35.59 42.53 -22.62
C ILE E 31 36.38 41.21 -22.56
N PRO E 32 36.77 40.65 -23.73
CA PRO E 32 37.59 39.44 -23.65
C PRO E 32 38.80 39.66 -22.75
N THR E 33 38.99 38.75 -21.80
CA THR E 33 40.10 38.82 -20.84
C THR E 33 41.40 38.37 -21.51
N ILE E 34 42.33 39.31 -21.68
CA ILE E 34 43.67 39.00 -22.16
C ILE E 34 44.61 39.04 -20.96
N GLY E 35 44.73 37.90 -20.31
CA GLY E 35 45.35 37.80 -18.99
C GLY E 35 44.42 37.04 -18.06
N PHE E 36 44.13 37.63 -16.90
CA PHE E 36 43.30 36.99 -15.89
C PHE E 36 42.68 38.01 -14.95
N ASN E 37 41.65 37.57 -14.25
CA ASN E 37 41.17 38.24 -13.05
C ASN E 37 41.25 37.24 -11.89
N VAL E 38 41.56 37.70 -10.70
CA VAL E 38 41.56 36.82 -9.53
C VAL E 38 40.86 37.50 -8.36
N GLU E 39 39.94 36.76 -7.74
CA GLU E 39 39.20 37.26 -6.58
C GLU E 39 38.96 36.16 -5.58
N THR E 40 38.93 36.53 -4.31
CA THR E 40 38.56 35.57 -3.27
C THR E 40 37.07 35.72 -2.99
N VAL E 41 36.35 34.61 -3.05
CA VAL E 41 34.92 34.57 -2.78
C VAL E 41 34.74 33.75 -1.50
N GLU E 42 34.12 34.36 -0.49
CA GLU E 42 33.85 33.67 0.77
C GLU E 42 32.50 32.99 0.65
N TYR E 43 32.48 31.66 0.78
CA TYR E 43 31.23 30.90 0.71
C TYR E 43 31.23 29.75 1.70
N LYS E 44 30.19 29.71 2.54
CA LYS E 44 30.04 28.70 3.61
C LYS E 44 31.37 28.41 4.32
N ASN E 45 32.01 29.47 4.82
CA ASN E 45 33.29 29.39 5.56
C ASN E 45 34.48 28.77 4.80
N ILE E 46 34.45 28.86 3.47
CA ILE E 46 35.60 28.56 2.62
C ILE E 46 35.95 29.81 1.84
N SER E 47 37.23 30.16 1.85
CA SER E 47 37.74 31.25 1.01
C SER E 47 38.21 30.65 -0.33
N PHE E 48 37.36 30.76 -1.34
CA PHE E 48 37.71 30.32 -2.69
C PHE E 48 38.52 31.40 -3.43
N THR E 49 39.79 31.12 -3.72
CA THR E 49 40.56 32.04 -4.56
C THR E 49 40.34 31.58 -6.00
N VAL E 50 39.64 32.40 -6.78
CA VAL E 50 39.20 32.01 -8.12
C VAL E 50 39.97 32.79 -9.17
N TRP E 51 40.77 32.05 -9.95
CA TRP E 51 41.50 32.58 -11.10
C TRP E 51 40.67 32.43 -12.36
N ASP E 52 40.25 33.56 -12.90
CA ASP E 52 39.44 33.62 -14.11
C ASP E 52 40.42 33.93 -15.23
N VAL E 53 40.66 32.94 -16.08
CA VAL E 53 41.72 33.03 -17.08
C VAL E 53 41.11 33.12 -18.48
N GLY E 54 41.56 34.09 -19.26
CA GLY E 54 41.00 34.31 -20.60
C GLY E 54 41.11 33.09 -21.51
N GLY E 55 40.08 32.88 -22.33
CA GLY E 55 40.00 31.71 -23.19
C GLY E 55 40.13 31.96 -24.68
N LEU E 56 40.55 33.16 -25.08
CA LEU E 56 40.78 33.43 -26.49
C LEU E 56 41.81 32.42 -26.99
N ASP E 57 41.62 31.93 -28.20
CA ASP E 57 42.48 30.90 -28.77
C ASP E 57 43.98 31.19 -28.60
N LYS E 58 44.39 32.42 -28.92
CA LYS E 58 45.81 32.79 -28.90
C LYS E 58 46.46 32.65 -27.54
N ILE E 59 45.67 32.75 -26.47
CA ILE E 59 46.22 32.75 -25.11
C ILE E 59 45.90 31.48 -24.31
N ARG E 60 45.29 30.50 -24.96
CA ARG E 60 45.10 29.17 -24.37
C ARG E 60 46.39 28.46 -23.93
N PRO E 61 47.52 28.64 -24.68
CA PRO E 61 48.79 28.10 -24.19
C PRO E 61 49.20 28.64 -22.82
N LEU E 62 48.64 29.79 -22.40
CA LEU E 62 48.95 30.33 -21.08
C LEU E 62 48.25 29.59 -19.92
N TRP E 63 47.22 28.80 -20.23
CA TRP E 63 46.44 28.10 -19.18
C TRP E 63 47.31 27.28 -18.26
N ARG E 64 48.30 26.58 -18.83
CA ARG E 64 49.18 25.72 -18.04
C ARG E 64 50.05 26.46 -16.99
N HIS E 65 50.25 27.76 -17.16
CA HIS E 65 50.93 28.59 -16.16
C HIS E 65 50.18 28.70 -14.83
N TYR E 66 48.90 28.34 -14.83
CA TYR E 66 48.07 28.45 -13.63
C TYR E 66 47.75 27.08 -12.99
N PHE E 67 48.23 25.99 -13.59
CA PHE E 67 47.87 24.63 -13.14
C PHE E 67 48.39 24.28 -11.75
N GLN E 68 49.61 24.70 -11.45
CA GLN E 68 50.28 24.30 -10.21
C GLN E 68 49.48 24.72 -8.99
N ASN E 69 49.23 23.74 -8.11
CA ASN E 69 48.51 23.95 -6.86
C ASN E 69 47.00 24.22 -6.99
N THR E 70 46.47 24.07 -8.20
CA THR E 70 45.01 24.14 -8.42
C THR E 70 44.33 22.96 -7.72
N GLN E 71 43.36 23.28 -6.84
CA GLN E 71 42.58 22.27 -6.12
C GLN E 71 41.25 21.93 -6.81
N GLY E 72 40.66 22.93 -7.43
CA GLY E 72 39.42 22.76 -8.17
C GLY E 72 39.50 23.48 -9.50
N LEU E 73 39.06 22.79 -10.54
CA LEU E 73 38.98 23.32 -11.88
C LEU E 73 37.51 23.64 -12.17
N ILE E 74 37.24 24.85 -12.65
CA ILE E 74 35.91 25.11 -13.18
C ILE E 74 36.02 25.30 -14.68
N PHE E 75 35.36 24.42 -15.43
CA PHE E 75 35.32 24.55 -16.87
C PHE E 75 33.97 25.09 -17.30
N VAL E 76 33.97 26.30 -17.85
CA VAL E 76 32.72 26.95 -18.22
C VAL E 76 32.47 26.77 -19.71
N VAL E 77 31.27 26.35 -20.05
CA VAL E 77 30.85 26.14 -21.43
C VAL E 77 29.64 27.00 -21.78
N ASP E 78 29.68 27.63 -22.95
CA ASP E 78 28.53 28.34 -23.49
C ASP E 78 27.60 27.28 -24.10
N SER E 79 26.47 27.02 -23.43
CA SER E 79 25.57 25.94 -23.86
C SER E 79 24.81 26.25 -25.15
N ASN E 80 24.80 27.53 -25.52
CA ASN E 80 24.19 28.02 -26.74
C ASN E 80 25.14 27.85 -27.95
N ASP E 81 26.41 27.56 -27.69
CA ASP E 81 27.40 27.49 -28.76
C ASP E 81 27.65 26.06 -29.25
N ARG E 82 26.70 25.55 -30.05
CA ARG E 82 26.81 24.21 -30.62
C ARG E 82 27.99 24.06 -31.58
N GLU E 83 28.29 25.12 -32.34
CA GLU E 83 29.39 25.04 -33.32
C GLU E 83 30.78 24.86 -32.70
N ARG E 84 30.96 25.29 -31.45
CA ARG E 84 32.25 25.17 -30.77
C ARG E 84 32.29 24.22 -29.56
N VAL E 85 31.21 23.47 -29.33
CA VAL E 85 31.20 22.53 -28.19
C VAL E 85 32.28 21.43 -28.32
N ASN E 86 32.52 20.94 -29.54
CA ASN E 86 33.58 19.96 -29.76
C ASN E 86 34.97 20.54 -29.49
N GLU E 87 35.18 21.80 -29.88
CA GLU E 87 36.42 22.53 -29.57
C GLU E 87 36.60 22.66 -28.05
N ALA E 88 35.50 22.96 -27.34
CA ALA E 88 35.52 22.99 -25.87
C ALA E 88 35.93 21.63 -25.30
N ARG E 89 35.33 20.54 -25.81
CA ARG E 89 35.73 19.18 -25.43
C ARG E 89 37.23 18.95 -25.59
N GLU E 90 37.76 19.35 -26.75
CA GLU E 90 39.19 19.22 -27.03
C GLU E 90 40.06 20.02 -26.07
N GLU E 91 39.67 21.25 -25.74
CA GLU E 91 40.45 22.05 -24.80
C GLU E 91 40.40 21.43 -23.41
N LEU E 92 39.22 20.96 -23.02
CA LEU E 92 39.05 20.27 -21.75
C LEU E 92 39.95 19.03 -21.65
N MET E 93 39.87 18.17 -22.66
CA MET E 93 40.60 16.90 -22.64
C MET E 93 42.12 17.13 -22.62
N ARG E 94 42.58 18.10 -23.42
CA ARG E 94 44.02 18.47 -23.46
C ARG E 94 44.50 18.97 -22.12
N MET E 95 43.69 19.82 -21.48
CA MET E 95 44.04 20.32 -20.15
C MET E 95 44.12 19.19 -19.12
N LEU E 96 43.12 18.31 -19.11
CA LEU E 96 43.05 17.22 -18.11
C LEU E 96 44.16 16.19 -18.29
N ALA E 97 44.73 16.14 -19.48
CA ALA E 97 45.82 15.22 -19.77
C ALA E 97 47.14 15.67 -19.14
N GLU E 98 47.19 16.92 -18.64
CA GLU E 98 48.39 17.45 -17.98
C GLU E 98 48.51 16.96 -16.55
N ASP E 99 49.72 16.56 -16.15
CA ASP E 99 49.88 15.92 -14.85
C ASP E 99 49.87 16.88 -13.65
N GLU E 100 50.13 18.17 -13.88
CA GLU E 100 50.03 19.16 -12.80
C GLU E 100 48.61 19.22 -12.24
N LEU E 101 47.64 18.77 -13.05
CA LEU E 101 46.23 18.80 -12.65
C LEU E 101 45.67 17.48 -12.11
N ARG E 102 46.55 16.51 -11.93
CA ARG E 102 46.19 15.15 -11.47
C ARG E 102 45.23 15.12 -10.28
N ASP E 103 45.46 15.97 -9.29
CA ASP E 103 44.68 15.98 -8.05
C ASP E 103 43.50 16.99 -8.02
N ALA E 104 43.28 17.72 -9.11
CA ALA E 104 42.20 18.71 -9.17
C ALA E 104 40.84 18.07 -9.47
N VAL E 105 39.83 18.44 -8.70
CA VAL E 105 38.46 18.02 -9.01
C VAL E 105 37.92 18.90 -10.15
N LEU E 106 36.94 18.41 -10.89
CA LEU E 106 36.43 19.13 -12.06
C LEU E 106 34.96 19.48 -11.93
N LEU E 107 34.67 20.79 -11.92
CA LEU E 107 33.31 21.29 -12.01
C LEU E 107 33.05 21.92 -13.38
N VAL E 108 32.07 21.40 -14.09
CA VAL E 108 31.71 21.94 -15.40
C VAL E 108 30.46 22.78 -15.20
N PHE E 109 30.51 24.03 -15.66
CA PHE E 109 29.33 24.90 -15.70
C PHE E 109 28.78 24.94 -17.13
N ALA E 110 27.60 24.36 -17.34
CA ALA E 110 26.91 24.43 -18.62
C ALA E 110 26.12 25.73 -18.59
N ASN E 111 26.76 26.80 -19.07
CA ASN E 111 26.31 28.16 -18.82
C ASN E 111 25.42 28.67 -19.94
N LYS E 112 24.74 29.79 -19.70
CA LYS E 112 23.83 30.42 -20.67
C LYS E 112 22.58 29.58 -20.89
N GLN E 113 22.09 28.97 -19.80
CA GLN E 113 20.89 28.15 -19.86
C GLN E 113 19.63 28.97 -20.21
N ASP E 114 19.70 30.29 -19.98
CA ASP E 114 18.60 31.21 -20.32
C ASP E 114 18.30 31.30 -21.82
N LEU E 115 19.28 30.91 -22.63
CA LEU E 115 19.21 31.15 -24.06
C LEU E 115 18.41 30.07 -24.77
N PRO E 116 17.63 30.47 -25.80
CA PRO E 116 16.84 29.55 -26.64
C PRO E 116 17.60 28.31 -27.09
N ASN E 117 16.99 27.14 -26.88
CA ASN E 117 17.52 25.85 -27.32
C ASN E 117 18.96 25.55 -26.84
N ALA E 118 19.38 26.22 -25.77
CA ALA E 118 20.68 25.93 -25.14
C ALA E 118 20.73 24.44 -24.81
N MET E 119 21.88 23.82 -25.05
CA MET E 119 22.10 22.43 -24.69
C MET E 119 21.96 22.25 -23.17
N ASN E 120 21.15 21.29 -22.73
CA ASN E 120 21.04 21.03 -21.30
C ASN E 120 22.27 20.27 -20.74
N ALA E 121 22.35 20.16 -19.41
CA ALA E 121 23.48 19.52 -18.76
C ALA E 121 23.74 18.09 -19.25
N ALA E 122 22.66 17.33 -19.50
CA ALA E 122 22.78 15.97 -20.02
C ALA E 122 23.45 15.95 -21.40
N GLU E 123 23.03 16.86 -22.28
CA GLU E 123 23.65 17.00 -23.62
C GLU E 123 25.12 17.41 -23.53
N ILE E 124 25.42 18.40 -22.70
CA ILE E 124 26.79 18.87 -22.50
C ILE E 124 27.69 17.73 -21.96
N THR E 125 27.18 16.95 -21.00
CA THR E 125 27.88 15.77 -20.46
C THR E 125 28.33 14.83 -21.59
N ASP E 126 27.41 14.54 -22.50
CA ASP E 126 27.64 13.67 -23.66
C ASP E 126 28.59 14.34 -24.68
N LYS E 127 28.30 15.60 -25.03
CA LYS E 127 29.12 16.36 -25.99
C LYS E 127 30.56 16.62 -25.51
N LEU E 128 30.75 16.67 -24.19
CA LEU E 128 32.10 16.84 -23.63
C LEU E 128 32.75 15.50 -23.26
N GLY E 129 32.02 14.40 -23.43
CA GLY E 129 32.51 13.06 -23.09
C GLY E 129 32.94 12.87 -21.65
N LEU E 130 32.22 13.49 -20.72
CA LEU E 130 32.61 13.47 -19.31
C LEU E 130 32.64 12.07 -18.72
N HIS E 131 31.78 11.17 -19.20
CA HIS E 131 31.75 9.78 -18.70
C HIS E 131 33.02 9.01 -19.06
N SER E 132 33.72 9.46 -20.09
CA SER E 132 35.02 8.88 -20.47
C SER E 132 36.14 9.24 -19.50
N LEU E 133 35.90 10.22 -18.63
CA LEU E 133 36.93 10.62 -17.66
C LEU E 133 37.17 9.56 -16.62
N ARG E 134 38.45 9.36 -16.33
CA ARG E 134 38.87 8.42 -15.31
C ARG E 134 39.68 9.13 -14.24
N HIS E 135 39.65 8.55 -13.04
CA HIS E 135 40.49 8.96 -11.92
C HIS E 135 40.30 10.40 -11.50
N ARG E 136 39.06 10.89 -11.62
CA ARG E 136 38.77 12.27 -11.28
C ARG E 136 37.31 12.42 -10.85
N ASN E 137 37.11 13.10 -9.73
CA ASN E 137 35.77 13.52 -9.35
C ASN E 137 35.36 14.70 -10.21
N TRP E 138 34.25 14.53 -10.93
CA TRP E 138 33.72 15.62 -11.75
C TRP E 138 32.24 15.80 -11.50
N TYR E 139 31.77 17.00 -11.78
CA TYR E 139 30.36 17.34 -11.59
C TYR E 139 29.97 18.37 -12.63
N ILE E 140 28.79 18.18 -13.21
CA ILE E 140 28.24 19.14 -14.15
C ILE E 140 27.06 19.88 -13.51
N GLN E 141 27.09 21.20 -13.62
CA GLN E 141 26.08 22.09 -13.06
C GLN E 141 25.57 23.02 -14.17
N ALA E 142 24.26 23.00 -14.41
CA ALA E 142 23.65 23.97 -15.31
C ALA E 142 23.59 25.34 -14.65
N THR E 143 23.95 26.38 -15.41
CA THR E 143 23.99 27.73 -14.85
C THR E 143 23.45 28.79 -15.81
N CYS E 144 23.02 29.91 -15.22
CA CYS E 144 22.82 31.13 -15.96
C CYS E 144 23.54 32.17 -15.13
N ALA E 145 24.69 32.61 -15.62
CA ALA E 145 25.55 33.55 -14.90
C ALA E 145 24.84 34.86 -14.58
N THR E 146 23.96 35.30 -15.48
CA THR E 146 23.29 36.59 -15.33
C THR E 146 22.29 36.62 -14.15
N SER E 147 21.55 35.52 -13.96
CA SER E 147 20.63 35.41 -12.81
C SER E 147 21.33 34.83 -11.58
N GLY E 148 22.40 34.09 -11.82
CA GLY E 148 23.16 33.44 -10.75
C GLY E 148 22.68 32.03 -10.47
N ASP E 149 21.66 31.57 -11.20
CA ASP E 149 21.11 30.22 -11.01
C ASP E 149 22.20 29.17 -11.24
N GLY E 150 22.34 28.25 -10.31
CA GLY E 150 23.29 27.13 -10.45
C GLY E 150 24.65 27.37 -9.82
N LEU E 151 25.02 28.64 -9.63
CA LEU E 151 26.39 28.99 -9.22
C LEU E 151 26.70 28.53 -7.80
N TYR E 152 25.77 28.80 -6.87
CA TYR E 152 25.95 28.38 -5.48
C TYR E 152 26.01 26.86 -5.34
N GLU E 153 25.23 26.13 -6.13
CA GLU E 153 25.27 24.66 -6.03
C GLU E 153 26.61 24.08 -6.53
N GLY E 154 27.22 24.74 -7.51
CA GLY E 154 28.59 24.42 -7.94
C GLY E 154 29.59 24.60 -6.81
N LEU E 155 29.48 25.71 -6.09
CA LEU E 155 30.29 25.93 -4.88
C LEU E 155 29.98 24.94 -3.76
N ASP E 156 28.74 24.48 -3.66
CA ASP E 156 28.37 23.40 -2.74
C ASP E 156 29.18 22.15 -3.05
N TRP E 157 29.20 21.76 -4.32
CA TRP E 157 29.93 20.59 -4.73
C TRP E 157 31.43 20.69 -4.44
N LEU E 158 32.02 21.83 -4.78
CA LEU E 158 33.44 22.08 -4.54
C LEU E 158 33.78 22.05 -3.04
N SER E 159 32.88 22.62 -2.23
CA SER E 159 33.00 22.62 -0.76
C SER E 159 33.06 21.22 -0.18
N ASN E 160 32.14 20.35 -0.60
CA ASN E 160 32.16 18.94 -0.20
C ASN E 160 33.41 18.20 -0.64
N GLN E 161 33.88 18.51 -1.85
CA GLN E 161 35.11 17.93 -2.39
C GLN E 161 36.32 18.31 -1.54
N LEU E 162 36.34 19.55 -1.05
CA LEU E 162 37.38 20.01 -0.13
C LEU E 162 37.29 19.37 1.26
N ARG E 163 36.10 19.39 1.87
CA ARG E 163 35.92 18.86 3.25
C ARG E 163 35.98 17.34 3.33
N ASN E 164 35.69 16.66 2.22
CA ASN E 164 35.86 15.20 2.09
C ASN E 164 37.13 14.87 1.33
N GLN E 165 38.29 15.20 1.93
CA GLN E 165 39.62 14.99 1.33
C GLN E 165 40.21 16.29 0.79
N GLY F 1 -61.42 19.43 -3.91
CA GLY F 1 -62.45 19.31 -2.83
C GLY F 1 -62.58 17.89 -2.30
N SER F 2 -63.21 17.02 -3.10
CA SER F 2 -63.39 15.62 -2.72
C SER F 2 -63.04 14.71 -3.90
N MET F 3 -62.63 13.48 -3.60
CA MET F 3 -62.35 12.50 -4.64
C MET F 3 -62.70 11.11 -4.18
N ARG F 4 -63.52 10.43 -4.98
CA ARG F 4 -63.94 9.06 -4.70
C ARG F 4 -63.01 8.07 -5.38
N ILE F 5 -62.33 7.28 -4.55
CA ILE F 5 -61.32 6.35 -5.00
C ILE F 5 -61.77 4.92 -4.76
N LEU F 6 -61.59 4.08 -5.77
CA LEU F 6 -61.74 2.64 -5.62
C LEU F 6 -60.37 1.98 -5.70
N MET F 7 -59.99 1.29 -4.62
CA MET F 7 -58.72 0.58 -4.56
C MET F 7 -58.93 -0.93 -4.65
N VAL F 8 -58.44 -1.50 -5.73
CA VAL F 8 -58.60 -2.91 -6.02
C VAL F 8 -57.25 -3.53 -6.39
N GLY F 9 -57.25 -4.84 -6.61
CA GLY F 9 -56.06 -5.60 -6.94
C GLY F 9 -56.25 -6.97 -6.33
N LEU F 10 -55.38 -7.91 -6.68
CA LEU F 10 -55.44 -9.26 -6.13
C LEU F 10 -55.35 -9.27 -4.60
N ASP F 11 -55.88 -10.32 -3.98
CA ASP F 11 -55.71 -10.55 -2.57
C ASP F 11 -54.22 -10.57 -2.22
N ALA F 12 -53.87 -10.01 -1.07
CA ALA F 12 -52.48 -9.96 -0.57
C ALA F 12 -51.58 -8.91 -1.22
N ALA F 13 -52.16 -8.03 -2.03
CA ALA F 13 -51.38 -7.01 -2.74
C ALA F 13 -50.85 -5.91 -1.79
N GLY F 14 -51.65 -5.60 -0.77
CA GLY F 14 -51.25 -4.63 0.25
C GLY F 14 -52.24 -3.49 0.39
N LYS F 15 -53.43 -3.66 -0.17
CA LYS F 15 -54.46 -2.61 -0.19
C LYS F 15 -54.88 -2.13 1.20
N THR F 16 -55.20 -3.06 2.09
CA THR F 16 -55.66 -2.66 3.44
C THR F 16 -54.51 -2.02 4.22
N THR F 17 -53.32 -2.58 4.06
CA THR F 17 -52.09 -2.02 4.65
C THR F 17 -51.91 -0.56 4.20
N ILE F 18 -52.09 -0.30 2.91
CA ILE F 18 -51.96 1.05 2.35
C ILE F 18 -53.01 2.00 2.94
N LEU F 19 -54.25 1.52 3.01
CA LEU F 19 -55.32 2.35 3.52
C LEU F 19 -55.05 2.85 4.95
N TYR F 20 -54.62 1.95 5.83
CA TYR F 20 -54.45 2.33 7.22
C TYR F 20 -53.11 2.97 7.55
N LYS F 21 -52.12 2.75 6.69
CA LYS F 21 -50.87 3.53 6.71
C LYS F 21 -51.17 5.00 6.42
N LEU F 22 -52.01 5.28 5.42
CA LEU F 22 -52.44 6.65 5.13
C LEU F 22 -53.38 7.24 6.19
N LYS F 23 -54.35 6.44 6.64
CA LYS F 23 -55.38 6.93 7.54
C LYS F 23 -54.88 7.08 9.00
N LEU F 24 -54.07 6.13 9.46
CA LEU F 24 -53.70 6.06 10.88
C LEU F 24 -52.20 6.16 11.16
N GLY F 25 -51.38 6.17 10.11
CA GLY F 25 -49.92 6.16 10.26
C GLY F 25 -49.33 4.88 10.82
N GLU F 26 -50.12 3.80 10.79
CA GLU F 26 -49.73 2.52 11.40
C GLU F 26 -49.58 1.43 10.34
N ILE F 27 -48.75 0.44 10.64
CA ILE F 27 -48.76 -0.81 9.88
C ILE F 27 -49.69 -1.74 10.65
N VAL F 28 -50.95 -1.81 10.21
CA VAL F 28 -51.96 -2.58 10.96
C VAL F 28 -51.86 -4.07 10.71
N THR F 29 -52.37 -4.84 11.67
CA THR F 29 -52.59 -6.27 11.46
C THR F 29 -53.74 -6.38 10.48
N THR F 30 -53.62 -7.31 9.53
CA THR F 30 -54.67 -7.55 8.53
C THR F 30 -55.01 -9.03 8.38
N ILE F 31 -56.22 -9.29 7.91
CA ILE F 31 -56.61 -10.61 7.37
C ILE F 31 -57.23 -10.34 5.99
N PRO F 32 -57.34 -11.39 5.15
CA PRO F 32 -58.00 -11.11 3.85
C PRO F 32 -59.36 -10.46 4.03
N THR F 33 -59.59 -9.38 3.29
CA THR F 33 -60.79 -8.57 3.42
C THR F 33 -61.92 -9.22 2.64
N ILE F 34 -62.88 -9.79 3.37
CA ILE F 34 -64.07 -10.35 2.75
C ILE F 34 -65.15 -9.29 2.87
N GLY F 35 -65.17 -8.40 1.88
CA GLY F 35 -65.97 -7.20 1.91
C GLY F 35 -65.11 -6.02 1.52
N PHE F 36 -65.10 -4.99 2.37
CA PHE F 36 -64.39 -3.74 2.08
C PHE F 36 -64.09 -2.95 3.36
N ASN F 37 -63.11 -2.07 3.26
CA ASN F 37 -62.92 -1.00 4.23
C ASN F 37 -63.03 0.32 3.50
N VAL F 38 -63.60 1.32 4.16
CA VAL F 38 -63.67 2.65 3.57
C VAL F 38 -63.30 3.72 4.60
N GLU F 39 -62.37 4.59 4.20
CA GLU F 39 -61.92 5.67 5.04
C GLU F 39 -61.71 6.90 4.19
N THR F 40 -61.89 8.06 4.80
CA THR F 40 -61.61 9.33 4.14
C THR F 40 -60.21 9.77 4.57
N VAL F 41 -59.35 10.05 3.58
CA VAL F 41 -58.01 10.56 3.84
C VAL F 41 -57.92 12.01 3.37
N GLU F 42 -57.54 12.90 4.28
CA GLU F 42 -57.32 14.31 3.96
C GLU F 42 -55.86 14.51 3.56
N TYR F 43 -55.67 14.97 2.33
CA TYR F 43 -54.33 15.22 1.80
C TYR F 43 -54.35 16.43 0.88
N LYS F 44 -53.53 17.44 1.22
CA LYS F 44 -53.42 18.71 0.47
C LYS F 44 -54.77 19.29 0.04
N ASN F 45 -55.67 19.47 1.02
CA ASN F 45 -57.00 20.06 0.84
C ASN F 45 -57.96 19.27 -0.06
N ILE F 46 -57.67 17.99 -0.22
CA ILE F 46 -58.59 17.05 -0.86
C ILE F 46 -59.01 15.95 0.11
N SER F 47 -60.31 15.67 0.12
CA SER F 47 -60.86 14.60 0.90
C SER F 47 -61.03 13.37 0.02
N PHE F 48 -60.07 12.45 0.09
CA PHE F 48 -60.11 11.19 -0.64
C PHE F 48 -60.92 10.16 0.13
N THR F 49 -62.07 9.76 -0.43
CA THR F 49 -62.81 8.66 0.13
C THR F 49 -62.37 7.39 -0.58
N VAL F 50 -61.61 6.57 0.11
CA VAL F 50 -60.96 5.41 -0.46
C VAL F 50 -61.68 4.14 -0.04
N TRP F 51 -62.21 3.44 -1.03
CA TRP F 51 -62.83 2.14 -0.83
C TRP F 51 -61.79 1.07 -1.08
N ASP F 52 -61.38 0.40 0.00
CA ASP F 52 -60.46 -0.71 -0.07
C ASP F 52 -61.26 -1.99 -0.14
N VAL F 53 -61.19 -2.66 -1.29
CA VAL F 53 -62.10 -3.75 -1.61
C VAL F 53 -61.34 -5.07 -1.75
N GLY F 54 -61.85 -6.11 -1.09
CA GLY F 54 -61.22 -7.44 -1.12
C GLY F 54 -60.98 -8.03 -2.50
N GLY F 55 -59.80 -8.64 -2.67
CA GLY F 55 -59.36 -9.16 -3.95
C GLY F 55 -59.31 -10.67 -4.04
N LEU F 56 -59.82 -11.35 -3.02
CA LEU F 56 -59.89 -12.81 -3.06
C LEU F 56 -60.69 -13.25 -4.29
N ASP F 57 -60.20 -14.27 -5.00
CA ASP F 57 -60.88 -14.74 -6.22
C ASP F 57 -62.41 -14.81 -6.07
N LYS F 58 -62.87 -15.45 -4.99
CA LYS F 58 -64.30 -15.70 -4.72
C LYS F 58 -65.20 -14.46 -4.69
N ILE F 59 -64.62 -13.31 -4.35
CA ILE F 59 -65.40 -12.09 -4.18
C ILE F 59 -65.07 -11.02 -5.21
N ARG F 60 -64.16 -11.37 -6.13
CA ARG F 60 -63.82 -10.48 -7.24
C ARG F 60 -65.05 -10.06 -8.06
N PRO F 61 -66.01 -10.98 -8.32
CA PRO F 61 -67.28 -10.58 -8.94
C PRO F 61 -67.97 -9.39 -8.30
N LEU F 62 -67.69 -9.12 -7.02
CA LEU F 62 -68.32 -7.98 -6.35
C LEU F 62 -67.68 -6.61 -6.64
N TRP F 63 -66.51 -6.60 -7.27
CA TRP F 63 -65.82 -5.34 -7.57
C TRP F 63 -66.76 -4.38 -8.30
N ARG F 64 -67.51 -4.92 -9.25
CA ARG F 64 -68.42 -4.14 -10.07
C ARG F 64 -69.51 -3.41 -9.28
N HIS F 65 -69.82 -3.92 -8.08
CA HIS F 65 -70.73 -3.25 -7.13
C HIS F 65 -70.23 -1.88 -6.67
N TYR F 66 -68.94 -1.59 -6.90
CA TYR F 66 -68.33 -0.34 -6.42
C TYR F 66 -67.97 0.66 -7.54
N PHE F 67 -68.15 0.27 -8.80
CA PHE F 67 -67.69 1.06 -9.93
C PHE F 67 -68.32 2.42 -10.09
N GLN F 68 -69.62 2.51 -9.81
CA GLN F 68 -70.36 3.76 -10.03
C GLN F 68 -69.78 4.94 -9.26
N ASN F 69 -69.59 6.04 -9.97
CA ASN F 69 -69.12 7.32 -9.44
C ASN F 69 -67.65 7.35 -9.00
N THR F 70 -66.91 6.28 -9.35
CA THR F 70 -65.45 6.21 -9.13
C THR F 70 -64.72 7.25 -9.98
N GLN F 71 -63.99 8.14 -9.30
CA GLN F 71 -63.22 9.20 -9.97
C GLN F 71 -61.78 8.77 -10.21
N GLY F 72 -61.24 7.98 -9.28
CA GLY F 72 -59.90 7.45 -9.41
C GLY F 72 -59.84 5.99 -9.04
N LEU F 73 -59.10 5.25 -9.85
CA LEU F 73 -58.90 3.83 -9.63
C LEU F 73 -57.46 3.59 -9.16
N ILE F 74 -57.31 2.94 -8.00
CA ILE F 74 -55.98 2.50 -7.54
C ILE F 74 -55.90 0.99 -7.70
N PHE F 75 -55.01 0.54 -8.59
CA PHE F 75 -54.78 -0.88 -8.75
C PHE F 75 -53.47 -1.24 -8.07
N VAL F 76 -53.54 -2.05 -7.02
CA VAL F 76 -52.35 -2.41 -6.26
C VAL F 76 -51.86 -3.78 -6.71
N VAL F 77 -50.56 -3.86 -6.99
CA VAL F 77 -49.93 -5.09 -7.43
C VAL F 77 -48.84 -5.50 -6.45
N ASP F 78 -48.79 -6.80 -6.14
CA ASP F 78 -47.67 -7.38 -5.41
C ASP F 78 -46.49 -7.60 -6.37
N SER F 79 -45.48 -6.74 -6.27
CA SER F 79 -44.32 -6.77 -7.16
C SER F 79 -43.44 -8.00 -6.99
N ASN F 80 -43.66 -8.75 -5.90
CA ASN F 80 -42.95 -10.00 -5.64
C ASN F 80 -43.67 -11.23 -6.22
N ASP F 81 -44.92 -11.07 -6.62
CA ASP F 81 -45.74 -12.17 -7.08
C ASP F 81 -45.70 -12.30 -8.61
N ARG F 82 -44.62 -12.93 -9.09
CA ARG F 82 -44.44 -13.15 -10.53
C ARG F 82 -45.44 -14.16 -11.08
N GLU F 83 -45.81 -15.13 -10.24
CA GLU F 83 -46.73 -16.20 -10.62
C GLU F 83 -48.10 -15.67 -11.00
N ARG F 84 -48.50 -14.54 -10.42
CA ARG F 84 -49.83 -13.98 -10.64
C ARG F 84 -49.88 -12.61 -11.32
N VAL F 85 -48.75 -12.12 -11.83
CA VAL F 85 -48.76 -10.80 -12.48
C VAL F 85 -49.66 -10.76 -13.72
N ASN F 86 -49.64 -11.84 -14.51
CA ASN F 86 -50.52 -11.93 -15.68
C ASN F 86 -51.99 -11.93 -15.28
N GLU F 87 -52.31 -12.62 -14.19
CA GLU F 87 -53.65 -12.63 -13.61
C GLU F 87 -54.08 -11.22 -13.17
N ALA F 88 -53.17 -10.50 -12.51
CA ALA F 88 -53.40 -9.10 -12.15
C ALA F 88 -53.74 -8.28 -13.39
N ARG F 89 -52.94 -8.45 -14.45
CA ARG F 89 -53.20 -7.77 -15.74
C ARG F 89 -54.59 -8.07 -16.28
N GLU F 90 -54.96 -9.34 -16.31
CA GLU F 90 -56.27 -9.74 -16.83
C GLU F 90 -57.40 -9.12 -16.02
N GLU F 91 -57.25 -9.11 -14.69
CA GLU F 91 -58.27 -8.49 -13.83
C GLU F 91 -58.37 -6.98 -14.07
N LEU F 92 -57.22 -6.33 -14.24
CA LEU F 92 -57.18 -4.91 -14.59
C LEU F 92 -57.88 -4.60 -15.92
N MET F 93 -57.54 -5.38 -16.94
CA MET F 93 -58.08 -5.13 -18.28
C MET F 93 -59.59 -5.40 -18.35
N ARG F 94 -60.05 -6.44 -17.66
CA ARG F 94 -61.49 -6.73 -17.52
C ARG F 94 -62.23 -5.56 -16.89
N MET F 95 -61.68 -5.05 -15.79
CA MET F 95 -62.26 -3.91 -15.09
C MET F 95 -62.30 -2.65 -15.95
N LEU F 96 -61.22 -2.38 -16.68
CA LEU F 96 -61.14 -1.18 -17.51
C LEU F 96 -62.08 -1.21 -18.73
N ALA F 97 -62.52 -2.40 -19.12
CA ALA F 97 -63.54 -2.56 -20.16
C ALA F 97 -64.93 -2.10 -19.72
N GLU F 98 -65.11 -1.86 -18.42
CA GLU F 98 -66.40 -1.49 -17.84
C GLU F 98 -66.78 -0.04 -18.09
N ASP F 99 -68.00 0.17 -18.59
CA ASP F 99 -68.43 1.51 -18.98
C ASP F 99 -68.58 2.51 -17.85
N GLU F 100 -68.89 2.01 -16.64
CA GLU F 100 -69.01 2.89 -15.48
C GLU F 100 -67.67 3.50 -15.05
N LEU F 101 -66.56 2.93 -15.52
CA LEU F 101 -65.22 3.39 -15.17
C LEU F 101 -64.55 4.24 -16.26
N ARG F 102 -65.29 4.56 -17.31
CA ARG F 102 -64.77 5.33 -18.46
C ARG F 102 -64.02 6.62 -18.07
N ASP F 103 -64.53 7.34 -17.07
CA ASP F 103 -63.97 8.63 -16.71
C ASP F 103 -62.96 8.58 -15.55
N ALA F 104 -62.59 7.36 -15.14
CA ALA F 104 -61.70 7.17 -14.00
C ALA F 104 -60.23 7.19 -14.43
N VAL F 105 -59.44 7.98 -13.72
CA VAL F 105 -57.98 7.95 -13.88
C VAL F 105 -57.44 6.73 -13.15
N LEU F 106 -56.31 6.20 -13.60
CA LEU F 106 -55.77 4.95 -13.06
C LEU F 106 -54.39 5.15 -12.41
N LEU F 107 -54.32 4.91 -11.10
CA LEU F 107 -53.03 4.86 -10.41
C LEU F 107 -52.68 3.42 -10.05
N VAL F 108 -51.52 2.98 -10.53
CA VAL F 108 -51.01 1.66 -10.22
C VAL F 108 -49.90 1.79 -9.18
N PHE F 109 -50.11 1.14 -8.05
CA PHE F 109 -49.08 1.02 -7.02
C PHE F 109 -48.34 -0.30 -7.22
N ALA F 110 -47.07 -0.23 -7.62
CA ALA F 110 -46.21 -1.40 -7.66
C ALA F 110 -45.64 -1.63 -6.26
N ASN F 111 -46.38 -2.41 -5.47
CA ASN F 111 -46.12 -2.54 -4.03
C ASN F 111 -45.14 -3.65 -3.68
N LYS F 112 -44.64 -3.61 -2.44
CA LYS F 112 -43.68 -4.59 -1.90
C LYS F 112 -42.30 -4.46 -2.57
N GLN F 113 -41.90 -3.22 -2.86
CA GLN F 113 -40.58 -2.94 -3.43
C GLN F 113 -39.42 -3.26 -2.48
N ASP F 114 -39.73 -3.32 -1.19
CA ASP F 114 -38.77 -3.77 -0.15
C ASP F 114 -38.31 -5.24 -0.29
N LEU F 115 -39.09 -6.07 -0.98
CA LEU F 115 -38.79 -7.50 -1.06
C LEU F 115 -37.74 -7.80 -2.12
N PRO F 116 -36.87 -8.79 -1.85
CA PRO F 116 -35.80 -9.15 -2.79
C PRO F 116 -36.33 -9.42 -4.18
N ASN F 117 -35.61 -8.91 -5.18
CA ASN F 117 -35.91 -9.12 -6.60
C ASN F 117 -37.33 -8.70 -7.02
N ALA F 118 -37.98 -7.84 -6.23
CA ALA F 118 -39.31 -7.34 -6.61
C ALA F 118 -39.25 -6.73 -8.00
N MET F 119 -40.25 -7.01 -8.84
CA MET F 119 -40.36 -6.35 -10.14
C MET F 119 -40.44 -4.85 -9.92
N ASN F 120 -39.56 -4.09 -10.57
CA ASN F 120 -39.61 -2.62 -10.46
C ASN F 120 -40.79 -2.03 -11.26
N ALA F 121 -41.01 -0.74 -11.13
CA ALA F 121 -42.12 -0.07 -11.82
C ALA F 121 -42.08 -0.26 -13.34
N ALA F 122 -40.88 -0.20 -13.93
CA ALA F 122 -40.72 -0.45 -15.36
C ALA F 122 -41.19 -1.84 -15.78
N GLU F 123 -40.80 -2.85 -15.01
CA GLU F 123 -41.23 -4.22 -15.32
C GLU F 123 -42.75 -4.42 -15.13
N ILE F 124 -43.31 -3.88 -14.05
CA ILE F 124 -44.75 -3.93 -13.81
C ILE F 124 -45.51 -3.24 -14.96
N THR F 125 -45.01 -2.07 -15.39
CA THR F 125 -45.54 -1.37 -16.55
C THR F 125 -45.66 -2.29 -17.76
N ASP F 126 -44.59 -3.04 -18.02
CA ASP F 126 -44.54 -3.94 -19.15
C ASP F 126 -45.47 -5.14 -18.94
N LYS F 127 -45.40 -5.74 -17.75
CA LYS F 127 -46.13 -6.97 -17.43
C LYS F 127 -47.64 -6.74 -17.36
N LEU F 128 -48.03 -5.51 -17.04
CA LEU F 128 -49.44 -5.13 -17.03
C LEU F 128 -49.92 -4.50 -18.34
N GLY F 129 -49.01 -4.31 -19.30
CA GLY F 129 -49.35 -3.74 -20.62
C GLY F 129 -49.99 -2.37 -20.57
N LEU F 130 -49.51 -1.53 -19.65
CA LEU F 130 -50.10 -0.22 -19.41
C LEU F 130 -50.01 0.73 -20.62
N HIS F 131 -48.96 0.61 -21.42
CA HIS F 131 -48.81 1.42 -22.64
C HIS F 131 -49.87 1.13 -23.72
N SER F 132 -50.54 -0.02 -23.61
CA SER F 132 -51.61 -0.36 -24.55
C SER F 132 -52.92 0.35 -24.22
N LEU F 133 -53.00 0.95 -23.03
CA LEU F 133 -54.20 1.68 -22.62
C LEU F 133 -54.40 2.92 -23.47
N ARG F 134 -55.66 3.22 -23.76
CA ARG F 134 -56.04 4.40 -24.53
C ARG F 134 -57.17 5.14 -23.82
N HIS F 135 -57.29 6.43 -24.10
CA HIS F 135 -58.36 7.29 -23.58
C HIS F 135 -58.43 7.30 -22.04
N ARG F 136 -57.27 7.25 -21.38
CA ARG F 136 -57.21 7.23 -19.92
C ARG F 136 -55.88 7.75 -19.41
N ASN F 137 -55.92 8.66 -18.44
CA ASN F 137 -54.72 9.13 -17.76
C ASN F 137 -54.34 8.05 -16.76
N TRP F 138 -53.11 7.55 -16.88
CA TRP F 138 -52.63 6.53 -15.94
C TRP F 138 -51.23 6.89 -15.39
N TYR F 139 -50.93 6.37 -14.21
CA TYR F 139 -49.62 6.60 -13.56
C TYR F 139 -49.22 5.36 -12.79
N ILE F 140 -47.97 4.95 -12.93
CA ILE F 140 -47.44 3.88 -12.10
C ILE F 140 -46.49 4.45 -11.04
N GLN F 141 -46.68 4.00 -9.81
CA GLN F 141 -45.91 4.45 -8.66
C GLN F 141 -45.40 3.26 -7.86
N ALA F 142 -44.08 3.17 -7.73
CA ALA F 142 -43.44 2.14 -6.89
C ALA F 142 -43.69 2.45 -5.43
N THR F 143 -44.08 1.45 -4.65
CA THR F 143 -44.39 1.65 -3.23
C THR F 143 -43.86 0.56 -2.31
N CYS F 144 -43.71 0.94 -1.05
CA CYS F 144 -43.59 -0.03 0.04
C CYS F 144 -44.60 0.45 1.06
N ALA F 145 -45.69 -0.29 1.19
CA ALA F 145 -46.79 0.13 2.05
C ALA F 145 -46.41 0.20 3.52
N THR F 146 -45.48 -0.65 3.93
CA THR F 146 -45.07 -0.73 5.33
C THR F 146 -44.22 0.48 5.77
N SER F 147 -43.33 0.93 4.89
CA SER F 147 -42.57 2.16 5.15
C SER F 147 -43.37 3.43 4.79
N GLY F 148 -44.29 3.31 3.84
CA GLY F 148 -45.04 4.45 3.36
C GLY F 148 -44.46 5.07 2.10
N ASP F 149 -43.28 4.60 1.68
CA ASP F 149 -42.61 5.16 0.49
C ASP F 149 -43.49 5.06 -0.76
N GLY F 150 -43.58 6.16 -1.50
CA GLY F 150 -44.32 6.19 -2.76
C GLY F 150 -45.78 6.56 -2.59
N LEU F 151 -46.33 6.37 -1.39
CA LEU F 151 -47.78 6.56 -1.15
C LEU F 151 -48.25 8.00 -1.35
N TYR F 152 -47.58 8.96 -0.71
CA TYR F 152 -47.95 10.37 -0.85
C TYR F 152 -47.82 10.89 -2.29
N GLU F 153 -46.81 10.41 -3.02
CA GLU F 153 -46.61 10.83 -4.41
C GLU F 153 -47.75 10.33 -5.33
N GLY F 154 -48.22 9.11 -5.08
CA GLY F 154 -49.43 8.61 -5.72
C GLY F 154 -50.59 9.57 -5.47
N LEU F 155 -50.77 9.99 -4.23
CA LEU F 155 -51.79 10.99 -3.90
C LEU F 155 -51.55 12.34 -4.57
N ASP F 156 -50.28 12.73 -4.75
CA ASP F 156 -49.95 13.94 -5.50
C ASP F 156 -50.47 13.87 -6.94
N TRP F 157 -50.23 12.73 -7.59
CA TRP F 157 -50.68 12.54 -8.96
C TRP F 157 -52.21 12.60 -9.08
N LEU F 158 -52.90 11.89 -8.19
CA LEU F 158 -54.37 11.90 -8.14
C LEU F 158 -54.93 13.29 -7.94
N SER F 159 -54.30 14.06 -7.05
CA SER F 159 -54.66 15.44 -6.79
C SER F 159 -54.58 16.31 -8.04
N ASN F 160 -53.47 16.19 -8.78
CA ASN F 160 -53.30 16.90 -10.05
C ASN F 160 -54.37 16.53 -11.08
N GLN F 161 -54.74 15.25 -11.11
CA GLN F 161 -55.78 14.76 -12.03
C GLN F 161 -57.16 15.34 -11.72
N LEU F 162 -57.46 15.52 -10.44
CA LEU F 162 -58.74 16.12 -10.04
C LEU F 162 -58.76 17.60 -10.45
N ARG F 163 -57.67 18.31 -10.15
CA ARG F 163 -57.58 19.74 -10.42
C ARG F 163 -57.55 20.09 -11.91
N ASN F 164 -57.09 19.16 -12.74
CA ASN F 164 -57.02 19.37 -14.19
C ASN F 164 -58.32 19.11 -14.94
N GLN F 165 -59.29 18.49 -14.27
CA GLN F 165 -60.51 18.06 -14.96
C GLN F 165 -61.53 19.18 -15.20
N ALA G 3 60.78 8.41 12.93
CA ALA G 3 60.09 7.13 12.77
C ALA G 3 58.81 7.08 13.61
N ALA G 4 57.76 6.50 13.05
CA ALA G 4 56.52 6.24 13.79
C ALA G 4 56.75 5.11 14.81
N LYS G 5 57.59 4.15 14.43
CA LYS G 5 58.00 3.06 15.30
C LYS G 5 59.26 2.39 14.73
N GLU G 6 60.09 1.88 15.62
CA GLU G 6 61.26 1.11 15.24
C GLU G 6 61.63 0.10 16.32
N GLY G 7 62.29 -0.99 15.92
CA GLY G 7 62.67 -2.06 16.84
C GLY G 7 63.10 -3.29 16.10
N TRP G 8 63.74 -4.21 16.81
CA TRP G 8 64.15 -5.48 16.25
C TRP G 8 62.93 -6.38 16.09
N LEU G 9 62.87 -7.07 14.96
CA LEU G 9 61.86 -8.09 14.73
C LEU G 9 62.53 -9.23 14.00
N HIS G 10 62.08 -10.46 14.26
CA HIS G 10 62.46 -11.57 13.41
C HIS G 10 61.57 -11.55 12.19
N PHE G 11 62.15 -11.83 11.03
CA PHE G 11 61.48 -11.68 9.76
C PHE G 11 61.64 -12.93 8.90
N ARG G 12 60.57 -13.34 8.25
CA ARG G 12 60.69 -14.28 7.12
C ARG G 12 59.59 -14.12 6.09
N PRO G 13 59.96 -14.15 4.80
CA PRO G 13 58.98 -14.01 3.74
C PRO G 13 58.23 -15.31 3.45
N LEU G 14 56.97 -15.17 3.04
CA LEU G 14 56.19 -16.28 2.52
C LEU G 14 56.12 -16.19 1.00
N VAL G 15 55.96 -14.96 0.50
CA VAL G 15 55.94 -14.65 -0.93
C VAL G 15 56.99 -13.57 -1.23
N PRO G 28 64.15 -19.02 5.98
CA PRO G 28 64.37 -19.10 7.44
C PRO G 28 64.30 -17.72 8.08
N TRP G 29 64.00 -17.68 9.38
CA TRP G 29 63.91 -16.41 10.11
C TRP G 29 65.26 -15.72 10.18
N LYS G 30 65.27 -14.41 10.02
CA LYS G 30 66.44 -13.62 10.32
C LYS G 30 66.02 -12.40 11.12
N GLN G 31 66.91 -11.95 11.98
CA GLN G 31 66.64 -10.79 12.81
C GLN G 31 66.93 -9.53 12.00
N MET G 32 65.98 -8.61 12.02
CA MET G 32 66.09 -7.36 11.27
C MET G 32 65.75 -6.20 12.17
N TYR G 33 66.40 -5.06 11.98
CA TYR G 33 65.97 -3.85 12.67
C TYR G 33 65.00 -3.13 11.75
N VAL G 34 63.77 -2.96 12.24
CA VAL G 34 62.68 -2.49 11.41
C VAL G 34 62.27 -1.07 11.81
N VAL G 35 62.12 -0.20 10.81
CA VAL G 35 61.73 1.19 11.03
C VAL G 35 60.57 1.53 10.09
N LEU G 36 59.48 1.98 10.67
CA LEU G 36 58.35 2.48 9.90
C LEU G 36 58.42 4.00 9.82
N ARG G 37 58.56 4.50 8.60
CA ARG G 37 58.57 5.95 8.34
C ARG G 37 57.49 6.29 7.33
N GLY G 38 56.55 7.14 7.74
CA GLY G 38 55.35 7.38 6.94
C GLY G 38 54.62 6.05 6.81
N HIS G 39 54.43 5.61 5.57
CA HIS G 39 53.87 4.29 5.28
C HIS G 39 54.87 3.41 4.55
N SER G 40 56.15 3.61 4.86
CA SER G 40 57.23 2.81 4.30
C SER G 40 57.89 2.02 5.43
N LEU G 41 58.01 0.72 5.21
CA LEU G 41 58.62 -0.18 6.20
C LEU G 41 60.04 -0.52 5.76
N TYR G 42 61.01 -0.09 6.57
CA TYR G 42 62.42 -0.28 6.26
C TYR G 42 62.99 -1.41 7.12
N LEU G 43 63.64 -2.36 6.46
CA LEU G 43 64.27 -3.49 7.14
C LEU G 43 65.79 -3.39 7.00
N TYR G 44 66.48 -3.28 8.13
CA TYR G 44 67.92 -3.19 8.12
C TYR G 44 68.54 -4.40 8.80
N LYS G 45 69.53 -4.99 8.15
CA LYS G 45 70.34 -6.06 8.74
C LYS G 45 71.05 -5.55 9.99
N ASP G 46 71.49 -4.29 9.91
CA ASP G 46 72.29 -3.67 10.96
C ASP G 46 71.62 -2.37 11.40
N LYS G 47 71.22 -2.32 12.67
CA LYS G 47 70.65 -1.10 13.26
C LYS G 47 71.56 0.11 13.04
N ARG G 48 72.87 -0.12 13.05
CA ARG G 48 73.86 0.94 12.90
C ARG G 48 73.91 1.55 11.50
N GLU G 49 73.43 0.81 10.50
CA GLU G 49 73.45 1.26 9.10
C GLU G 49 72.05 1.38 8.48
N GLN G 50 71.43 2.53 8.71
CA GLN G 50 70.06 2.76 8.25
C GLN G 50 69.95 3.55 6.94
N PRO G 59 62.31 -0.11 0.70
CA PRO G 59 61.32 -0.35 1.74
C PRO G 59 60.05 -1.05 1.23
N ILE G 60 59.28 -1.64 2.15
CA ILE G 60 57.97 -2.19 1.83
C ILE G 60 56.93 -1.12 2.10
N SER G 61 56.20 -0.71 1.06
CA SER G 61 55.09 0.23 1.24
C SER G 61 53.92 -0.49 1.91
N VAL G 62 53.42 0.10 2.99
CA VAL G 62 52.28 -0.47 3.71
C VAL G 62 51.04 0.42 3.64
N ASN G 63 51.05 1.37 2.70
CA ASN G 63 49.89 2.25 2.48
C ASN G 63 48.66 1.43 2.12
N ALA G 64 48.87 0.43 1.26
CA ALA G 64 47.84 -0.53 0.89
C ALA G 64 48.30 -1.93 1.33
N CYS G 65 47.74 -2.41 2.44
CA CYS G 65 48.10 -3.73 2.93
C CYS G 65 46.97 -4.41 3.71
N LEU G 66 47.13 -5.72 3.90
CA LEU G 66 46.40 -6.44 4.93
C LEU G 66 47.40 -6.76 6.04
N ILE G 67 46.94 -6.71 7.28
CA ILE G 67 47.78 -7.10 8.42
C ILE G 67 46.97 -7.83 9.48
N ASP G 68 47.45 -9.00 9.89
CA ASP G 68 46.76 -9.75 10.93
C ASP G 68 47.75 -10.58 11.74
N ILE G 69 47.25 -11.13 12.86
CA ILE G 69 47.97 -12.07 13.70
C ILE G 69 48.11 -13.39 12.97
N SER G 70 49.34 -13.91 12.92
CA SER G 70 49.60 -15.17 12.28
C SER G 70 49.30 -16.31 13.25
N TYR G 71 48.28 -17.12 12.92
CA TYR G 71 47.88 -18.25 13.75
C TYR G 71 48.50 -19.57 13.28
N SER G 72 48.62 -19.75 11.98
CA SER G 72 48.97 -21.07 11.46
C SER G 72 50.06 -21.10 10.40
N GLU G 73 50.60 -19.94 10.01
CA GLU G 73 51.74 -19.90 9.10
C GLU G 73 53.04 -20.29 9.82
N THR G 74 53.04 -20.14 11.14
CA THR G 74 54.21 -20.37 11.98
C THR G 74 53.78 -21.04 13.28
N LYS G 75 54.70 -21.72 13.96
CA LYS G 75 54.43 -22.20 15.33
C LYS G 75 54.80 -21.16 16.38
N ARG G 76 55.52 -20.11 15.96
CA ARG G 76 55.93 -19.03 16.85
C ARG G 76 54.76 -18.14 17.27
N LYS G 77 54.83 -17.64 18.51
CA LYS G 77 53.86 -16.71 19.06
C LYS G 77 54.30 -15.29 18.73
N ASN G 78 53.35 -14.35 18.81
CA ASN G 78 53.63 -12.91 18.69
C ASN G 78 54.07 -12.48 17.29
N VAL G 79 53.53 -13.17 16.29
CA VAL G 79 53.88 -12.99 14.89
C VAL G 79 52.71 -12.32 14.14
N PHE G 80 53.02 -11.26 13.41
CA PHE G 80 52.06 -10.69 12.45
C PHE G 80 52.43 -10.99 11.00
N ARG G 81 51.38 -11.17 10.19
CA ARG G 81 51.49 -11.44 8.78
C ARG G 81 51.14 -10.17 8.01
N LEU G 82 52.10 -9.68 7.24
CA LEU G 82 51.91 -8.51 6.39
C LEU G 82 51.73 -8.97 4.93
N THR G 83 50.69 -8.46 4.28
CA THR G 83 50.40 -8.77 2.87
C THR G 83 50.23 -7.47 2.07
N THR G 84 50.99 -7.34 0.99
CA THR G 84 50.84 -6.22 0.05
C THR G 84 50.75 -6.81 -1.34
N SER G 85 50.60 -5.96 -2.35
CA SER G 85 50.56 -6.43 -3.73
C SER G 85 51.87 -7.11 -4.15
N ASP G 86 52.98 -6.71 -3.53
CA ASP G 86 54.31 -7.16 -3.91
C ASP G 86 54.92 -8.26 -3.03
N CYS G 87 54.40 -8.42 -1.81
CA CYS G 87 54.96 -9.40 -0.88
C CYS G 87 53.98 -9.90 0.18
N GLU G 88 54.37 -10.99 0.83
CA GLU G 88 53.73 -11.47 2.02
C GLU G 88 54.80 -12.03 2.93
N CYS G 89 54.79 -11.60 4.18
CA CYS G 89 55.85 -11.93 5.11
C CYS G 89 55.40 -11.91 6.58
N LEU G 90 56.20 -12.56 7.40
CA LEU G 90 55.94 -12.67 8.83
C LEU G 90 56.96 -11.88 9.61
N PHE G 91 56.48 -11.22 10.67
CA PHE G 91 57.35 -10.51 11.60
C PHE G 91 57.01 -10.97 12.99
N GLN G 92 58.03 -11.37 13.75
CA GLN G 92 57.84 -11.71 15.16
C GLN G 92 58.31 -10.60 16.09
N ALA G 93 57.37 -10.10 16.91
CA ALA G 93 57.66 -9.13 17.95
C ALA G 93 58.10 -9.83 19.24
N GLU G 94 58.57 -9.04 20.20
CA GLU G 94 59.08 -9.55 21.47
C GLU G 94 58.00 -10.17 22.36
N ASP G 95 56.80 -9.62 22.29
CA ASP G 95 55.67 -10.16 23.06
C ASP G 95 54.35 -9.75 22.43
N ARG G 96 53.25 -10.13 23.08
CA ARG G 96 51.91 -9.83 22.59
C ARG G 96 51.68 -8.34 22.41
N ASP G 97 52.04 -7.55 23.42
CA ASP G 97 51.85 -6.09 23.38
C ASP G 97 52.66 -5.42 22.25
N ASP G 98 53.89 -5.89 22.04
CA ASP G 98 54.80 -5.42 20.99
C ASP G 98 54.17 -5.71 19.61
N MET G 99 53.65 -6.93 19.45
CA MET G 99 52.98 -7.34 18.22
C MET G 99 51.78 -6.45 17.94
N LEU G 100 50.96 -6.26 18.97
CA LEU G 100 49.78 -5.42 18.86
C LEU G 100 50.12 -3.96 18.56
N ALA G 101 51.17 -3.44 19.20
CA ALA G 101 51.65 -2.08 18.93
C ALA G 101 52.15 -1.90 17.49
N TRP G 102 52.88 -2.90 16.98
CA TRP G 102 53.31 -2.89 15.57
C TRP G 102 52.14 -2.93 14.59
N ILE G 103 51.17 -3.82 14.86
CA ILE G 103 50.00 -3.94 14.00
C ILE G 103 49.27 -2.59 13.89
N LYS G 104 48.99 -2.01 15.05
CA LYS G 104 48.30 -0.73 15.16
C LYS G 104 49.02 0.42 14.44
N THR G 105 50.33 0.53 14.63
CA THR G 105 51.10 1.62 14.01
C THR G 105 51.17 1.47 12.49
N ILE G 106 51.35 0.23 12.01
CA ILE G 106 51.27 -0.05 10.58
C ILE G 106 49.90 0.33 9.99
N GLN G 107 48.83 -0.10 10.66
CA GLN G 107 47.45 0.28 10.31
C GLN G 107 47.28 1.80 10.20
N GLU G 108 47.69 2.51 11.25
CA GLU G 108 47.55 3.95 11.35
C GLU G 108 48.36 4.75 10.33
N SER G 109 49.34 4.10 9.69
CA SER G 109 50.27 4.78 8.78
C SER G 109 49.69 5.02 7.40
N SER G 110 48.65 4.27 7.04
CA SER G 110 48.02 4.39 5.71
C SER G 110 47.31 5.73 5.53
N ASN G 111 47.53 6.38 4.38
CA ASN G 111 46.85 7.63 4.09
C ASN G 111 45.62 7.45 3.17
N LEU G 112 45.39 6.21 2.74
CA LEU G 112 44.30 5.90 1.80
C LEU G 112 42.95 6.31 2.35
N ASN G 113 42.10 6.86 1.48
CA ASN G 113 40.75 7.22 1.89
C ASN G 113 39.88 5.97 1.97
N GLU G 114 38.62 6.15 2.39
CA GLU G 114 37.68 5.04 2.53
C GLU G 114 37.50 4.25 1.23
N GLU G 115 37.38 4.97 0.11
CA GLU G 115 37.21 4.34 -1.20
C GLU G 115 38.41 3.49 -1.62
N ASP G 116 39.60 4.08 -1.52
CA ASP G 116 40.84 3.42 -1.92
C ASP G 116 41.19 2.28 -0.97
N THR G 117 40.90 2.45 0.32
CA THR G 117 40.99 1.37 1.30
C THR G 117 40.12 0.18 0.87
N GLY G 118 38.85 0.46 0.56
CA GLY G 118 37.92 -0.58 0.13
C GLY G 118 38.35 -1.30 -1.13
N VAL G 119 38.94 -0.57 -2.08
CA VAL G 119 39.37 -1.15 -3.33
C VAL G 119 40.59 -2.06 -3.11
N THR G 120 41.59 -1.55 -2.39
CA THR G 120 42.80 -2.32 -2.15
C THR G 120 42.52 -3.53 -1.25
N ASN G 121 41.74 -3.36 -0.18
CA ASN G 121 41.28 -4.48 0.65
C ASN G 121 40.60 -5.58 -0.18
N ARG G 122 39.66 -5.17 -1.04
CA ARG G 122 38.96 -6.10 -1.94
C ARG G 122 39.90 -6.92 -2.81
N ASP G 123 40.87 -6.24 -3.44
CA ASP G 123 41.81 -6.91 -4.33
C ASP G 123 42.79 -7.84 -3.59
N LEU G 124 43.27 -7.41 -2.43
CA LEU G 124 44.21 -8.23 -1.63
C LEU G 124 43.53 -9.47 -1.03
N ILE G 125 42.32 -9.29 -0.51
CA ILE G 125 41.50 -10.39 0.00
C ILE G 125 41.13 -11.38 -1.10
N SER G 126 40.66 -10.87 -2.25
CA SER G 126 40.28 -11.74 -3.36
C SER G 126 41.43 -12.62 -3.84
N ARG G 127 42.64 -12.07 -3.81
CA ARG G 127 43.84 -12.83 -4.16
C ARG G 127 44.14 -13.91 -3.12
N ARG G 128 43.92 -13.56 -1.86
CA ARG G 128 44.13 -14.48 -0.74
C ARG G 128 43.14 -15.64 -0.77
N ILE G 129 41.88 -15.35 -1.12
CA ILE G 129 40.85 -16.39 -1.28
C ILE G 129 41.25 -17.37 -2.38
N LYS G 130 41.68 -16.84 -3.52
CA LYS G 130 42.12 -17.63 -4.66
C LYS G 130 43.23 -18.61 -4.29
N GLU G 131 44.25 -18.11 -3.57
CA GLU G 131 45.36 -18.94 -3.10
C GLU G 131 44.89 -20.07 -2.18
N TYR G 132 43.98 -19.76 -1.25
CA TYR G 132 43.48 -20.74 -0.30
C TYR G 132 42.38 -21.68 -0.82
N ASN G 133 41.75 -21.28 -1.92
CA ASN G 133 40.87 -22.18 -2.67
C ASN G 133 41.72 -23.19 -3.43
N ASN G 134 42.88 -22.75 -3.92
CA ASN G 134 43.91 -23.64 -4.48
C ASN G 134 44.49 -24.57 -3.40
N LEU G 135 45.01 -23.99 -2.32
CA LEU G 135 45.54 -24.76 -1.19
C LEU G 135 44.43 -25.49 -0.42
N ALA H 3 -20.57 -5.69 9.74
CA ALA H 3 -19.87 -5.39 8.48
C ALA H 3 -18.83 -4.29 8.71
N ALA H 4 -17.62 -4.54 8.21
CA ALA H 4 -16.55 -3.54 8.26
C ALA H 4 -16.83 -2.40 7.28
N LYS H 5 -17.41 -2.74 6.13
CA LYS H 5 -17.83 -1.77 5.13
C LYS H 5 -18.81 -2.42 4.16
N GLU H 6 -19.75 -1.62 3.66
CA GLU H 6 -20.73 -2.06 2.67
C GLU H 6 -21.12 -0.91 1.76
N GLY H 7 -21.41 -1.24 0.50
CA GLY H 7 -21.77 -0.24 -0.47
C GLY H 7 -21.80 -0.80 -1.87
N TRP H 8 -22.42 -0.06 -2.78
CA TRP H 8 -22.46 -0.42 -4.19
C TRP H 8 -21.09 -0.20 -4.84
N LEU H 9 -20.66 -1.19 -5.62
CA LEU H 9 -19.46 -1.09 -6.43
C LEU H 9 -19.72 -1.73 -7.76
N HIS H 10 -19.12 -1.19 -8.81
CA HIS H 10 -19.08 -1.89 -10.08
C HIS H 10 -17.96 -2.90 -10.06
N PHE H 11 -18.18 -4.05 -10.68
CA PHE H 11 -17.28 -5.19 -10.57
C PHE H 11 -17.01 -5.84 -11.92
N ARG H 12 -15.74 -6.13 -12.21
CA ARG H 12 -15.42 -7.07 -13.28
C ARG H 12 -14.16 -7.92 -13.00
N PRO H 13 -14.24 -9.23 -13.31
CA PRO H 13 -13.09 -10.11 -13.11
C PRO H 13 -12.04 -9.88 -14.18
N LEU H 14 -10.78 -10.12 -13.84
CA LEU H 14 -9.70 -10.14 -14.82
C LEU H 14 -9.26 -11.57 -15.05
N VAL H 15 -9.19 -12.35 -13.96
CA VAL H 15 -8.87 -13.78 -14.00
C VAL H 15 -9.80 -14.54 -13.05
N PRO H 28 -17.95 -8.09 -18.85
CA PRO H 28 -18.22 -6.66 -18.68
C PRO H 28 -18.50 -6.32 -17.22
N TRP H 29 -18.56 -5.01 -16.94
CA TRP H 29 -18.86 -4.52 -15.60
C TRP H 29 -20.29 -4.86 -15.17
N LYS H 30 -20.47 -5.19 -13.90
CA LYS H 30 -21.80 -5.30 -13.31
C LYS H 30 -21.82 -4.63 -11.94
N GLN H 31 -22.93 -3.96 -11.64
CA GLN H 31 -23.09 -3.34 -10.35
C GLN H 31 -23.42 -4.40 -9.31
N MET H 32 -22.68 -4.39 -8.21
CA MET H 32 -22.87 -5.36 -7.14
C MET H 32 -22.98 -4.63 -5.81
N TYR H 33 -23.76 -5.19 -4.89
CA TYR H 33 -23.74 -4.68 -3.53
C TYR H 33 -22.72 -5.47 -2.73
N VAL H 34 -21.65 -4.79 -2.33
CA VAL H 34 -20.50 -5.47 -1.77
C VAL H 34 -20.45 -5.26 -0.26
N VAL H 35 -20.27 -6.37 0.47
CA VAL H 35 -20.18 -6.33 1.93
C VAL H 35 -18.91 -7.02 2.43
N LEU H 36 -18.11 -6.29 3.20
CA LEU H 36 -16.95 -6.88 3.85
C LEU H 36 -17.29 -7.25 5.28
N ARG H 37 -17.25 -8.55 5.57
CA ARG H 37 -17.44 -9.07 6.93
C ARG H 37 -16.21 -9.85 7.33
N GLY H 38 -15.56 -9.45 8.41
CA GLY H 38 -14.27 -10.05 8.80
C GLY H 38 -13.27 -9.80 7.69
N HIS H 39 -12.73 -10.88 7.13
CA HIS H 39 -11.80 -10.80 5.98
C HIS H 39 -12.37 -11.49 4.75
N SER H 40 -13.70 -11.53 4.68
CA SER H 40 -14.39 -12.08 3.53
C SER H 40 -15.24 -11.00 2.87
N LEU H 41 -15.17 -10.97 1.54
CA LEU H 41 -15.86 -9.97 0.74
C LEU H 41 -17.03 -10.64 0.00
N TYR H 42 -18.24 -10.17 0.29
CA TYR H 42 -19.48 -10.75 -0.24
C TYR H 42 -20.05 -9.85 -1.33
N LEU H 43 -20.31 -10.42 -2.49
CA LEU H 43 -20.85 -9.66 -3.62
C LEU H 43 -22.31 -10.07 -3.84
N TYR H 44 -23.22 -9.10 -3.70
CA TYR H 44 -24.64 -9.35 -3.89
C TYR H 44 -25.18 -8.62 -5.12
N LYS H 45 -25.95 -9.35 -5.94
CA LYS H 45 -26.68 -8.75 -7.06
C LYS H 45 -27.75 -7.79 -6.55
N ASP H 46 -28.28 -8.12 -5.37
CA ASP H 46 -29.41 -7.40 -4.79
C ASP H 46 -29.08 -7.05 -3.34
N LYS H 47 -29.08 -5.74 -3.04
CA LYS H 47 -28.88 -5.23 -1.67
C LYS H 47 -29.86 -5.80 -0.65
N ARG H 48 -31.12 -6.01 -1.04
CA ARG H 48 -32.11 -6.53 -0.11
C ARG H 48 -32.09 -8.06 0.04
N GLU H 49 -31.14 -8.73 -0.62
CA GLU H 49 -31.00 -10.19 -0.51
C GLU H 49 -29.55 -10.59 -0.22
N GLN H 50 -29.25 -10.75 1.06
CA GLN H 50 -27.91 -11.11 1.52
C GLN H 50 -27.94 -12.43 2.29
N GLN H 58 -20.17 -18.53 -2.14
CA GLN H 58 -18.85 -18.33 -1.53
C GLN H 58 -18.27 -16.94 -1.81
N PRO H 59 -17.97 -16.18 -0.73
CA PRO H 59 -17.32 -14.87 -0.81
C PRO H 59 -15.87 -14.95 -1.29
N ILE H 60 -15.22 -13.79 -1.42
CA ILE H 60 -13.80 -13.72 -1.71
C ILE H 60 -13.07 -13.49 -0.40
N SER H 61 -12.21 -14.44 -0.02
CA SER H 61 -11.34 -14.21 1.13
C SER H 61 -10.28 -13.18 0.74
N VAL H 62 -10.15 -12.14 1.57
CA VAL H 62 -9.14 -11.10 1.35
C VAL H 62 -8.09 -11.09 2.46
N ASN H 63 -8.00 -12.20 3.20
CA ASN H 63 -6.99 -12.37 4.26
C ASN H 63 -5.58 -12.32 3.66
N ALA H 64 -5.39 -13.03 2.55
CA ALA H 64 -4.15 -12.95 1.79
C ALA H 64 -4.47 -12.35 0.43
N CYS H 65 -4.06 -11.11 0.22
CA CYS H 65 -4.33 -10.43 -1.04
C CYS H 65 -3.34 -9.32 -1.33
N LEU H 66 -3.20 -8.98 -2.61
CA LEU H 66 -2.65 -7.69 -3.01
C LEU H 66 -3.83 -6.79 -3.37
N ILE H 67 -3.72 -5.51 -3.06
CA ILE H 67 -4.71 -4.50 -3.42
C ILE H 67 -4.03 -3.17 -3.75
N ASP H 68 -4.35 -2.63 -4.93
CA ASP H 68 -3.79 -1.33 -5.35
C ASP H 68 -4.81 -0.58 -6.21
N ILE H 69 -4.47 0.67 -6.52
CA ILE H 69 -5.20 1.49 -7.47
C ILE H 69 -4.93 0.95 -8.87
N SER H 70 -6.00 0.76 -9.63
CA SER H 70 -5.85 0.29 -11.00
C SER H 70 -5.55 1.48 -11.89
N TYR H 71 -4.38 1.45 -12.53
CA TYR H 71 -4.00 2.55 -13.43
C TYR H 71 -4.24 2.26 -14.89
N SER H 72 -3.98 1.03 -15.31
CA SER H 72 -3.99 0.72 -16.73
C SER H 72 -4.77 -0.54 -17.14
N GLU H 73 -5.43 -1.20 -16.19
CA GLU H 73 -6.29 -2.35 -16.52
C GLU H 73 -7.64 -1.87 -17.05
N THR H 74 -7.99 -0.63 -16.72
CA THR H 74 -9.26 -0.04 -17.05
C THR H 74 -9.04 1.40 -17.50
N LYS H 75 -9.97 1.96 -18.25
CA LYS H 75 -9.93 3.40 -18.49
C LYS H 75 -10.76 4.15 -17.44
N ARG H 76 -11.41 3.42 -16.56
CA ARG H 76 -12.22 4.01 -15.49
C ARG H 76 -11.38 4.52 -14.32
N LYS H 77 -11.85 5.60 -13.72
CA LYS H 77 -11.26 6.17 -12.53
C LYS H 77 -11.90 5.56 -11.28
N ASN H 78 -11.19 5.65 -10.15
CA ASN H 78 -11.66 5.19 -8.83
C ASN H 78 -11.80 3.66 -8.73
N VAL H 79 -11.03 2.95 -9.54
CA VAL H 79 -11.02 1.50 -9.57
C VAL H 79 -9.85 0.94 -8.74
N PHE H 80 -10.15 0.02 -7.81
CA PHE H 80 -9.09 -0.79 -7.21
C PHE H 80 -9.03 -2.22 -7.76
N ARG H 81 -7.82 -2.76 -7.76
CA ARG H 81 -7.55 -4.08 -8.30
C ARG H 81 -7.21 -4.99 -7.13
N LEU H 82 -7.98 -6.07 -7.01
CA LEU H 82 -7.83 -7.04 -5.93
C LEU H 82 -7.29 -8.33 -6.51
N THR H 83 -6.19 -8.82 -5.94
CA THR H 83 -5.54 -10.05 -6.38
C THR H 83 -5.44 -11.02 -5.21
N THR H 84 -5.97 -12.22 -5.39
CA THR H 84 -5.78 -13.30 -4.41
C THR H 84 -5.22 -14.51 -5.14
N SER H 85 -4.90 -15.56 -4.41
CA SER H 85 -4.49 -16.83 -5.02
C SER H 85 -5.54 -17.34 -6.03
N ASP H 86 -6.81 -17.11 -5.73
CA ASP H 86 -7.93 -17.66 -6.49
C ASP H 86 -8.53 -16.71 -7.56
N CYS H 87 -8.33 -15.41 -7.40
CA CYS H 87 -8.90 -14.45 -8.35
C CYS H 87 -8.18 -13.11 -8.43
N GLU H 88 -8.41 -12.45 -9.56
CA GLU H 88 -8.03 -11.06 -9.76
C GLU H 88 -9.23 -10.35 -10.38
N CYS H 89 -9.56 -9.19 -9.83
CA CYS H 89 -10.70 -8.44 -10.31
C CYS H 89 -10.61 -6.95 -9.97
N LEU H 90 -11.49 -6.19 -10.60
CA LEU H 90 -11.54 -4.75 -10.43
C LEU H 90 -12.85 -4.37 -9.77
N PHE H 91 -12.79 -3.38 -8.89
CA PHE H 91 -13.97 -2.78 -8.30
C PHE H 91 -13.90 -1.26 -8.48
N GLN H 92 -14.99 -0.67 -8.95
CA GLN H 92 -15.05 0.78 -9.05
C GLN H 92 -15.87 1.37 -7.94
N ALA H 93 -15.26 2.28 -7.20
CA ALA H 93 -15.95 3.03 -6.17
C ALA H 93 -16.60 4.29 -6.74
N GLU H 94 -17.36 5.01 -5.92
CA GLU H 94 -18.12 6.19 -6.36
C GLU H 94 -17.24 7.41 -6.69
N ASP H 95 -16.15 7.54 -5.93
CA ASP H 95 -15.18 8.62 -6.11
C ASP H 95 -13.84 8.20 -5.49
N ARG H 96 -12.86 9.09 -5.55
CA ARG H 96 -11.52 8.82 -5.03
C ARG H 96 -11.56 8.39 -3.56
N ASP H 97 -12.24 9.18 -2.73
CA ASP H 97 -12.31 8.92 -1.29
C ASP H 97 -12.98 7.59 -0.94
N ASP H 98 -13.99 7.20 -1.71
CA ASP H 98 -14.69 5.92 -1.54
C ASP H 98 -13.74 4.77 -1.90
N MET H 99 -13.00 4.95 -2.98
CA MET H 99 -11.97 3.98 -3.42
C MET H 99 -10.91 3.74 -2.35
N LEU H 100 -10.39 4.82 -1.78
CA LEU H 100 -9.35 4.75 -0.74
C LEU H 100 -9.86 4.11 0.54
N ALA H 101 -11.12 4.40 0.88
CA ALA H 101 -11.77 3.82 2.06
C ALA H 101 -11.97 2.31 1.94
N TRP H 102 -12.38 1.85 0.76
CA TRP H 102 -12.46 0.41 0.48
C TRP H 102 -11.09 -0.26 0.56
N ILE H 103 -10.09 0.37 -0.06
CA ILE H 103 -8.73 -0.19 -0.02
C ILE H 103 -8.26 -0.36 1.43
N LYS H 104 -8.37 0.72 2.21
CA LYS H 104 -7.92 0.75 3.61
C LYS H 104 -8.65 -0.29 4.46
N THR H 105 -9.97 -0.38 4.31
CA THR H 105 -10.77 -1.32 5.09
C THR H 105 -10.43 -2.75 4.74
N ILE H 106 -10.21 -3.03 3.46
CA ILE H 106 -9.78 -4.36 3.02
C ILE H 106 -8.38 -4.71 3.58
N GLN H 107 -7.42 -3.78 3.47
CA GLN H 107 -6.07 -3.94 4.08
C GLN H 107 -6.15 -4.26 5.57
N GLU H 108 -6.97 -3.50 6.29
CA GLU H 108 -7.14 -3.65 7.73
C GLU H 108 -7.78 -4.97 8.15
N SER H 109 -8.49 -5.62 7.22
CA SER H 109 -9.26 -6.82 7.53
C SER H 109 -8.40 -8.07 7.75
N SER H 110 -7.15 -8.02 7.32
CA SER H 110 -6.28 -9.19 7.35
C SER H 110 -5.86 -9.52 8.79
N ASN H 111 -5.96 -10.80 9.16
CA ASN H 111 -5.51 -11.24 10.48
C ASN H 111 -4.14 -11.93 10.44
N LEU H 112 -3.53 -11.98 9.25
CA LEU H 112 -2.26 -12.68 9.05
C LEU H 112 -1.13 -12.04 9.86
N ASN H 113 -0.27 -12.89 10.42
CA ASN H 113 0.94 -12.39 11.11
C ASN H 113 2.00 -11.95 10.09
N GLU H 114 3.15 -11.46 10.57
CA GLU H 114 4.19 -10.93 9.68
C GLU H 114 4.75 -11.96 8.71
N GLU H 115 5.03 -13.18 9.18
CA GLU H 115 5.54 -14.21 8.29
C GLU H 115 4.54 -14.52 7.18
N ASP H 116 3.29 -14.80 7.57
CA ASP H 116 2.27 -15.22 6.60
C ASP H 116 1.96 -14.10 5.60
N THR H 117 1.96 -12.86 6.09
CA THR H 117 1.87 -11.67 5.23
C THR H 117 3.02 -11.65 4.22
N GLY H 118 4.24 -11.82 4.72
CA GLY H 118 5.42 -11.82 3.88
C GLY H 118 5.44 -12.95 2.88
N VAL H 119 4.96 -14.13 3.29
CA VAL H 119 4.92 -15.29 2.40
C VAL H 119 3.87 -15.11 1.30
N THR H 120 2.66 -14.72 1.68
CA THR H 120 1.60 -14.53 0.69
C THR H 120 1.91 -13.39 -0.29
N ASN H 121 2.41 -12.26 0.22
CA ASN H 121 2.89 -11.16 -0.63
C ASN H 121 3.94 -11.64 -1.63
N ARG H 122 4.95 -12.33 -1.12
CA ARG H 122 6.03 -12.91 -1.93
C ARG H 122 5.45 -13.75 -3.06
N ASP H 123 4.59 -14.70 -2.73
CA ASP H 123 3.99 -15.59 -3.73
C ASP H 123 3.04 -14.86 -4.69
N LEU H 124 2.22 -13.96 -4.18
CA LEU H 124 1.31 -13.18 -5.03
C LEU H 124 2.06 -12.24 -5.98
N ILE H 125 3.05 -11.52 -5.46
CA ILE H 125 3.91 -10.64 -6.27
C ILE H 125 4.73 -11.44 -7.28
N SER H 126 5.33 -12.54 -6.84
CA SER H 126 6.17 -13.37 -7.71
C SER H 126 5.40 -13.87 -8.93
N ARG H 127 4.14 -14.27 -8.72
CA ARG H 127 3.30 -14.74 -9.82
C ARG H 127 2.97 -13.59 -10.77
N ARG H 128 2.70 -12.42 -10.20
CA ARG H 128 2.37 -11.22 -10.97
C ARG H 128 3.56 -10.78 -11.84
N ILE H 129 4.77 -10.86 -11.28
CA ILE H 129 6.02 -10.58 -12.00
C ILE H 129 6.15 -11.53 -13.20
N LYS H 130 5.96 -12.82 -12.94
CA LYS H 130 6.01 -13.87 -13.97
C LYS H 130 5.02 -13.58 -15.11
N GLU H 131 3.77 -13.25 -14.75
CA GLU H 131 2.70 -12.98 -15.72
C GLU H 131 3.01 -11.81 -16.65
N TYR H 132 3.62 -10.76 -16.11
CA TYR H 132 3.99 -9.57 -16.88
C TYR H 132 5.28 -9.74 -17.68
N ASN H 133 6.19 -10.56 -17.17
CA ASN H 133 7.36 -10.99 -17.93
C ASN H 133 6.92 -11.79 -19.16
N ASN H 134 5.95 -12.69 -18.95
CA ASN H 134 5.37 -13.51 -20.03
C ASN H 134 4.76 -12.65 -21.15
N LEU H 135 3.65 -12.00 -20.85
CA LEU H 135 2.99 -11.11 -21.80
C LEU H 135 3.78 -9.82 -21.98
N ALA I 3 0.16 38.56 -22.96
CA ALA I 3 -0.42 37.21 -22.97
C ALA I 3 -1.55 37.06 -21.95
N ALA I 4 -2.64 36.44 -22.39
CA ALA I 4 -3.80 36.19 -21.54
C ALA I 4 -3.54 35.00 -20.60
N LYS I 5 -2.81 34.01 -21.12
CA LYS I 5 -2.36 32.86 -20.33
C LYS I 5 -1.18 32.23 -21.01
N GLU I 6 -0.32 31.59 -20.21
CA GLU I 6 0.80 30.81 -20.72
C GLU I 6 1.18 29.72 -19.74
N GLY I 7 1.67 28.61 -20.27
CA GLY I 7 2.07 27.47 -19.46
C GLY I 7 2.45 26.31 -20.34
N TRP I 8 3.06 25.29 -19.72
CA TRP I 8 3.37 24.05 -20.40
C TRP I 8 2.10 23.24 -20.57
N LEU I 9 1.95 22.62 -21.74
CA LEU I 9 0.87 21.68 -21.99
C LEU I 9 1.38 20.56 -22.86
N HIS I 10 0.86 19.36 -22.63
CA HIS I 10 1.10 18.28 -23.57
C HIS I 10 0.13 18.45 -24.73
N PHE I 11 0.59 18.12 -25.93
CA PHE I 11 -0.14 18.37 -27.16
C PHE I 11 -0.05 17.17 -28.08
N ARG I 12 -1.18 16.78 -28.65
CA ARG I 12 -1.18 15.90 -29.81
C ARG I 12 -2.35 16.20 -30.76
N PRO I 13 -2.07 16.26 -32.07
CA PRO I 13 -3.11 16.52 -33.04
C PRO I 13 -3.96 15.28 -33.29
N LEU I 14 -5.25 15.50 -33.55
CA LEU I 14 -6.14 14.43 -34.00
C LEU I 14 -6.36 14.58 -35.50
N VAL I 15 -6.58 15.83 -35.94
CA VAL I 15 -6.75 16.17 -37.35
C VAL I 15 -5.90 17.38 -37.73
N PRO I 28 2.31 10.91 -31.55
CA PRO I 28 2.43 10.87 -30.10
C PRO I 28 2.32 12.25 -29.46
N TRP I 29 2.13 12.27 -28.14
CA TRP I 29 2.12 13.52 -27.38
C TRP I 29 3.51 14.15 -27.36
N LYS I 30 3.54 15.49 -27.37
CA LYS I 30 4.76 16.22 -27.06
C LYS I 30 4.48 17.47 -26.22
N GLN I 31 5.41 17.80 -25.34
CA GLN I 31 5.27 18.90 -24.42
C GLN I 31 5.61 20.22 -25.12
N MET I 32 4.67 21.14 -25.08
CA MET I 32 4.82 22.44 -25.72
C MET I 32 4.61 23.53 -24.69
N TYR I 33 5.30 24.66 -24.86
CA TYR I 33 5.01 25.83 -24.05
C TYR I 33 3.99 26.67 -24.80
N VAL I 34 2.82 26.87 -24.19
CA VAL I 34 1.69 27.42 -24.92
C VAL I 34 1.32 28.80 -24.41
N VAL I 35 1.08 29.71 -25.35
CA VAL I 35 0.83 31.12 -25.04
C VAL I 35 -0.38 31.63 -25.80
N LEU I 36 -1.34 32.19 -25.08
CA LEU I 36 -2.50 32.81 -25.69
C LEU I 36 -2.33 34.33 -25.72
N ARG I 37 -2.24 34.87 -26.93
CA ARG I 37 -2.21 36.31 -27.14
C ARG I 37 -3.38 36.68 -28.06
N GLY I 38 -4.31 37.48 -27.54
CA GLY I 38 -5.57 37.73 -28.22
C GLY I 38 -6.29 36.41 -28.42
N HIS I 39 -6.64 36.10 -29.67
CA HIS I 39 -7.29 34.84 -30.00
C HIS I 39 -6.36 33.96 -30.84
N SER I 40 -5.06 34.10 -30.56
CA SER I 40 -4.04 33.32 -31.23
C SER I 40 -3.30 32.44 -30.22
N LEU I 41 -3.27 31.15 -30.49
CA LEU I 41 -2.61 30.18 -29.63
C LEU I 41 -1.25 29.79 -30.22
N TYR I 42 -0.19 30.23 -29.56
CA TYR I 42 1.18 29.98 -30.02
C TYR I 42 1.76 28.76 -29.34
N LEU I 43 2.29 27.84 -30.14
CA LEU I 43 2.91 26.63 -29.61
C LEU I 43 4.42 26.68 -29.80
N TYR I 44 5.14 26.77 -28.70
CA TYR I 44 6.61 26.79 -28.74
C TYR I 44 7.18 25.48 -28.21
N LYS I 45 8.15 24.92 -28.93
CA LYS I 45 8.91 23.78 -28.43
C LYS I 45 9.69 24.22 -27.19
N ASP I 46 9.94 25.54 -27.12
CA ASP I 46 10.90 26.13 -26.21
C ASP I 46 10.33 27.38 -25.55
N LYS I 47 10.08 27.32 -24.24
CA LYS I 47 9.63 28.48 -23.46
C LYS I 47 10.50 29.75 -23.65
N ARG I 48 11.93 29.37 -24.01
CA ARG I 48 12.68 30.63 -23.99
C ARG I 48 13.07 31.07 -25.42
N GLU I 49 12.04 31.22 -26.25
CA GLU I 49 12.15 31.74 -27.65
C GLU I 49 10.77 31.92 -28.24
N GLN I 50 10.14 32.96 -27.73
CA GLN I 50 8.79 33.36 -28.12
C GLN I 50 8.85 34.50 -29.13
N PRO I 59 0.59 30.44 -35.62
CA PRO I 59 -0.26 30.17 -34.46
C PRO I 59 -1.58 29.49 -34.84
N ILE I 60 -2.27 28.96 -33.83
CA ILE I 60 -3.61 28.43 -34.02
C ILE I 60 -4.59 29.54 -33.64
N SER I 61 -5.39 29.97 -34.62
CA SER I 61 -6.45 30.93 -34.35
C SER I 61 -7.61 30.24 -33.63
N VAL I 62 -8.04 30.83 -32.51
CA VAL I 62 -9.12 30.29 -31.68
C VAL I 62 -10.30 31.26 -31.59
N ASN I 63 -10.35 32.24 -32.48
CA ASN I 63 -11.49 33.15 -32.59
C ASN I 63 -12.76 32.34 -32.88
N ALA I 64 -12.64 31.36 -33.78
CA ALA I 64 -13.71 30.47 -34.18
C ALA I 64 -13.36 29.04 -33.81
N CYS I 65 -13.85 28.56 -32.67
CA CYS I 65 -13.47 27.22 -32.22
C CYS I 65 -14.52 26.53 -31.35
N LEU I 66 -14.48 25.20 -31.37
CA LEU I 66 -15.13 24.41 -30.33
C LEU I 66 -14.05 24.08 -29.30
N ILE I 67 -14.41 24.13 -28.02
CA ILE I 67 -13.55 23.63 -26.94
C ILE I 67 -14.35 22.95 -25.82
N ASP I 68 -13.94 21.73 -25.48
CA ASP I 68 -14.60 20.98 -24.41
C ASP I 68 -13.57 20.07 -23.73
N ILE I 69 -13.98 19.46 -22.62
CA ILE I 69 -13.19 18.42 -21.93
C ILE I 69 -13.16 17.16 -22.78
N SER I 70 -11.97 16.58 -22.97
CA SER I 70 -11.87 15.33 -23.71
C SER I 70 -12.18 14.15 -22.80
N TYR I 71 -13.22 13.40 -23.17
CA TYR I 71 -13.64 12.25 -22.39
C TYR I 71 -13.17 10.92 -22.97
N SER I 72 -13.18 10.79 -24.30
CA SER I 72 -12.91 9.49 -24.91
C SER I 72 -11.93 9.48 -26.09
N GLU I 73 -11.40 10.64 -26.46
CA GLU I 73 -10.36 10.70 -27.48
C GLU I 73 -9.01 10.24 -26.92
N THR I 74 -8.91 10.26 -25.59
CA THR I 74 -7.68 9.94 -24.86
C THR I 74 -8.01 9.26 -23.53
N LYS I 75 -7.10 8.42 -23.03
CA LYS I 75 -7.30 7.86 -21.70
C LYS I 75 -6.79 8.82 -20.61
N ARG I 76 -5.99 9.79 -21.02
CA ARG I 76 -5.43 10.80 -20.11
C ARG I 76 -6.49 11.74 -19.54
N LYS I 77 -6.27 12.14 -18.28
CA LYS I 77 -7.13 13.08 -17.58
C LYS I 77 -6.64 14.51 -17.83
N ASN I 78 -7.53 15.48 -17.56
CA ASN I 78 -7.22 16.92 -17.62
C ASN I 78 -6.90 17.42 -19.03
N VAL I 79 -7.48 16.75 -20.02
CA VAL I 79 -7.29 17.07 -21.42
C VAL I 79 -8.48 17.89 -21.93
N PHE I 80 -8.18 18.98 -22.65
CA PHE I 80 -9.21 19.63 -23.47
C PHE I 80 -9.00 19.40 -24.98
N ARG I 81 -10.12 19.36 -25.70
CA ARG I 81 -10.13 19.13 -27.13
C ARG I 81 -10.50 20.42 -27.83
N LEU I 82 -9.62 20.88 -28.72
CA LEU I 82 -9.83 22.11 -29.50
C LEU I 82 -10.08 21.77 -30.96
N THR I 83 -11.15 22.35 -31.52
CA THR I 83 -11.55 22.12 -32.91
C THR I 83 -11.65 23.46 -33.63
N THR I 84 -10.96 23.57 -34.76
CA THR I 84 -11.06 24.71 -35.67
C THR I 84 -11.32 24.20 -37.08
N SER I 85 -11.56 25.11 -38.01
CA SER I 85 -11.70 24.75 -39.43
C SER I 85 -10.46 24.04 -39.96
N ASP I 86 -9.29 24.41 -39.43
CA ASP I 86 -8.01 23.93 -39.94
C ASP I 86 -7.43 22.73 -39.19
N CYS I 87 -7.82 22.56 -37.92
CA CYS I 87 -7.27 21.47 -37.09
C CYS I 87 -8.17 21.03 -35.94
N GLU I 88 -7.84 19.86 -35.41
CA GLU I 88 -8.42 19.36 -34.17
C GLU I 88 -7.31 18.69 -33.39
N CYS I 89 -7.19 19.06 -32.12
CA CYS I 89 -6.09 18.58 -31.29
C CYS I 89 -6.41 18.56 -29.79
N LEU I 90 -5.60 17.80 -29.05
CA LEU I 90 -5.74 17.68 -27.61
C LEU I 90 -4.63 18.43 -26.88
N PHE I 91 -4.99 19.11 -25.79
CA PHE I 91 -4.02 19.70 -24.87
C PHE I 91 -4.23 19.19 -23.44
N GLN I 92 -3.18 18.70 -22.81
CA GLN I 92 -3.25 18.25 -21.42
C GLN I 92 -2.66 19.26 -20.45
N ALA I 93 -3.49 19.70 -19.53
CA ALA I 93 -3.08 20.60 -18.46
C ALA I 93 -2.55 19.80 -17.27
N GLU I 94 -2.00 20.50 -16.27
CA GLU I 94 -1.34 19.86 -15.12
C GLU I 94 -2.33 19.18 -14.17
N ASP I 95 -3.49 19.81 -14.01
CA ASP I 95 -4.57 19.29 -13.18
C ASP I 95 -5.94 19.77 -13.68
N ARG I 96 -7.00 19.44 -12.93
CA ARG I 96 -8.37 19.83 -13.30
C ARG I 96 -8.51 21.35 -13.40
N ASP I 97 -8.09 22.04 -12.34
CA ASP I 97 -8.15 23.51 -12.26
C ASP I 97 -7.41 24.21 -13.41
N ASP I 98 -6.25 23.67 -13.79
CA ASP I 98 -5.45 24.23 -14.88
C ASP I 98 -6.20 24.03 -16.20
N MET I 99 -6.81 22.86 -16.36
CA MET I 99 -7.58 22.53 -17.56
C MET I 99 -8.75 23.50 -17.73
N LEU I 100 -9.46 23.74 -16.63
CA LEU I 100 -10.63 24.61 -16.62
C LEU I 100 -10.25 26.06 -16.91
N ALA I 101 -9.11 26.49 -16.38
CA ALA I 101 -8.59 27.84 -16.61
C ALA I 101 -8.18 28.05 -18.07
N TRP I 102 -7.55 27.04 -18.67
CA TRP I 102 -7.24 27.10 -20.12
C TRP I 102 -8.49 27.18 -21.00
N ILE I 103 -9.49 26.36 -20.71
CA ILE I 103 -10.76 26.38 -21.45
C ILE I 103 -11.39 27.77 -21.38
N LYS I 104 -11.53 28.29 -20.16
CA LYS I 104 -12.19 29.56 -19.91
C LYS I 104 -11.52 30.74 -20.63
N THR I 105 -10.18 30.79 -20.59
CA THR I 105 -9.44 31.88 -21.21
C THR I 105 -9.53 31.80 -22.73
N ILE I 106 -9.40 30.59 -23.28
CA ILE I 106 -9.59 30.37 -24.73
C ILE I 106 -11.00 30.76 -25.19
N GLN I 107 -12.01 30.36 -24.42
CA GLN I 107 -13.41 30.78 -24.65
C GLN I 107 -13.53 32.30 -24.73
N GLU I 108 -13.08 32.96 -23.66
CA GLU I 108 -13.19 34.41 -23.50
C GLU I 108 -12.35 35.24 -24.49
N SER I 109 -11.43 34.57 -25.19
CA SER I 109 -10.53 35.24 -26.12
C SER I 109 -11.20 35.64 -27.45
N SER I 110 -12.35 35.04 -27.76
CA SER I 110 -13.03 35.28 -29.05
C SER I 110 -13.61 36.69 -29.15
N ASN I 111 -13.42 37.33 -30.31
CA ASN I 111 -14.02 38.63 -30.57
C ASN I 111 -15.22 38.59 -31.52
N LEU I 112 -15.66 37.37 -31.86
CA LEU I 112 -16.75 37.16 -32.82
C LEU I 112 -18.09 37.61 -32.28
N ASN I 113 -18.88 38.22 -33.16
CA ASN I 113 -20.28 38.58 -32.87
C ASN I 113 -21.21 37.37 -32.80
N GLU I 114 -22.48 37.60 -32.53
CA GLU I 114 -23.45 36.52 -32.33
C GLU I 114 -23.64 35.70 -33.60
N GLU I 115 -23.66 36.37 -34.74
CA GLU I 115 -23.93 35.71 -36.02
C GLU I 115 -22.75 34.84 -36.46
N ASP I 116 -21.55 35.39 -36.36
CA ASP I 116 -20.32 34.65 -36.67
C ASP I 116 -20.12 33.48 -35.71
N THR I 117 -20.41 33.70 -34.43
CA THR I 117 -20.40 32.62 -33.43
C THR I 117 -21.39 31.50 -33.81
N GLY I 118 -22.61 31.89 -34.18
CA GLY I 118 -23.63 30.93 -34.57
C GLY I 118 -23.22 30.10 -35.77
N VAL I 119 -22.66 30.77 -36.78
CA VAL I 119 -22.30 30.13 -38.05
C VAL I 119 -21.09 29.21 -37.88
N THR I 120 -20.06 29.71 -37.20
CA THR I 120 -18.87 28.91 -36.94
C THR I 120 -19.24 27.69 -36.06
N ASN I 121 -19.98 27.93 -34.98
CA ASN I 121 -20.50 26.81 -34.15
C ASN I 121 -21.21 25.74 -34.99
N ARG I 122 -22.22 26.15 -35.76
CA ARG I 122 -22.98 25.25 -36.62
C ARG I 122 -22.08 24.45 -37.57
N ASP I 123 -21.07 25.11 -38.15
CA ASP I 123 -20.22 24.48 -39.17
C ASP I 123 -19.25 23.47 -38.57
N LEU I 124 -18.67 23.82 -37.43
CA LEU I 124 -17.72 22.95 -36.74
C LEU I 124 -18.48 21.76 -36.13
N ILE I 125 -19.64 22.03 -35.54
CA ILE I 125 -20.53 20.96 -35.04
C ILE I 125 -20.97 19.98 -36.15
N SER I 126 -21.46 20.52 -37.27
CA SER I 126 -21.89 19.68 -38.40
C SER I 126 -20.78 18.76 -38.89
N ARG I 127 -19.57 19.29 -38.99
CA ARG I 127 -18.41 18.50 -39.39
C ARG I 127 -18.07 17.41 -38.39
N ARG I 128 -18.17 17.72 -37.09
CA ARG I 128 -17.98 16.72 -36.02
C ARG I 128 -19.02 15.60 -36.12
N ILE I 129 -20.25 15.97 -36.42
CA ILE I 129 -21.33 15.00 -36.62
C ILE I 129 -20.97 14.01 -37.76
N LYS I 130 -20.50 14.57 -38.88
CA LYS I 130 -20.11 13.76 -40.04
C LYS I 130 -18.83 12.95 -39.77
N GLU I 131 -17.88 13.56 -39.07
CA GLU I 131 -16.60 12.91 -38.72
C GLU I 131 -16.78 11.65 -37.87
N TYR I 132 -17.85 11.62 -37.08
CA TYR I 132 -18.24 10.43 -36.31
C TYR I 132 -18.92 9.41 -37.21
N ASN I 133 -19.86 9.88 -38.04
CA ASN I 133 -20.69 9.02 -38.90
C ASN I 133 -19.88 8.24 -39.94
N ALA J 3 -6.11 -58.57 57.30
CA ALA J 3 -5.90 -57.15 56.98
C ALA J 3 -4.57 -56.91 56.27
N ALA J 4 -4.65 -56.28 55.11
CA ALA J 4 -3.47 -55.92 54.33
C ALA J 4 -2.69 -54.77 54.98
N LYS J 5 -3.42 -53.80 55.52
CA LYS J 5 -2.82 -52.64 56.17
C LYS J 5 -3.83 -51.95 57.07
N GLU J 6 -3.34 -51.35 58.15
CA GLU J 6 -4.19 -50.58 59.06
C GLU J 6 -3.41 -49.48 59.75
N GLY J 7 -4.10 -48.41 60.11
CA GLY J 7 -3.47 -47.27 60.79
C GLY J 7 -4.37 -46.07 60.84
N TRP J 8 -3.99 -45.08 61.65
CA TRP J 8 -4.72 -43.82 61.72
C TRP J 8 -4.45 -42.99 60.46
N LEU J 9 -5.51 -42.43 59.89
CA LEU J 9 -5.40 -41.47 58.81
C LEU J 9 -6.36 -40.32 59.06
N HIS J 10 -5.96 -39.10 58.71
CA HIS J 10 -6.92 -38.02 58.64
C HIS J 10 -7.69 -38.13 57.34
N PHE J 11 -8.99 -37.85 57.42
CA PHE J 11 -9.90 -38.11 56.31
C PHE J 11 -10.78 -36.91 56.02
N ARG J 12 -10.97 -36.59 54.74
CA ARG J 12 -12.06 -35.71 54.34
C ARG J 12 -12.56 -35.99 52.92
N PRO J 13 -13.90 -36.02 52.76
CA PRO J 13 -14.50 -36.29 51.45
C PRO J 13 -14.39 -35.07 50.55
N LEU J 14 -14.19 -35.31 49.26
CA LEU J 14 -14.32 -34.25 48.27
C LEU J 14 -15.69 -34.38 47.60
N VAL J 15 -16.13 -35.62 47.41
CA VAL J 15 -17.46 -35.95 46.87
C VAL J 15 -18.00 -37.23 47.50
N PRO J 28 -14.79 -31.01 56.74
CA PRO J 28 -13.58 -30.84 57.53
C PRO J 28 -12.85 -32.15 57.75
N TRP J 29 -11.55 -32.08 58.07
CA TRP J 29 -10.74 -33.25 58.34
C TRP J 29 -11.17 -33.96 59.63
N LYS J 30 -11.33 -35.27 59.58
CA LYS J 30 -11.48 -36.07 60.79
C LYS J 30 -10.53 -37.27 60.80
N GLN J 31 -10.03 -37.58 61.99
CA GLN J 31 -9.10 -38.68 62.16
C GLN J 31 -9.89 -39.99 62.21
N MET J 32 -9.54 -40.92 61.34
CA MET J 32 -10.21 -42.23 61.33
C MET J 32 -9.16 -43.32 61.45
N TYR J 33 -9.51 -44.43 62.09
CA TYR J 33 -8.67 -45.61 62.05
C TYR J 33 -9.07 -46.40 60.81
N VAL J 34 -8.11 -46.58 59.90
CA VAL J 34 -8.43 -47.16 58.61
C VAL J 34 -7.84 -48.56 58.45
N VAL J 35 -8.67 -49.46 57.93
CA VAL J 35 -8.29 -50.86 57.73
C VAL J 35 -8.61 -51.29 56.30
N LEU J 36 -7.61 -51.81 55.60
CA LEU J 36 -7.80 -52.39 54.28
C LEU J 36 -7.88 -53.92 54.41
N ARG J 37 -9.06 -54.45 54.11
CA ARG J 37 -9.29 -55.90 54.13
C ARG J 37 -9.73 -56.31 52.75
N GLY J 38 -8.94 -57.17 52.11
CA GLY J 38 -9.13 -57.50 50.70
C GLY J 38 -8.96 -56.23 49.88
N HIS J 39 -10.00 -55.84 49.16
CA HIS J 39 -10.03 -54.60 48.39
C HIS J 39 -11.14 -53.68 48.90
N SER J 40 -11.41 -53.77 50.20
CA SER J 40 -12.40 -52.94 50.86
C SER J 40 -11.69 -52.10 51.92
N LEU J 41 -12.07 -50.83 51.99
CA LEU J 41 -11.42 -49.89 52.89
C LEU J 41 -12.40 -49.52 54.01
N TYR J 42 -11.99 -49.83 55.23
CA TYR J 42 -12.85 -49.65 56.40
C TYR J 42 -12.43 -48.44 57.23
N LEU J 43 -13.36 -47.52 57.42
CA LEU J 43 -13.12 -46.33 58.21
C LEU J 43 -13.86 -46.44 59.54
N TYR J 44 -13.10 -46.41 60.63
CA TYR J 44 -13.65 -46.46 61.98
C TYR J 44 -13.28 -45.19 62.74
N LYS J 45 -14.30 -44.54 63.30
CA LYS J 45 -14.09 -43.43 64.23
C LYS J 45 -13.25 -43.93 65.41
N ASP J 46 -13.45 -45.20 65.75
CA ASP J 46 -12.84 -45.80 66.93
C ASP J 46 -12.09 -47.07 66.54
N LYS J 47 -10.78 -47.09 66.77
CA LYS J 47 -9.94 -48.27 66.53
C LYS J 47 -10.44 -49.54 67.24
N ARG J 48 -10.79 -49.43 68.51
CA ARG J 48 -11.25 -50.60 69.27
C ARG J 48 -12.65 -51.09 68.89
N GLU J 49 -13.28 -50.40 67.94
CA GLU J 49 -14.57 -50.81 67.37
C GLU J 49 -14.42 -51.20 65.89
N GLN J 50 -13.33 -51.92 65.58
CA GLN J 50 -12.98 -52.22 64.18
C GLN J 50 -13.47 -53.61 63.74
N GLN J 58 -21.24 -49.20 55.07
CA GLN J 58 -20.44 -49.93 54.11
C GLN J 58 -19.00 -49.37 53.98
N PRO J 59 -18.01 -50.27 53.81
CA PRO J 59 -16.66 -49.85 53.46
C PRO J 59 -16.58 -49.25 52.04
N ILE J 60 -15.42 -48.71 51.69
CA ILE J 60 -15.16 -48.24 50.33
C ILE J 60 -14.47 -49.34 49.53
N SER J 61 -15.11 -49.80 48.46
CA SER J 61 -14.45 -50.71 47.53
C SER J 61 -13.39 -49.95 46.75
N VAL J 62 -12.17 -50.47 46.78
CA VAL J 62 -11.04 -49.88 46.06
C VAL J 62 -10.52 -50.87 45.01
N ASN J 63 -11.39 -51.81 44.65
CA ASN J 63 -11.09 -52.77 43.61
C ASN J 63 -10.95 -52.07 42.27
N ALA J 64 -11.84 -51.11 42.00
CA ALA J 64 -11.75 -50.21 40.86
C ALA J 64 -11.61 -48.77 41.32
N CYS J 65 -10.39 -48.24 41.28
CA CYS J 65 -10.14 -46.87 41.72
C CYS J 65 -9.00 -46.20 40.97
N LEU J 66 -8.99 -44.86 41.03
CA LEU J 66 -7.79 -44.08 40.77
C LEU J 66 -7.23 -43.67 42.12
N ILE J 67 -5.91 -43.65 42.23
CA ILE J 67 -5.24 -43.20 43.44
C ILE J 67 -3.92 -42.49 43.10
N ASP J 68 -3.70 -41.34 43.72
CA ASP J 68 -2.48 -40.57 43.48
C ASP J 68 -2.22 -39.66 44.67
N ILE J 69 -1.03 -39.04 44.66
CA ILE J 69 -0.65 -38.01 45.61
C ILE J 69 -1.45 -36.74 45.34
N SER J 70 -1.97 -36.13 46.39
CA SER J 70 -2.71 -34.88 46.26
C SER J 70 -1.74 -33.70 46.32
N TYR J 71 -1.76 -32.88 45.28
CA TYR J 71 -0.86 -31.73 45.18
C TYR J 71 -1.52 -30.41 45.52
N SER J 72 -2.78 -30.27 45.14
CA SER J 72 -3.43 -28.97 45.22
C SER J 72 -4.91 -29.01 45.64
N GLU J 73 -5.38 -30.15 46.08
CA GLU J 73 -6.69 -30.20 46.73
C GLU J 73 -6.59 -29.74 48.18
N THR J 74 -5.36 -29.79 48.71
CA THR J 74 -5.09 -29.54 50.12
C THR J 74 -3.72 -28.88 50.30
N LYS J 75 -3.60 -28.03 51.31
CA LYS J 75 -2.29 -27.49 51.69
C LYS J 75 -1.50 -28.47 52.56
N ARG J 76 -2.17 -29.52 53.05
CA ARG J 76 -1.49 -30.57 53.83
C ARG J 76 -0.59 -31.46 52.99
N LYS J 77 0.54 -31.85 53.58
CA LYS J 77 1.46 -32.83 53.02
C LYS J 77 1.01 -34.26 53.30
N ASN J 78 1.56 -35.19 52.54
CA ASN J 78 1.40 -36.63 52.78
C ASN J 78 -0.02 -37.15 52.60
N VAL J 79 -0.76 -36.45 51.74
CA VAL J 79 -2.14 -36.77 51.41
C VAL J 79 -2.23 -37.53 50.09
N PHE J 80 -2.98 -38.63 50.08
CA PHE J 80 -3.40 -39.26 48.83
C PHE J 80 -4.89 -39.04 48.53
N ARG J 81 -5.21 -39.02 47.25
CA ARG J 81 -6.56 -38.79 46.73
C ARG J 81 -7.08 -40.11 46.16
N LEU J 82 -8.20 -40.57 46.69
CA LEU J 82 -8.84 -41.80 46.25
C LEU J 82 -10.09 -41.46 45.47
N THR J 83 -10.20 -42.01 44.26
CA THR J 83 -11.36 -41.79 43.40
C THR J 83 -11.97 -43.13 43.01
N THR J 84 -13.27 -43.29 43.28
CA THR J 84 -14.01 -44.48 42.85
C THR J 84 -15.25 -44.00 42.09
N SER J 85 -16.06 -44.94 41.61
CA SER J 85 -17.31 -44.57 40.94
C SER J 85 -18.23 -43.78 41.87
N ASP J 86 -18.15 -44.10 43.16
CA ASP J 86 -19.08 -43.58 44.16
C ASP J 86 -18.57 -42.47 45.09
N CYS J 87 -17.26 -42.27 45.13
CA CYS J 87 -16.70 -41.24 46.00
C CYS J 87 -15.34 -40.71 45.53
N GLU J 88 -14.99 -39.54 46.04
CA GLU J 88 -13.65 -39.01 45.94
C GLU J 88 -13.31 -38.40 47.28
N CYS J 89 -12.14 -38.77 47.81
CA CYS J 89 -11.73 -38.28 49.11
C CYS J 89 -10.22 -38.26 49.31
N LEU J 90 -9.81 -37.53 50.34
CA LEU J 90 -8.41 -37.40 50.70
C LEU J 90 -8.13 -38.13 52.02
N PHE J 91 -6.97 -38.76 52.09
CA PHE J 91 -6.46 -39.37 53.29
C PHE J 91 -5.06 -38.83 53.56
N GLN J 92 -4.80 -38.42 54.79
CA GLN J 92 -3.45 -37.99 55.19
C GLN J 92 -2.75 -39.01 56.08
N ALA J 93 -1.59 -39.48 55.62
CA ALA J 93 -0.76 -40.41 56.36
C ALA J 93 0.22 -39.65 57.25
N GLU J 94 0.92 -40.36 58.13
CA GLU J 94 1.84 -39.76 59.11
C GLU J 94 3.00 -39.01 58.46
N ASP J 95 3.55 -39.60 57.40
CA ASP J 95 4.68 -39.04 56.67
C ASP J 95 4.70 -39.53 55.21
N ARG J 96 5.76 -39.19 54.48
CA ARG J 96 5.86 -39.51 53.06
C ARG J 96 5.86 -41.02 52.81
N ASP J 97 6.66 -41.74 53.59
CA ASP J 97 6.77 -43.19 53.44
C ASP J 97 5.46 -43.91 53.73
N ASP J 98 4.76 -43.44 54.76
CA ASP J 98 3.43 -43.94 55.15
C ASP J 98 2.40 -43.69 54.05
N MET J 99 2.42 -42.49 53.47
CA MET J 99 1.56 -42.17 52.32
C MET J 99 1.81 -43.12 51.13
N LEU J 100 3.08 -43.36 50.82
CA LEU J 100 3.46 -44.23 49.71
C LEU J 100 3.08 -45.69 49.98
N ALA J 101 3.33 -46.14 51.21
CA ALA J 101 2.92 -47.49 51.65
C ALA J 101 1.41 -47.72 51.48
N TRP J 102 0.61 -46.76 51.90
CA TRP J 102 -0.84 -46.84 51.73
C TRP J 102 -1.23 -46.87 50.25
N ILE J 103 -0.63 -46.00 49.46
CA ILE J 103 -0.88 -45.98 48.03
C ILE J 103 -0.61 -47.37 47.42
N LYS J 104 0.57 -47.92 47.71
CA LYS J 104 1.05 -49.20 47.14
C LYS J 104 0.14 -50.35 47.51
N THR J 105 -0.22 -50.44 48.80
CA THR J 105 -1.09 -51.51 49.29
C THR J 105 -2.50 -51.43 48.69
N ILE J 106 -3.06 -50.22 48.59
CA ILE J 106 -4.35 -50.02 47.95
C ILE J 106 -4.34 -50.47 46.47
N GLN J 107 -3.29 -50.09 45.74
CA GLN J 107 -3.08 -50.52 44.36
C GLN J 107 -3.02 -52.04 44.22
N GLU J 108 -2.25 -52.67 45.09
CA GLU J 108 -2.01 -54.13 45.08
C GLU J 108 -3.23 -54.97 45.46
N SER J 109 -4.25 -54.32 46.01
CA SER J 109 -5.41 -55.00 46.58
C SER J 109 -6.47 -55.34 45.53
N SER J 110 -6.34 -54.73 44.34
CA SER J 110 -7.27 -54.95 43.24
C SER J 110 -7.12 -56.35 42.68
N ASN J 111 -8.26 -57.02 42.52
CA ASN J 111 -8.30 -58.35 41.90
C ASN J 111 -8.71 -58.28 40.42
N LEU J 112 -8.83 -57.05 39.90
CA LEU J 112 -9.25 -56.85 38.52
C LEU J 112 -8.19 -57.30 37.54
N ASN J 113 -8.64 -57.95 36.47
CA ASN J 113 -7.73 -58.32 35.38
C ASN J 113 -7.39 -57.11 34.51
N GLU J 114 -6.52 -57.32 33.52
CA GLU J 114 -6.08 -56.26 32.61
C GLU J 114 -7.26 -55.58 31.92
N GLU J 115 -8.22 -56.39 31.46
CA GLU J 115 -9.38 -55.88 30.74
C GLU J 115 -10.18 -54.93 31.60
N ASP J 116 -10.55 -55.39 32.80
CA ASP J 116 -11.42 -54.61 33.69
C ASP J 116 -10.71 -53.41 34.31
N THR J 117 -9.40 -53.54 34.55
CA THR J 117 -8.57 -52.42 35.02
C THR J 117 -8.55 -51.28 33.98
N GLY J 118 -8.38 -51.64 32.71
CA GLY J 118 -8.36 -50.67 31.62
C GLY J 118 -9.68 -49.96 31.41
N VAL J 119 -10.77 -50.72 31.54
CA VAL J 119 -12.12 -50.17 31.37
C VAL J 119 -12.45 -49.21 32.52
N THR J 120 -12.21 -49.65 33.74
CA THR J 120 -12.49 -48.85 34.93
C THR J 120 -11.61 -47.60 34.98
N ASN J 121 -10.31 -47.75 34.68
CA ASN J 121 -9.40 -46.60 34.52
C ASN J 121 -9.90 -45.59 33.51
N ARG J 122 -10.18 -46.05 32.28
CA ARG J 122 -10.75 -45.20 31.23
C ARG J 122 -11.97 -44.40 31.67
N ASP J 123 -12.94 -45.07 32.31
CA ASP J 123 -14.18 -44.40 32.75
C ASP J 123 -13.94 -43.42 33.89
N LEU J 124 -13.08 -43.80 34.83
CA LEU J 124 -12.77 -42.91 35.94
C LEU J 124 -11.99 -41.67 35.49
N ILE J 125 -11.01 -41.87 34.60
CA ILE J 125 -10.25 -40.76 34.01
C ILE J 125 -11.12 -39.85 33.16
N SER J 126 -11.91 -40.44 32.25
CA SER J 126 -12.79 -39.66 31.37
C SER J 126 -13.72 -38.72 32.15
N ARG J 127 -14.25 -39.21 33.27
CA ARG J 127 -15.12 -38.38 34.11
C ARG J 127 -14.34 -37.24 34.76
N ARG J 128 -13.14 -37.55 35.27
CA ARG J 128 -12.30 -36.55 35.90
C ARG J 128 -11.92 -35.44 34.90
N ILE J 129 -11.64 -35.83 33.65
CA ILE J 129 -11.34 -34.87 32.55
C ILE J 129 -12.50 -33.92 32.33
N LYS J 130 -13.70 -34.49 32.20
CA LYS J 130 -14.93 -33.72 31.99
C LYS J 130 -15.16 -32.74 33.15
N GLU J 131 -14.95 -33.23 34.37
CA GLU J 131 -15.07 -32.42 35.59
C GLU J 131 -14.14 -31.21 35.61
N TYR J 132 -12.89 -31.40 35.18
CA TYR J 132 -11.92 -30.31 35.15
C TYR J 132 -12.04 -29.36 33.96
N ASN J 133 -12.54 -29.87 32.82
CA ASN J 133 -12.95 -29.01 31.71
C ASN J 133 -14.13 -28.13 32.14
N ASN J 134 -15.10 -28.77 32.80
CA ASN J 134 -16.34 -28.13 33.24
C ASN J 134 -16.15 -27.26 34.50
N LEU J 135 -14.92 -26.89 34.79
CA LEU J 135 -14.59 -26.10 35.97
C LEU J 135 -13.30 -25.29 35.75
N ALA K 3 44.87 62.94 -34.08
CA ALA K 3 44.50 62.14 -32.91
C ALA K 3 43.44 61.08 -33.22
N ALA K 4 43.70 59.85 -32.77
CA ALA K 4 42.74 58.75 -32.87
C ALA K 4 41.58 58.97 -31.90
N LYS K 5 41.88 59.54 -30.74
CA LYS K 5 40.88 59.92 -29.75
C LYS K 5 41.49 60.88 -28.75
N GLU K 6 40.67 61.78 -28.20
CA GLU K 6 41.09 62.69 -27.14
C GLU K 6 39.92 63.01 -26.22
N GLY K 7 40.24 63.37 -24.98
CA GLY K 7 39.23 63.66 -23.98
C GLY K 7 39.82 63.70 -22.59
N TRP K 8 39.06 64.28 -21.67
CA TRP K 8 39.44 64.32 -20.27
C TRP K 8 39.28 62.93 -19.66
N LEU K 9 40.21 62.59 -18.79
CA LEU K 9 40.14 61.35 -18.01
C LEU K 9 40.78 61.57 -16.66
N HIS K 10 40.24 60.94 -15.62
CA HIS K 10 40.93 60.90 -14.34
C HIS K 10 42.00 59.82 -14.39
N PHE K 11 43.15 60.13 -13.77
CA PHE K 11 44.33 59.28 -13.90
C PHE K 11 44.97 59.05 -12.54
N ARG K 12 45.31 57.79 -12.24
CA ARG K 12 46.21 57.49 -11.13
C ARG K 12 47.11 56.31 -11.46
N PRO K 13 48.42 56.44 -11.16
CA PRO K 13 49.33 55.32 -11.36
C PRO K 13 49.10 54.21 -10.34
N LEU K 14 49.41 53.00 -10.75
CA LEU K 14 49.53 51.87 -9.84
C LEU K 14 51.02 51.53 -9.78
N VAL K 15 51.66 51.55 -10.95
CA VAL K 15 53.11 51.38 -11.10
C VAL K 15 53.67 52.51 -11.99
N PRO K 28 47.10 59.99 -5.56
CA PRO K 28 45.68 60.32 -5.71
C PRO K 28 45.28 60.56 -7.17
N TRP K 29 43.98 60.56 -7.42
CA TRP K 29 43.44 60.80 -8.76
C TRP K 29 43.71 62.24 -9.19
N LYS K 30 44.08 62.40 -10.45
CA LYS K 30 44.39 63.69 -11.03
C LYS K 30 43.71 63.74 -12.41
N GLN K 31 43.02 64.84 -12.70
CA GLN K 31 42.35 64.98 -13.98
C GLN K 31 43.35 65.38 -15.08
N MET K 32 43.38 64.60 -16.16
CA MET K 32 44.32 64.84 -17.25
C MET K 32 43.56 64.99 -18.56
N TYR K 33 44.10 65.78 -19.48
CA TYR K 33 43.59 65.74 -20.84
C TYR K 33 44.42 64.73 -21.62
N VAL K 34 43.75 63.72 -22.16
CA VAL K 34 44.48 62.59 -22.75
C VAL K 34 44.27 62.52 -24.26
N VAL K 35 45.37 62.38 -24.99
CA VAL K 35 45.32 62.32 -26.45
C VAL K 35 46.04 61.08 -26.99
N LEU K 36 45.34 60.29 -27.78
CA LEU K 36 45.96 59.13 -28.45
C LEU K 36 46.33 59.50 -29.88
N ARG K 37 47.64 59.52 -30.15
CA ARG K 37 48.16 59.71 -31.50
C ARG K 37 49.01 58.50 -31.92
N GLY K 38 48.55 57.79 -32.94
CA GLY K 38 49.18 56.52 -33.34
C GLY K 38 49.00 55.55 -32.19
N HIS K 39 50.11 55.00 -31.70
CA HIS K 39 50.12 54.11 -30.54
C HIS K 39 50.83 54.76 -29.36
N SER K 40 50.71 56.09 -29.26
CA SER K 40 51.33 56.84 -28.18
C SER K 40 50.23 57.60 -27.44
N LEU K 41 50.24 57.48 -26.11
CA LEU K 41 49.25 58.11 -25.25
C LEU K 41 49.87 59.28 -24.48
N TYR K 42 49.38 60.47 -24.78
CA TYR K 42 49.89 61.72 -24.21
C TYR K 42 48.98 62.19 -23.10
N LEU K 43 49.57 62.49 -21.94
CA LEU K 43 48.83 62.98 -20.79
C LEU K 43 49.19 64.46 -20.52
N TYR K 44 48.19 65.32 -20.61
CA TYR K 44 48.37 66.75 -20.41
C TYR K 44 47.62 67.23 -19.16
N LYS K 45 48.32 67.99 -18.31
CA LYS K 45 47.67 68.64 -17.18
C LYS K 45 46.64 69.64 -17.71
N ASP K 46 46.89 70.14 -18.91
CA ASP K 46 46.16 71.26 -19.47
C ASP K 46 45.80 70.97 -20.94
N LYS K 47 44.50 70.98 -21.24
CA LYS K 47 44.01 70.78 -22.61
C LYS K 47 44.68 71.70 -23.65
N ARG K 48 44.91 72.96 -23.30
CA ARG K 48 45.53 73.89 -24.25
C ARG K 48 47.07 73.82 -24.31
N GLU K 49 47.62 72.69 -23.86
CA GLU K 49 49.07 72.46 -23.93
C GLU K 49 49.46 71.33 -24.93
N GLN K 50 48.47 70.82 -25.67
CA GLN K 50 48.69 69.73 -26.64
C GLN K 50 49.84 70.05 -27.60
N GLN K 58 57.10 63.17 -22.99
CA GLN K 58 57.27 61.74 -23.29
C GLN K 58 55.97 60.95 -23.06
N PRO K 59 55.30 60.55 -24.16
CA PRO K 59 54.04 59.80 -24.03
C PRO K 59 54.22 58.36 -23.54
N ILE K 60 53.10 57.68 -23.30
CA ILE K 60 53.09 56.26 -22.97
C ILE K 60 52.88 55.49 -24.27
N SER K 61 53.84 54.63 -24.62
CA SER K 61 53.63 53.71 -25.74
C SER K 61 52.64 52.63 -25.34
N VAL K 62 51.62 52.45 -26.17
CA VAL K 62 50.64 51.39 -25.94
C VAL K 62 50.64 50.42 -27.11
N ASN K 63 51.76 50.41 -27.84
CA ASN K 63 51.90 49.48 -28.95
C ASN K 63 51.84 48.05 -28.41
N ALA K 64 52.52 47.84 -27.28
CA ALA K 64 52.41 46.60 -26.53
C ALA K 64 51.83 46.88 -25.15
N CYS K 65 50.58 46.46 -24.94
CA CYS K 65 49.96 46.66 -23.64
C CYS K 65 48.89 45.61 -23.34
N LEU K 66 48.57 45.49 -22.05
CA LEU K 66 47.32 44.89 -21.59
C LEU K 66 46.38 46.02 -21.25
N ILE K 67 45.10 45.83 -21.52
CA ILE K 67 44.07 46.82 -21.17
C ILE K 67 42.77 46.10 -20.85
N ASP K 68 42.13 46.50 -19.76
CA ASP K 68 40.90 45.84 -19.34
C ASP K 68 40.13 46.79 -18.43
N ILE K 69 38.92 46.38 -18.08
CA ILE K 69 38.10 47.10 -17.13
C ILE K 69 38.61 46.83 -15.72
N SER K 70 38.77 47.90 -14.94
CA SER K 70 39.18 47.76 -13.56
C SER K 70 37.97 47.42 -12.67
N TYR K 71 38.01 46.24 -12.08
CA TYR K 71 36.95 45.80 -11.18
C TYR K 71 37.30 46.05 -9.72
N SER K 72 38.55 45.80 -9.35
CA SER K 72 38.92 45.76 -7.95
C SER K 72 40.17 46.55 -7.53
N GLU K 73 40.81 47.26 -8.46
CA GLU K 73 41.88 48.19 -8.07
C GLU K 73 41.30 49.52 -7.54
N THR K 74 40.02 49.74 -7.85
CA THR K 74 39.34 51.00 -7.57
C THR K 74 37.88 50.76 -7.20
N LYS K 75 37.35 51.60 -6.30
CA LYS K 75 35.92 51.58 -6.01
C LYS K 75 35.13 52.36 -7.07
N ARG K 76 35.84 53.13 -7.90
CA ARG K 76 35.21 53.89 -8.97
C ARG K 76 34.79 53.04 -10.16
N LYS K 77 33.69 53.48 -10.78
CA LYS K 77 33.14 52.87 -11.98
C LYS K 77 33.75 53.52 -13.24
N ASN K 78 33.68 52.80 -14.36
CA ASN K 78 34.10 53.30 -15.68
C ASN K 78 35.61 53.53 -15.79
N VAL K 79 36.36 52.71 -15.07
CA VAL K 79 37.81 52.80 -15.04
C VAL K 79 38.42 51.68 -15.89
N PHE K 80 39.39 52.05 -16.73
CA PHE K 80 40.22 51.03 -17.39
C PHE K 80 41.64 50.99 -16.84
N ARG K 81 42.22 49.79 -16.86
CA ARG K 81 43.56 49.57 -16.36
C ARG K 81 44.49 49.29 -17.55
N LEU K 82 45.50 50.14 -17.70
CA LEU K 82 46.50 49.98 -18.75
C LEU K 82 47.79 49.46 -18.12
N THR K 83 48.32 48.38 -18.71
CA THR K 83 49.59 47.77 -18.29
C THR K 83 50.54 47.73 -19.48
N THR K 84 51.72 48.34 -19.32
CA THR K 84 52.77 48.26 -20.34
C THR K 84 54.03 47.79 -19.61
N SER K 85 55.13 47.61 -20.33
CA SER K 85 56.38 47.18 -19.70
C SER K 85 56.87 48.21 -18.67
N ASP K 86 56.62 49.48 -18.93
CA ASP K 86 57.16 50.57 -18.12
C ASP K 86 56.20 51.15 -17.07
N CYS K 87 54.92 50.79 -17.14
CA CYS K 87 53.96 51.32 -16.16
C CYS K 87 52.66 50.55 -16.07
N GLU K 88 51.93 50.82 -15.00
CA GLU K 88 50.55 50.36 -14.85
C GLU K 88 49.75 51.45 -14.16
N CYS K 89 48.59 51.76 -14.71
CA CYS K 89 47.81 52.90 -14.22
C CYS K 89 46.33 52.78 -14.55
N LEU K 90 45.54 53.60 -13.86
CA LEU K 90 44.09 53.62 -14.02
C LEU K 90 43.62 54.92 -14.67
N PHE K 91 42.70 54.79 -15.62
CA PHE K 91 42.03 55.94 -16.21
C PHE K 91 40.52 55.81 -16.04
N GLN K 92 39.89 56.85 -15.53
CA GLN K 92 38.43 56.89 -15.43
C GLN K 92 37.81 57.72 -16.55
N ALA K 93 36.94 57.07 -17.33
CA ALA K 93 36.18 57.74 -18.38
C ALA K 93 34.87 58.33 -17.82
N GLU K 94 34.14 59.04 -18.68
CA GLU K 94 32.89 59.75 -18.33
C GLU K 94 31.77 58.80 -17.93
N ASP K 95 31.66 57.71 -18.67
CA ASP K 95 30.64 56.71 -18.44
C ASP K 95 31.10 55.40 -19.11
N ARG K 96 30.21 54.41 -19.12
CA ARG K 96 30.57 53.09 -19.63
C ARG K 96 30.98 53.13 -21.10
N ASP K 97 30.19 53.81 -21.93
CA ASP K 97 30.43 53.86 -23.38
C ASP K 97 31.77 54.54 -23.69
N ASP K 98 32.10 55.58 -22.94
CA ASP K 98 33.36 56.31 -23.09
C ASP K 98 34.54 55.42 -22.69
N MET K 99 34.39 54.68 -21.60
CA MET K 99 35.39 53.70 -21.17
C MET K 99 35.64 52.68 -22.29
N LEU K 100 34.56 52.16 -22.86
CA LEU K 100 34.65 51.12 -23.88
C LEU K 100 35.27 51.64 -25.19
N ALA K 101 34.96 52.88 -25.54
CA ALA K 101 35.51 53.53 -26.73
C ALA K 101 37.00 53.78 -26.57
N TRP K 102 37.40 54.20 -25.38
CA TRP K 102 38.81 54.35 -25.07
C TRP K 102 39.57 53.01 -25.16
N ILE K 103 39.04 51.98 -24.51
CA ILE K 103 39.64 50.64 -24.57
C ILE K 103 39.84 50.20 -26.03
N LYS K 104 38.78 50.27 -26.82
CA LYS K 104 38.75 49.85 -28.22
C LYS K 104 39.80 50.58 -29.07
N THR K 105 39.85 51.90 -28.94
CA THR K 105 40.78 52.75 -29.71
C THR K 105 42.24 52.42 -29.35
N ILE K 106 42.53 52.31 -28.06
CA ILE K 106 43.85 51.88 -27.59
C ILE K 106 44.25 50.50 -28.16
N GLN K 107 43.33 49.54 -28.08
CA GLN K 107 43.54 48.20 -28.67
C GLN K 107 43.87 48.28 -30.17
N GLU K 108 43.08 49.07 -30.90
CA GLU K 108 43.23 49.20 -32.35
C GLU K 108 44.52 49.92 -32.79
N SER K 109 45.13 50.65 -31.87
CA SER K 109 46.31 51.47 -32.20
C SER K 109 47.60 50.66 -32.41
N SER K 110 47.60 49.40 -31.98
CA SER K 110 48.79 48.57 -32.05
C SER K 110 49.13 48.23 -33.50
N ASN K 111 50.41 48.33 -33.84
CA ASN K 111 50.90 47.91 -35.16
C ASN K 111 51.65 46.56 -35.13
N LEU K 112 51.68 45.93 -33.96
CA LEU K 112 52.41 44.68 -33.79
C LEU K 112 51.81 43.54 -34.57
N ASN K 113 52.67 42.72 -35.17
CA ASN K 113 52.23 41.50 -35.83
C ASN K 113 51.81 40.47 -34.79
N GLU K 114 51.37 39.31 -35.24
CA GLU K 114 50.85 38.27 -34.35
C GLU K 114 51.95 37.73 -33.44
N GLU K 115 53.16 37.65 -33.97
CA GLU K 115 54.30 37.09 -33.26
C GLU K 115 54.67 37.96 -32.07
N ASP K 116 54.82 39.26 -32.33
CA ASP K 116 55.18 40.23 -31.30
C ASP K 116 54.04 40.44 -30.30
N THR K 117 52.80 40.37 -30.78
CA THR K 117 51.64 40.47 -29.90
C THR K 117 51.67 39.32 -28.89
N GLY K 118 51.92 38.11 -29.38
CA GLY K 118 51.95 36.90 -28.55
C GLY K 118 53.02 36.97 -27.50
N VAL K 119 54.21 37.39 -27.90
CA VAL K 119 55.35 37.49 -26.98
C VAL K 119 55.12 38.58 -25.92
N THR K 120 54.69 39.77 -26.35
CA THR K 120 54.46 40.87 -25.39
C THR K 120 53.28 40.53 -24.46
N ASN K 121 52.21 39.96 -25.01
CA ASN K 121 51.09 39.46 -24.18
C ASN K 121 51.58 38.46 -23.13
N ARG K 122 52.37 37.48 -23.56
CA ARG K 122 52.94 36.50 -22.65
C ARG K 122 53.77 37.12 -21.52
N ASP K 123 54.63 38.09 -21.86
CA ASP K 123 55.53 38.69 -20.89
C ASP K 123 54.77 39.57 -19.89
N LEU K 124 53.83 40.35 -20.43
CA LEU K 124 52.99 41.22 -19.59
C LEU K 124 52.09 40.42 -18.65
N ILE K 125 51.50 39.34 -19.15
CA ILE K 125 50.63 38.48 -18.33
C ILE K 125 51.45 37.73 -17.28
N SER K 126 52.58 37.14 -17.69
CA SER K 126 53.44 36.39 -16.77
C SER K 126 53.88 37.21 -15.57
N ARG K 127 54.29 38.45 -15.82
CA ARG K 127 54.68 39.37 -14.74
C ARG K 127 53.50 39.60 -13.79
N ARG K 128 52.34 39.90 -14.39
CA ARG K 128 51.11 40.12 -13.64
C ARG K 128 50.71 38.88 -12.80
N ILE K 129 50.88 37.68 -13.35
CA ILE K 129 50.66 36.43 -12.61
C ILE K 129 51.56 36.35 -11.38
N LYS K 130 52.84 36.66 -11.60
CA LYS K 130 53.85 36.66 -10.54
C LYS K 130 53.53 37.66 -9.43
N GLU K 131 53.03 38.82 -9.83
CA GLU K 131 52.65 39.88 -8.89
C GLU K 131 51.45 39.49 -8.01
N TYR K 132 50.54 38.70 -8.57
CA TYR K 132 49.35 38.24 -7.83
C TYR K 132 49.54 36.88 -7.15
N ASN K 133 50.51 36.09 -7.62
CA ASN K 133 50.93 34.90 -6.90
C ASN K 133 51.60 35.26 -5.58
N ASN K 134 52.35 36.37 -5.58
CA ASN K 134 52.96 36.95 -4.38
C ASN K 134 51.97 37.16 -3.25
N LEU K 135 51.10 38.17 -3.40
CA LEU K 135 50.09 38.50 -2.40
C LEU K 135 48.83 37.66 -2.59
N ALA L 3 -66.42 -27.45 23.22
CA ALA L 3 -66.19 -26.11 22.71
C ALA L 3 -64.98 -26.07 21.77
N ALA L 4 -65.17 -25.50 20.59
CA ALA L 4 -64.07 -25.20 19.67
C ALA L 4 -63.19 -24.11 20.28
N LYS L 5 -63.83 -23.07 20.82
CA LYS L 5 -63.14 -22.04 21.58
C LYS L 5 -64.02 -21.41 22.65
N GLU L 6 -63.41 -21.03 23.76
CA GLU L 6 -64.10 -20.30 24.82
C GLU L 6 -63.16 -19.36 25.58
N GLY L 7 -63.67 -18.21 25.98
CA GLY L 7 -62.90 -17.26 26.76
C GLY L 7 -63.64 -15.97 27.05
N TRP L 8 -63.07 -15.14 27.91
CA TRP L 8 -63.63 -13.82 28.19
C TRP L 8 -63.37 -12.88 27.02
N LEU L 9 -64.40 -12.13 26.66
CA LEU L 9 -64.31 -11.08 25.64
C LEU L 9 -65.20 -9.94 26.07
N HIS L 10 -64.78 -8.71 25.78
CA HIS L 10 -65.69 -7.58 25.92
C HIS L 10 -66.57 -7.52 24.67
N PHE L 11 -67.80 -7.10 24.87
CA PHE L 11 -68.82 -7.18 23.82
C PHE L 11 -69.64 -5.90 23.79
N ARG L 12 -69.89 -5.39 22.58
CA ARG L 12 -70.94 -4.41 22.38
C ARG L 12 -71.56 -4.51 21.00
N PRO L 13 -72.90 -4.47 20.94
CA PRO L 13 -73.57 -4.57 19.66
C PRO L 13 -73.55 -3.23 18.94
N LEU L 14 -73.45 -3.27 17.60
CA LEU L 14 -73.59 -2.06 16.79
C LEU L 14 -75.00 -2.01 16.20
N VAL L 15 -75.53 -3.19 15.86
CA VAL L 15 -76.87 -3.36 15.29
C VAL L 15 -77.54 -4.64 15.81
N PRO L 28 -72.94 0.23 25.76
CA PRO L 28 -71.59 0.23 26.31
C PRO L 28 -71.00 -1.17 26.36
N TRP L 29 -69.67 -1.27 26.44
CA TRP L 29 -68.99 -2.55 26.53
C TRP L 29 -69.40 -3.35 27.78
N LYS L 30 -69.62 -4.65 27.59
CA LYS L 30 -69.84 -5.58 28.70
C LYS L 30 -68.93 -6.78 28.52
N GLN L 31 -68.38 -7.26 29.63
CA GLN L 31 -67.56 -8.45 29.58
C GLN L 31 -68.45 -9.68 29.57
N MET L 32 -68.20 -10.58 28.64
CA MET L 32 -68.98 -11.81 28.50
C MET L 32 -68.06 -12.99 28.42
N TYR L 33 -68.53 -14.13 28.93
CA TYR L 33 -67.84 -15.39 28.68
C TYR L 33 -68.43 -16.00 27.40
N VAL L 34 -67.58 -16.15 26.40
CA VAL L 34 -68.03 -16.51 25.08
C VAL L 34 -67.55 -17.92 24.74
N VAL L 35 -68.45 -18.71 24.18
CA VAL L 35 -68.17 -20.09 23.81
C VAL L 35 -68.71 -20.36 22.40
N LEU L 36 -67.82 -20.76 21.50
CA LEU L 36 -68.24 -21.19 20.18
C LEU L 36 -68.45 -22.70 20.18
N ARG L 37 -69.67 -23.12 19.84
CA ARG L 37 -70.00 -24.53 19.70
C ARG L 37 -70.66 -24.74 18.33
N GLY L 38 -69.98 -25.51 17.49
CA GLY L 38 -70.37 -25.65 16.08
C GLY L 38 -70.20 -24.31 15.38
N HIS L 39 -71.27 -23.83 14.76
CA HIS L 39 -71.31 -22.49 14.18
C HIS L 39 -72.21 -21.59 15.00
N SER L 40 -72.33 -21.92 16.29
CA SER L 40 -73.16 -21.18 17.24
C SER L 40 -72.29 -20.55 18.33
N LEU L 41 -72.46 -19.25 18.51
CA LEU L 41 -71.65 -18.47 19.44
C LEU L 41 -72.48 -18.11 20.67
N TYR L 42 -72.08 -18.65 21.82
CA TYR L 42 -72.84 -18.48 23.05
C TYR L 42 -72.22 -17.40 23.93
N LEU L 43 -73.02 -16.40 24.29
CA LEU L 43 -72.58 -15.30 25.14
C LEU L 43 -73.19 -15.43 26.54
N TYR L 44 -72.32 -15.63 27.53
CA TYR L 44 -72.72 -15.74 28.93
C TYR L 44 -72.23 -14.56 29.77
N LYS L 45 -73.13 -14.02 30.60
CA LYS L 45 -72.78 -13.02 31.61
C LYS L 45 -71.86 -13.62 32.67
N ASP L 46 -72.00 -14.93 32.86
CA ASP L 46 -71.30 -15.66 33.92
C ASP L 46 -70.73 -16.96 33.36
N LYS L 47 -69.40 -17.09 33.44
CA LYS L 47 -68.68 -18.29 33.03
C LYS L 47 -69.23 -19.61 33.61
N ARG L 48 -69.68 -19.58 34.87
CA ARG L 48 -70.14 -20.81 35.52
C ARG L 48 -71.62 -21.15 35.30
N GLU L 49 -72.29 -20.41 34.43
CA GLU L 49 -73.67 -20.72 34.05
C GLU L 49 -73.77 -21.12 32.57
N GLN L 58 -80.68 -17.35 23.09
CA GLN L 58 -80.32 -17.87 21.77
C GLN L 58 -78.91 -17.45 21.38
N PRO L 59 -78.04 -18.44 21.03
CA PRO L 59 -76.70 -18.12 20.53
C PRO L 59 -76.72 -17.36 19.21
N ILE L 60 -75.60 -16.76 18.85
CA ILE L 60 -75.47 -16.13 17.55
C ILE L 60 -75.00 -17.18 16.54
N SER L 61 -75.79 -17.36 15.47
CA SER L 61 -75.37 -18.22 14.38
C SER L 61 -74.31 -17.48 13.57
N VAL L 62 -73.14 -18.11 13.43
CA VAL L 62 -72.06 -17.52 12.64
C VAL L 62 -71.78 -18.39 11.40
N ASN L 63 -72.75 -19.23 11.05
CA ASN L 63 -72.65 -20.05 9.84
C ASN L 63 -72.48 -19.17 8.61
N ALA L 64 -73.27 -18.10 8.57
CA ALA L 64 -73.18 -17.09 7.53
C ALA L 64 -72.88 -15.76 8.20
N CYS L 65 -71.64 -15.29 8.05
CA CYS L 65 -71.22 -14.03 8.65
C CYS L 65 -70.06 -13.38 7.91
N LEU L 66 -69.94 -12.07 8.07
CA LEU L 66 -68.70 -11.37 7.81
C LEU L 66 -67.99 -11.20 9.15
N ILE L 67 -66.66 -11.31 9.12
CA ILE L 67 -65.84 -11.08 10.30
C ILE L 67 -64.52 -10.43 9.88
N ASP L 68 -64.20 -9.29 10.47
CA ASP L 68 -62.89 -8.64 10.22
C ASP L 68 -62.39 -7.95 11.49
N ILE L 69 -61.14 -7.49 11.43
CA ILE L 69 -60.56 -6.63 12.46
C ILE L 69 -61.26 -5.28 12.43
N SER L 70 -61.68 -4.79 13.60
CA SER L 70 -62.28 -3.46 13.69
C SER L 70 -61.19 -2.40 13.69
N TYR L 71 -61.21 -1.54 12.68
CA TYR L 71 -60.25 -0.44 12.58
C TYR L 71 -60.79 0.87 13.08
N SER L 72 -62.05 1.16 12.78
CA SER L 72 -62.60 2.48 13.06
C SER L 72 -64.00 2.51 13.72
N GLU L 73 -64.56 1.35 14.06
CA GLU L 73 -65.79 1.33 14.87
C GLU L 73 -65.51 1.65 16.34
N THR L 74 -64.25 1.51 16.74
CA THR L 74 -63.84 1.65 18.12
C THR L 74 -62.45 2.27 18.20
N LYS L 75 -62.12 2.88 19.33
CA LYS L 75 -60.75 3.29 19.59
C LYS L 75 -59.93 2.21 20.29
N ARG L 76 -60.57 1.10 20.62
CA ARG L 76 -59.91 -0.02 21.29
C ARG L 76 -59.17 -0.90 20.30
N LYS L 77 -58.05 -1.47 20.73
CA LYS L 77 -57.30 -2.47 19.98
C LYS L 77 -57.85 -3.86 20.21
N ASN L 78 -57.45 -4.78 19.32
CA ASN L 78 -57.72 -6.23 19.46
C ASN L 78 -59.22 -6.57 19.40
N VAL L 79 -59.97 -5.73 18.70
CA VAL L 79 -61.41 -5.89 18.54
C VAL L 79 -61.72 -6.46 17.15
N PHE L 80 -62.55 -7.51 17.11
CA PHE L 80 -63.10 -7.98 15.84
C PHE L 80 -64.58 -7.66 15.71
N ARG L 81 -65.01 -7.41 14.46
CA ARG L 81 -66.37 -7.00 14.12
C ARG L 81 -67.07 -8.17 13.44
N LEU L 82 -68.15 -8.64 14.05
CA LEU L 82 -68.94 -9.76 13.53
C LEU L 82 -70.24 -9.23 12.92
N THR L 83 -70.52 -9.65 11.69
CA THR L 83 -71.74 -9.24 10.96
C THR L 83 -72.52 -10.46 10.47
N THR L 84 -73.81 -10.54 10.83
CA THR L 84 -74.70 -11.58 10.31
C THR L 84 -75.96 -10.93 9.76
N SER L 85 -76.89 -11.73 9.25
CA SER L 85 -78.18 -11.21 8.80
C SER L 85 -78.95 -10.43 9.88
N ASP L 86 -78.90 -10.93 11.11
CA ASP L 86 -79.72 -10.36 12.20
C ASP L 86 -78.98 -9.43 13.18
N CYS L 87 -77.66 -9.32 13.06
CA CYS L 87 -76.89 -8.50 14.00
C CYS L 87 -75.49 -8.09 13.55
N GLU L 88 -74.99 -7.02 14.15
CA GLU L 88 -73.61 -6.60 13.99
C GLU L 88 -73.07 -6.13 15.34
N CYS L 89 -71.90 -6.64 15.72
CA CYS L 89 -71.34 -6.35 17.02
C CYS L 89 -69.81 -6.44 17.04
N LEU L 90 -69.24 -5.94 18.13
CA LEU L 90 -67.80 -5.94 18.35
C LEU L 90 -67.42 -6.82 19.54
N PHE L 91 -66.34 -7.58 19.40
CA PHE L 91 -65.76 -8.35 20.49
C PHE L 91 -64.30 -7.92 20.64
N GLN L 92 -63.89 -7.58 21.87
CA GLN L 92 -62.48 -7.32 22.18
C GLN L 92 -61.84 -8.50 22.90
N ALA L 93 -60.75 -9.00 22.32
CA ALA L 93 -59.95 -10.06 22.90
C ALA L 93 -58.81 -9.48 23.76
N GLU L 94 -58.04 -10.38 24.38
CA GLU L 94 -57.01 -10.02 25.37
C GLU L 94 -55.78 -9.31 24.78
N ASP L 95 -55.42 -9.74 23.57
CA ASP L 95 -54.27 -9.23 22.84
C ASP L 95 -54.45 -9.61 21.38
N ARG L 96 -53.46 -9.29 20.56
CA ARG L 96 -53.54 -9.48 19.11
C ARG L 96 -53.73 -10.94 18.71
N ASP L 97 -52.94 -11.82 19.33
CA ASP L 97 -53.02 -13.26 19.04
C ASP L 97 -54.38 -13.88 19.41
N ASP L 98 -54.93 -13.46 20.55
CA ASP L 98 -56.25 -13.90 21.02
C ASP L 98 -57.35 -13.50 20.03
N MET L 99 -57.27 -12.25 19.54
CA MET L 99 -58.19 -11.73 18.55
C MET L 99 -58.14 -12.55 17.27
N LEU L 100 -56.93 -12.80 16.77
CA LEU L 100 -56.72 -13.57 15.55
C LEU L 100 -57.17 -15.02 15.70
N ALA L 101 -56.88 -15.63 16.85
CA ALA L 101 -57.32 -16.99 17.15
C ALA L 101 -58.84 -17.10 17.12
N TRP L 102 -59.54 -16.11 17.71
CA TRP L 102 -61.00 -16.05 17.68
C TRP L 102 -61.57 -15.92 16.26
N ILE L 103 -60.95 -15.04 15.46
CA ILE L 103 -61.39 -14.84 14.07
C ILE L 103 -61.28 -16.15 13.31
N LYS L 104 -60.12 -16.79 13.43
CA LYS L 104 -59.81 -18.03 12.73
C LYS L 104 -60.80 -19.13 13.08
N THR L 105 -61.13 -19.24 14.36
CA THR L 105 -62.04 -20.27 14.84
C THR L 105 -63.46 -20.02 14.36
N ILE L 106 -63.90 -18.76 14.39
CA ILE L 106 -65.22 -18.40 13.86
C ILE L 106 -65.35 -18.69 12.36
N GLN L 107 -64.31 -18.33 11.59
CA GLN L 107 -64.27 -18.61 10.15
C GLN L 107 -64.40 -20.10 9.85
N GLU L 108 -63.60 -20.90 10.56
CA GLU L 108 -63.58 -22.36 10.40
C GLU L 108 -64.90 -23.04 10.78
N SER L 109 -65.74 -22.35 11.54
CA SER L 109 -66.98 -22.93 12.07
C SER L 109 -68.08 -23.12 11.02
N SER L 110 -68.03 -22.33 9.95
CA SER L 110 -69.04 -22.37 8.91
C SER L 110 -68.97 -23.67 8.11
N ASN L 111 -70.13 -24.26 7.84
CA ASN L 111 -70.22 -25.45 6.98
C ASN L 111 -70.79 -25.13 5.58
N LEU L 112 -71.02 -23.85 5.32
CA LEU L 112 -71.62 -23.39 4.06
C LEU L 112 -70.74 -23.70 2.84
N ASN L 113 -71.36 -24.23 1.78
CA ASN L 113 -70.66 -24.49 0.52
C ASN L 113 -70.38 -23.20 -0.27
N GLU L 114 -69.69 -23.32 -1.39
CA GLU L 114 -69.30 -22.17 -2.22
C GLU L 114 -70.49 -21.31 -2.63
N GLU L 115 -71.56 -21.93 -3.12
CA GLU L 115 -72.77 -21.21 -3.56
C GLU L 115 -73.42 -20.42 -2.42
N ASP L 116 -73.66 -21.11 -1.30
CA ASP L 116 -74.22 -20.48 -0.10
C ASP L 116 -73.28 -19.42 0.47
N THR L 117 -71.99 -19.72 0.57
CA THR L 117 -71.02 -18.70 0.97
C THR L 117 -71.11 -17.48 0.05
N GLY L 118 -71.13 -17.72 -1.27
CA GLY L 118 -71.16 -16.65 -2.25
C GLY L 118 -72.41 -15.79 -2.19
N VAL L 119 -73.55 -16.43 -1.97
CA VAL L 119 -74.84 -15.72 -1.84
C VAL L 119 -74.88 -14.89 -0.54
N THR L 120 -74.48 -15.51 0.56
CA THR L 120 -74.46 -14.83 1.85
C THR L 120 -73.45 -13.68 1.89
N ASN L 121 -72.25 -13.91 1.37
CA ASN L 121 -71.25 -12.83 1.25
C ASN L 121 -71.78 -11.63 0.48
N ARG L 122 -72.32 -11.90 -0.71
CA ARG L 122 -72.92 -10.88 -1.57
C ARG L 122 -74.01 -10.06 -0.88
N ASP L 123 -74.91 -10.74 -0.17
CA ASP L 123 -76.03 -10.08 0.50
C ASP L 123 -75.56 -9.28 1.71
N LEU L 124 -74.67 -9.88 2.50
CA LEU L 124 -74.09 -9.17 3.65
C LEU L 124 -73.24 -7.98 3.23
N ILE L 125 -72.40 -8.17 2.22
CA ILE L 125 -71.57 -7.09 1.67
C ILE L 125 -72.41 -5.99 1.00
N SER L 126 -73.35 -6.38 0.13
CA SER L 126 -74.22 -5.40 -0.54
C SER L 126 -75.00 -4.52 0.43
N ARG L 127 -75.39 -5.10 1.57
CA ARG L 127 -76.06 -4.35 2.62
C ARG L 127 -75.09 -3.36 3.29
N ARG L 128 -73.88 -3.84 3.61
CA ARG L 128 -72.82 -2.97 4.15
C ARG L 128 -72.52 -1.80 3.22
N ILE L 129 -72.43 -2.09 1.92
CA ILE L 129 -72.20 -1.05 0.90
C ILE L 129 -73.31 -0.01 0.95
N LYS L 130 -74.56 -0.47 1.01
CA LYS L 130 -75.72 0.42 1.12
C LYS L 130 -75.63 1.30 2.37
N GLU L 131 -75.27 0.69 3.49
CA GLU L 131 -75.18 1.39 4.78
C GLU L 131 -74.14 2.51 4.81
N TYR L 132 -73.04 2.31 4.09
CA TYR L 132 -71.96 3.30 4.05
C TYR L 132 -72.15 4.37 2.96
N ASN L 133 -72.89 4.02 1.91
CA ASN L 133 -73.36 5.00 0.94
C ASN L 133 -74.40 5.92 1.57
N ASN L 134 -75.20 5.35 2.47
CA ASN L 134 -76.19 6.11 3.25
C ASN L 134 -75.56 7.03 4.28
N LEU L 135 -74.35 6.69 4.74
CA LEU L 135 -73.60 7.53 5.66
C LEU L 135 -72.54 8.35 4.92
#